data_8SOA
#
_entry.id   8SOA
#
_cell.length_a   1.00
_cell.length_b   1.00
_cell.length_c   1.00
_cell.angle_alpha   90.00
_cell.angle_beta   90.00
_cell.angle_gamma   90.00
#
_symmetry.space_group_name_H-M   'P 1'
#
loop_
_entity.id
_entity.type
_entity.pdbx_description
1 polymer 'phosphatidylinositol-4,5-bisphosphate 3-kinase'
2 polymer 'Phosphoinositide 3-kinase regulatory subunit 5'
3 non-polymer "ADENOSINE-5'-TRIPHOSPHATE"
#
loop_
_entity_poly.entity_id
_entity_poly.type
_entity_poly.pdbx_seq_one_letter_code
_entity_poly.pdbx_strand_id
1 'polypeptide(L)'
;MHHHHHHELENYEQPVVLREDNRRRRRRMKPRSTAASLSSMELIPIEFVLPTSQRNTKTPETALLHVAGHGNVEQMKAQV
WLRALETSVSADFYHRLGPDHFLLLYQKKGQWYEIYDKYQVVQTLDCLRYWKVLHRSPGQIHVVQRHAPSEETLAFQRQL
NALIGYDVTDVSNVHDDELEFTRRRLVTPRMAEVAGRDPKLYAMHPWVTSKPLPEYLLKKITNNCVFIVIHRSTTSQTIK
VSADDTPGTILQSFFTKMAKKKSLMDIPESQNERDFVLRVCGRDEYLVGETPIKNFQWVRQCLKNGEEIHLVLDTPPDPA
LDEVRKEEWPLVDDCTGVTGYHEQLTIHGKDHESVFTVSLWDCDRKFRVKIRGIDIPVLPRTADLTVFVEANIQYGQQVL
CQRRTSPKPFTEEVLWNVWLEFSIKIKDLPKGALLNLQIYCGKAPALSGKTSAEMPSPESKGKAQLLYYVNLLLIDHRFL
LRHGEYVLHMWQLSGKGEDQGSFNADKLTSATNPDKENSMSISILLDNYCHPIALPKHRPTPDPEGDRVRAEMPNQLRKQ
LEAIIATDPLNPLTAEDKELLWHFRYESLKDPKAYPKLFSSVKWGQQEIVAKTYQLLAKREVWDQSALDVGLTMQLLDCN
FSDENVRAIAVQKLESLEDDDVLHYLLQLVQAVKFEPYHDSALARFLLKRGLRNKRIGHFLFWFLRSEIAQSRHYQQRFA
VILEAYLRGCGTAMLHDFTQQVQVIDMLQKVTIDIKSLSAEKYDVSSQVISQLKQKLENLQNLNLPQSFRVPYDPGLKAG
ALVIEKCKVMASKKKPLWLEFKCADPTALSNETIGIIFKHGDDLRQDMLILQILRIMESIWETESLDLCLLPYGCISTGD
KIGMIEIVKDATTIAKIQQSTVGNTGAFKDEVLSHWLKEKCPIEEKFQAAVERFVYSCAGYCVATFVLGIGDRHNDNIMI
SETGNLFHIDFGHILGNYKSFLGINKERVPFVLTPDFLFVMGTSGKKTSLHFQKFQDVCVKAYLALRHHTNLLIILFSMM
LMTGMPQLTSKEDIEYIRDALTVGKSEEDAKKYFLDQIEVCRDKGWTVQFNWFLHLVLGIKQGEKHSA
;
A
2 'polypeptide(L)'
;MQPGATTCTEDRIQHALERCLHGLSLSRRSTSWSAGLCLNCWSLQELVSRDPGHFLILLEQILQKTREVQEKGTYDLLAP
LALLFYSTVLCTPHFPPDSDLLLKAARTYHRFLTWPVPYCSICQELLTFIDAELKAPGISYQRLVRAEQGLSTRSHRSST
VTVLLLNPVEVQAEFLDVADKLSTPGPSPHSAYITLLLHAFQATFGAHCDLSGLHRRLQSKTLAELEAIFTETAEAQELA
SGIGDAAEARQWLRTKLQAVGEKAGFPGVLDTAKPGKLRTIPIPVARCYTYSWNQDSFDILQEILLKEQELLQPEILDDE
EDEDEEDEEEDLDADGHCAERDSVLSTGSAASHASTLSLASSQASGPTLSRQLLTSFVSGLSDGVDSGYMEDIEESAYER
PRRPGGHERRGHRRPGQKFNRIYKLFKSTSQMVLRRDSRSLEGSPDSGPPLRRAGSLCSPLDSPTLPPSRAQRSRSLPQP
KLSPQLPGWLLAPASRHQRRRPFLSGDEDPKASTLRVVVFGSDRISGKVARAYSNLRRLENNRPLLTRFFKLQFFYVPVK
RSRGTGTPTSPAPRSQTPPLPTDAPRHPGPAELGAAPWEESTNDISHYLGMLDPWYERNVLGLMHLPPEVLCQSLKAEPR
PLEGSPAQLPILADMLLYYCRFAARPVLLQVYQTELTFITGEKTTEIFIHSLELGHSAATRAIKASGPGSKRLGIDGDRE
AVPLTLQIIYSKGAISGRSRWSNMEKLCTSVNLSKACRQQEELDSSTEALTLNLTEVVKRQTPKSKKGFNQISTSQIKVD
KVQIIGSNSCPFAVCLDQDERKILQSVIRCEVSPCYKPEKSSLCPPPQRPSYPPAPATPDLCSLLCLPIMTFSGALPGGG
GSDYKDDDDK
;
B
#
loop_
_chem_comp.id
_chem_comp.type
_chem_comp.name
_chem_comp.formula
ATP non-polymer ADENOSINE-5'-TRIPHOSPHATE 'C10 H16 N5 O13 P3'
#
# COMPACT_ATOMS: atom_id res chain seq x y z
N LEU A 43 -28.80 -22.40 2.44
CA LEU A 43 -28.14 -21.79 1.25
C LEU A 43 -28.93 -20.58 0.77
N ILE A 44 -28.23 -19.47 0.56
CA ILE A 44 -28.90 -18.23 0.17
C ILE A 44 -29.37 -18.35 -1.28
N PRO A 45 -30.65 -18.13 -1.57
CA PRO A 45 -31.11 -18.17 -2.96
C PRO A 45 -30.96 -16.83 -3.66
N ILE A 46 -30.54 -16.89 -4.92
CA ILE A 46 -30.35 -15.71 -5.74
C ILE A 46 -30.81 -16.04 -7.16
N GLU A 47 -31.51 -15.10 -7.79
CA GLU A 47 -31.91 -15.24 -9.18
C GLU A 47 -30.90 -14.52 -10.06
N PHE A 48 -30.44 -15.20 -11.11
CA PHE A 48 -29.47 -14.64 -12.05
C PHE A 48 -30.15 -14.55 -13.41
N VAL A 49 -30.16 -13.35 -13.99
CA VAL A 49 -30.79 -13.12 -15.28
C VAL A 49 -29.74 -13.39 -16.34
N LEU A 50 -29.78 -14.58 -16.94
CA LEU A 50 -28.80 -14.96 -17.93
C LEU A 50 -29.00 -14.13 -19.20
N PRO A 51 -27.92 -13.82 -19.92
CA PRO A 51 -28.02 -12.91 -21.07
C PRO A 51 -28.98 -13.38 -22.16
N THR A 52 -28.71 -14.55 -22.74
CA THR A 52 -29.47 -15.01 -23.88
C THR A 52 -30.80 -15.63 -23.44
N SER A 53 -31.78 -15.58 -24.33
CA SER A 53 -33.09 -16.17 -24.07
C SER A 53 -32.98 -17.67 -23.86
N LYS A 58 -36.88 -17.00 -26.43
CA LYS A 58 -37.45 -15.82 -27.07
C LYS A 58 -37.25 -14.58 -26.21
N THR A 59 -37.25 -14.77 -24.89
CA THR A 59 -37.05 -13.71 -23.92
C THR A 59 -35.95 -14.13 -22.97
N PRO A 60 -35.31 -13.17 -22.29
CA PRO A 60 -34.18 -13.51 -21.43
C PRO A 60 -34.55 -14.57 -20.40
N GLU A 61 -33.62 -15.49 -20.18
CA GLU A 61 -33.83 -16.64 -19.30
C GLU A 61 -33.18 -16.39 -17.95
N THR A 62 -33.85 -16.81 -16.88
CA THR A 62 -33.40 -16.59 -15.52
C THR A 62 -33.22 -17.94 -14.83
N ALA A 63 -32.19 -18.02 -13.98
CA ALA A 63 -31.87 -19.24 -13.25
C ALA A 63 -31.81 -18.93 -11.77
N LEU A 64 -32.49 -19.73 -10.96
CA LEU A 64 -32.49 -19.58 -9.52
C LEU A 64 -31.45 -20.53 -8.94
N LEU A 65 -30.48 -19.97 -8.20
CA LEU A 65 -29.37 -20.75 -7.67
C LEU A 65 -29.22 -20.51 -6.17
N HIS A 66 -28.98 -21.58 -5.44
CA HIS A 66 -28.69 -21.51 -4.01
C HIS A 66 -27.18 -21.57 -3.82
N VAL A 67 -26.61 -20.52 -3.23
CA VAL A 67 -25.17 -20.42 -3.05
C VAL A 67 -24.87 -20.25 -1.56
N ALA A 68 -23.70 -20.74 -1.16
CA ALA A 68 -23.30 -20.65 0.24
C ALA A 68 -23.15 -19.20 0.66
N GLY A 69 -23.56 -18.90 1.90
CA GLY A 69 -23.41 -17.56 2.42
C GLY A 69 -21.96 -17.15 2.53
N HIS A 70 -21.08 -18.08 2.90
CA HIS A 70 -19.66 -17.83 3.03
C HIS A 70 -18.86 -18.31 1.82
N GLY A 71 -19.53 -18.72 0.75
CA GLY A 71 -18.83 -18.99 -0.49
C GLY A 71 -18.32 -17.71 -1.12
N ASN A 72 -17.20 -17.82 -1.82
CA ASN A 72 -16.59 -16.64 -2.43
C ASN A 72 -17.29 -16.31 -3.75
N VAL A 73 -17.14 -15.05 -4.16
CA VAL A 73 -17.81 -14.59 -5.38
C VAL A 73 -17.29 -15.35 -6.59
N GLU A 74 -15.97 -15.58 -6.64
CA GLU A 74 -15.41 -16.30 -7.78
C GLU A 74 -16.03 -17.68 -7.90
N GLN A 75 -16.24 -18.35 -6.77
CA GLN A 75 -16.94 -19.63 -6.79
C GLN A 75 -18.36 -19.46 -7.32
N MET A 76 -19.02 -18.37 -6.95
CA MET A 76 -20.36 -18.11 -7.48
C MET A 76 -20.32 -17.97 -8.99
N LYS A 77 -19.28 -17.33 -9.53
CA LYS A 77 -19.15 -17.25 -10.98
C LYS A 77 -19.09 -18.64 -11.61
N ALA A 78 -18.22 -19.50 -11.08
CA ALA A 78 -18.11 -20.85 -11.62
C ALA A 78 -19.42 -21.61 -11.44
N GLN A 79 -20.01 -21.52 -10.24
CA GLN A 79 -21.24 -22.25 -9.97
C GLN A 79 -22.36 -21.82 -10.92
N VAL A 80 -22.49 -20.51 -11.13
CA VAL A 80 -23.49 -20.00 -12.06
C VAL A 80 -23.20 -20.50 -13.47
N TRP A 81 -21.93 -20.57 -13.84
CA TRP A 81 -21.56 -21.02 -15.18
C TRP A 81 -22.04 -22.45 -15.42
N LEU A 82 -21.84 -23.33 -14.45
CA LEU A 82 -22.27 -24.72 -14.61
C LEU A 82 -23.78 -24.80 -14.76
N ARG A 83 -24.54 -24.02 -13.99
CA ARG A 83 -25.99 -24.05 -14.09
C ARG A 83 -26.44 -23.65 -15.49
N ALA A 84 -25.84 -22.61 -16.06
CA ALA A 84 -26.23 -22.18 -17.40
C ALA A 84 -25.96 -23.29 -18.41
N LEU A 85 -24.78 -23.90 -18.35
CA LEU A 85 -24.45 -24.98 -19.28
C LEU A 85 -25.44 -26.12 -19.15
N GLU A 86 -25.92 -26.39 -17.93
CA GLU A 86 -26.89 -27.45 -17.72
C GLU A 86 -28.27 -27.05 -18.21
N THR A 87 -28.59 -25.75 -18.16
CA THR A 87 -29.95 -25.28 -18.43
C THR A 87 -30.06 -24.46 -19.71
N SER A 88 -28.95 -24.02 -20.28
CA SER A 88 -29.01 -23.14 -21.44
C SER A 88 -29.74 -23.79 -22.60
N VAL A 89 -30.55 -23.00 -23.30
CA VAL A 89 -31.15 -23.45 -24.54
C VAL A 89 -30.12 -23.45 -25.66
N SER A 90 -29.04 -22.68 -25.51
CA SER A 90 -27.95 -22.63 -26.48
C SER A 90 -26.64 -22.71 -25.70
N ALA A 91 -26.16 -23.94 -25.48
CA ALA A 91 -24.97 -24.14 -24.67
C ALA A 91 -23.71 -23.58 -25.32
N ASP A 92 -23.70 -23.43 -26.65
CA ASP A 92 -22.53 -22.90 -27.33
C ASP A 92 -22.22 -21.48 -26.87
N PHE A 93 -23.26 -20.66 -26.70
CA PHE A 93 -23.05 -19.28 -26.30
C PHE A 93 -22.35 -19.19 -24.95
N TYR A 94 -22.77 -20.01 -23.99
CA TYR A 94 -22.17 -20.01 -22.67
C TYR A 94 -20.89 -20.82 -22.58
N HIS A 95 -20.53 -21.56 -23.62
CA HIS A 95 -19.29 -22.33 -23.62
C HIS A 95 -18.12 -21.48 -24.11
N ARG A 96 -18.27 -20.82 -25.24
CA ARG A 96 -17.18 -20.02 -25.79
C ARG A 96 -16.77 -18.92 -24.82
N LEU A 97 -17.74 -18.32 -24.14
CA LEU A 97 -17.46 -17.28 -23.18
C LEU A 97 -16.94 -17.89 -21.88
N GLY A 98 -16.54 -17.03 -20.95
CA GLY A 98 -15.98 -17.47 -19.70
C GLY A 98 -16.54 -16.71 -18.51
N PRO A 99 -16.40 -17.27 -17.31
CA PRO A 99 -16.92 -16.59 -16.11
C PRO A 99 -16.21 -15.28 -15.81
N ASP A 100 -15.01 -15.06 -16.34
CA ASP A 100 -14.23 -13.87 -16.06
C ASP A 100 -14.54 -12.72 -17.00
N HIS A 101 -15.48 -12.89 -17.93
CA HIS A 101 -15.83 -11.88 -18.91
C HIS A 101 -17.25 -11.37 -18.71
N PHE A 102 -17.66 -11.22 -17.46
CA PHE A 102 -19.00 -10.77 -17.14
C PHE A 102 -18.96 -9.91 -15.88
N LEU A 103 -20.00 -9.10 -15.72
CA LEU A 103 -20.15 -8.23 -14.56
C LEU A 103 -21.53 -8.47 -13.95
N LEU A 104 -21.58 -8.46 -12.62
CA LEU A 104 -22.79 -8.77 -11.87
C LEU A 104 -23.41 -7.46 -11.41
N LEU A 105 -24.43 -7.01 -12.12
CA LEU A 105 -25.10 -5.75 -11.82
C LEU A 105 -26.36 -5.98 -11.00
N TYR A 106 -26.70 -4.98 -10.19
CA TYR A 106 -27.96 -5.02 -9.44
C TYR A 106 -28.46 -3.59 -9.22
N GLN A 107 -29.77 -3.45 -9.22
CA GLN A 107 -30.41 -2.14 -9.05
C GLN A 107 -30.67 -1.87 -7.58
N LYS A 108 -30.30 -0.66 -7.14
CA LYS A 108 -30.58 -0.20 -5.78
C LYS A 108 -31.18 1.20 -5.89
N LYS A 109 -32.50 1.29 -5.76
CA LYS A 109 -33.22 2.55 -5.85
C LYS A 109 -32.97 3.22 -7.21
N GLY A 110 -33.11 2.43 -8.27
CA GLY A 110 -32.97 2.95 -9.62
C GLY A 110 -31.55 3.17 -10.09
N GLN A 111 -30.56 2.82 -9.28
CA GLN A 111 -29.16 3.00 -9.64
C GLN A 111 -28.50 1.62 -9.78
N TRP A 112 -27.75 1.45 -10.87
CA TRP A 112 -27.07 0.19 -11.12
C TRP A 112 -25.73 0.18 -10.39
N TYR A 113 -25.47 -0.93 -9.69
CA TYR A 113 -24.23 -1.12 -8.95
C TYR A 113 -23.59 -2.41 -9.39
N GLU A 114 -22.25 -2.43 -9.34
CA GLU A 114 -21.45 -3.58 -9.73
C GLU A 114 -20.53 -3.94 -8.57
N ILE A 115 -20.33 -5.24 -8.38
CA ILE A 115 -19.55 -5.74 -7.25
C ILE A 115 -18.09 -5.78 -7.72
N TYR A 116 -17.38 -4.68 -7.48
CA TYR A 116 -16.01 -4.58 -7.99
C TYR A 116 -15.11 -5.63 -7.38
N ASP A 117 -15.09 -5.73 -6.05
CA ASP A 117 -14.22 -6.70 -5.39
C ASP A 117 -14.70 -8.12 -5.68
N LYS A 118 -13.74 -9.01 -5.94
CA LYS A 118 -14.03 -10.40 -6.22
C LYS A 118 -13.62 -11.34 -5.10
N TYR A 119 -12.61 -10.98 -4.30
CA TYR A 119 -12.22 -11.76 -3.13
C TYR A 119 -13.14 -11.37 -1.97
N GLN A 120 -14.38 -11.84 -2.06
CA GLN A 120 -15.39 -11.54 -1.06
C GLN A 120 -16.33 -12.72 -0.95
N VAL A 121 -16.95 -12.85 0.21
CA VAL A 121 -17.94 -13.89 0.46
C VAL A 121 -19.32 -13.32 0.19
N VAL A 122 -20.26 -14.18 -0.21
CA VAL A 122 -21.58 -13.73 -0.61
C VAL A 122 -22.29 -13.04 0.55
N GLN A 123 -22.19 -13.62 1.76
CA GLN A 123 -22.93 -13.09 2.90
C GLN A 123 -22.57 -11.64 3.18
N THR A 124 -21.34 -11.24 2.85
CA THR A 124 -20.88 -9.88 3.13
C THR A 124 -21.42 -8.84 2.16
N LEU A 125 -22.07 -9.26 1.07
CA LEU A 125 -22.52 -8.31 0.07
C LEU A 125 -23.63 -7.41 0.61
N ASP A 126 -23.53 -6.12 0.30
CA ASP A 126 -24.57 -5.18 0.67
C ASP A 126 -25.88 -5.44 -0.06
N CYS A 127 -25.83 -6.11 -1.22
CA CYS A 127 -27.06 -6.40 -1.95
C CYS A 127 -27.99 -7.26 -1.11
N LEU A 128 -27.45 -8.24 -0.41
CA LEU A 128 -28.28 -9.07 0.47
C LEU A 128 -28.94 -8.21 1.54
N ARG A 129 -28.18 -7.29 2.14
CA ARG A 129 -28.73 -6.44 3.17
C ARG A 129 -29.86 -5.58 2.63
N TYR A 130 -29.66 -4.97 1.47
CA TYR A 130 -30.67 -4.10 0.89
C TYR A 130 -31.94 -4.88 0.55
N TRP A 131 -31.78 -6.08 -0.02
CA TRP A 131 -32.95 -6.88 -0.40
C TRP A 131 -33.76 -7.27 0.83
N LYS A 132 -33.09 -7.78 1.87
CA LYS A 132 -33.78 -8.23 3.07
C LYS A 132 -34.50 -7.08 3.77
N VAL A 133 -33.87 -5.90 3.81
CA VAL A 133 -34.57 -4.75 4.38
C VAL A 133 -35.84 -4.46 3.59
N LEU A 134 -35.77 -4.53 2.26
CA LEU A 134 -36.97 -4.32 1.45
C LEU A 134 -37.82 -5.57 1.33
N HIS A 135 -37.38 -6.69 1.90
CA HIS A 135 -38.14 -7.94 1.87
C HIS A 135 -38.19 -8.51 0.45
N ARG A 136 -37.04 -8.52 -0.21
CA ARG A 136 -36.89 -9.14 -1.53
C ARG A 136 -36.02 -10.37 -1.37
N SER A 137 -36.53 -11.52 -1.82
CA SER A 137 -35.75 -12.73 -1.79
C SER A 137 -36.42 -13.79 -2.65
N PRO A 138 -35.70 -14.44 -3.58
CA PRO A 138 -34.31 -14.16 -3.95
C PRO A 138 -34.18 -12.90 -4.81
N GLY A 139 -33.07 -12.19 -4.68
CA GLY A 139 -32.83 -11.01 -5.49
C GLY A 139 -32.39 -11.37 -6.90
N GLN A 140 -32.29 -10.33 -7.72
CA GLN A 140 -31.90 -10.48 -9.12
C GLN A 140 -30.49 -9.91 -9.31
N ILE A 141 -29.61 -10.71 -9.91
CA ILE A 141 -28.27 -10.30 -10.26
C ILE A 141 -28.11 -10.51 -11.76
N HIS A 142 -27.88 -9.43 -12.50
CA HIS A 142 -27.76 -9.50 -13.95
C HIS A 142 -26.31 -9.79 -14.32
N VAL A 143 -26.08 -10.91 -14.98
CA VAL A 143 -24.73 -11.29 -15.41
C VAL A 143 -24.59 -10.75 -16.82
N VAL A 144 -24.12 -9.50 -16.93
CA VAL A 144 -24.05 -8.81 -18.20
C VAL A 144 -22.65 -8.98 -18.77
N GLN A 145 -22.57 -9.33 -20.06
CA GLN A 145 -21.28 -9.50 -20.71
C GLN A 145 -20.53 -8.18 -20.73
N ARG A 146 -19.24 -8.25 -20.45
CA ARG A 146 -18.41 -7.05 -20.48
C ARG A 146 -18.20 -6.59 -21.92
N HIS A 147 -17.87 -5.32 -22.07
CA HIS A 147 -17.65 -4.70 -23.38
C HIS A 147 -16.37 -3.89 -23.36
N ALA A 148 -15.75 -3.76 -24.53
CA ALA A 148 -14.54 -2.96 -24.65
C ALA A 148 -14.89 -1.48 -24.76
N PRO A 149 -13.94 -0.60 -24.43
CA PRO A 149 -14.22 0.83 -24.53
C PRO A 149 -14.58 1.23 -25.96
N SER A 150 -15.49 2.19 -26.07
CA SER A 150 -15.86 2.70 -27.38
C SER A 150 -14.90 3.79 -27.82
N GLU A 151 -15.15 4.35 -29.00
CA GLU A 151 -14.27 5.38 -29.53
C GLU A 151 -14.38 6.68 -28.75
N GLU A 152 -15.62 7.12 -28.48
CA GLU A 152 -15.80 8.36 -27.73
C GLU A 152 -15.20 8.25 -26.34
N THR A 153 -15.45 7.13 -25.66
CA THR A 153 -14.90 6.95 -24.32
C THR A 153 -13.38 6.98 -24.34
N LEU A 154 -12.76 6.31 -25.32
CA LEU A 154 -11.32 6.36 -25.43
C LEU A 154 -10.86 7.77 -25.77
N ALA A 155 -11.63 8.48 -26.58
CA ALA A 155 -11.28 9.86 -26.94
C ALA A 155 -11.31 10.77 -25.73
N PHE A 156 -12.38 10.70 -24.93
CA PHE A 156 -12.47 11.56 -23.76
C PHE A 156 -11.34 11.29 -22.79
N GLN A 157 -11.02 10.01 -22.57
CA GLN A 157 -9.91 9.69 -21.68
C GLN A 157 -8.60 10.25 -22.20
N ARG A 158 -8.45 10.35 -23.53
CA ARG A 158 -7.21 10.91 -24.09
C ARG A 158 -7.06 12.38 -23.75
N GLN A 159 -8.14 13.16 -23.83
CA GLN A 159 -8.05 14.57 -23.49
C GLN A 159 -7.68 14.75 -22.02
N LEU A 160 -8.34 13.99 -21.14
CA LEU A 160 -8.07 14.11 -19.71
C LEU A 160 -6.62 13.80 -19.41
N ASN A 161 -6.07 12.76 -20.05
CA ASN A 161 -4.69 12.38 -19.79
C ASN A 161 -3.73 13.51 -20.15
N ALA A 162 -4.03 14.26 -21.21
CA ALA A 162 -3.17 15.38 -21.60
C ALA A 162 -3.24 16.52 -20.59
N LEU A 163 -4.44 16.84 -20.11
CA LEU A 163 -4.60 17.90 -19.13
C LEU A 163 -3.87 17.57 -17.84
N ILE A 164 -4.02 16.33 -17.37
CA ILE A 164 -3.42 15.94 -16.10
C ILE A 164 -1.90 15.88 -16.22
N GLY A 165 -1.38 15.46 -17.35
CA GLY A 165 0.04 15.25 -17.50
C GLY A 165 0.52 13.90 -17.05
N TYR A 166 -0.38 12.92 -16.94
CA TYR A 166 -0.04 11.60 -16.46
C TYR A 166 -1.15 10.65 -16.85
N ASP A 167 -0.78 9.46 -17.33
CA ASP A 167 -1.76 8.48 -17.80
C ASP A 167 -2.29 7.71 -16.60
N VAL A 168 -3.46 8.12 -16.12
CA VAL A 168 -4.05 7.48 -14.95
C VAL A 168 -4.26 5.99 -15.19
N THR A 169 -4.47 5.58 -16.44
CA THR A 169 -4.71 4.18 -16.74
C THR A 169 -3.47 3.32 -16.56
N ASP A 170 -2.30 3.92 -16.34
CA ASP A 170 -1.08 3.14 -16.17
C ASP A 170 -1.23 2.16 -15.01
N VAL A 171 -0.80 0.92 -15.24
CA VAL A 171 -0.84 -0.11 -14.20
C VAL A 171 0.50 -0.83 -14.11
N SER A 172 1.57 -0.18 -14.56
CA SER A 172 2.87 -0.85 -14.60
C SER A 172 3.54 -0.86 -13.24
N ASN A 173 3.82 0.31 -12.70
CA ASN A 173 4.55 0.44 -11.42
C ASN A 173 3.57 0.47 -10.25
N VAL A 174 2.87 -0.65 -10.07
CA VAL A 174 1.96 -0.84 -8.94
C VAL A 174 1.98 -2.31 -8.57
N HIS A 175 2.28 -2.62 -7.31
CA HIS A 175 2.15 -3.98 -6.80
C HIS A 175 0.91 -4.14 -5.95
N ASP A 176 -0.17 -3.46 -6.33
CA ASP A 176 -1.46 -3.57 -5.68
C ASP A 176 -2.47 -2.88 -6.57
N ASP A 177 -3.75 -2.99 -6.20
CA ASP A 177 -4.83 -2.41 -6.99
C ASP A 177 -5.49 -1.22 -6.30
N GLU A 178 -4.76 -0.52 -5.43
CA GLU A 178 -5.39 0.56 -4.67
C GLU A 178 -5.87 1.67 -5.59
N LEU A 179 -5.03 2.07 -6.54
CA LEU A 179 -5.34 3.25 -7.35
C LEU A 179 -6.60 3.04 -8.17
N GLU A 180 -6.74 1.87 -8.82
CA GLU A 180 -7.93 1.63 -9.62
C GLU A 180 -9.18 1.60 -8.75
N PHE A 181 -9.08 1.05 -7.55
CA PHE A 181 -10.21 1.06 -6.64
C PHE A 181 -10.61 2.48 -6.27
N THR A 182 -9.62 3.34 -6.03
CA THR A 182 -9.90 4.73 -5.70
C THR A 182 -10.64 5.42 -6.83
N ARG A 183 -10.22 5.18 -8.08
CA ARG A 183 -10.88 5.81 -9.22
C ARG A 183 -12.35 5.40 -9.30
N ARG A 184 -12.64 4.12 -9.07
CA ARG A 184 -14.02 3.65 -9.13
C ARG A 184 -14.83 4.19 -7.96
N ARG A 185 -14.25 4.24 -6.77
CA ARG A 185 -15.02 4.59 -5.59
C ARG A 185 -15.30 6.09 -5.50
N LEU A 186 -14.40 6.93 -6.00
CA LEU A 186 -14.60 8.37 -5.93
C LEU A 186 -15.71 8.86 -6.87
N VAL A 187 -16.41 7.97 -7.56
CA VAL A 187 -17.53 8.39 -8.38
C VAL A 187 -18.68 8.86 -7.50
N THR A 188 -18.89 8.21 -6.35
CA THR A 188 -20.03 8.57 -5.51
C THR A 188 -19.89 9.99 -5.00
N PRO A 189 -18.77 10.40 -4.40
CA PRO A 189 -18.59 11.81 -4.05
C PRO A 189 -19.08 12.74 -5.14
N ARG A 190 -18.36 12.75 -6.26
CA ARG A 190 -18.72 13.55 -7.43
C ARG A 190 -20.22 13.56 -7.70
N MET A 191 -20.80 12.41 -8.07
CA MET A 191 -22.16 12.38 -8.57
C MET A 191 -23.07 13.32 -7.78
N ALA A 192 -23.17 13.11 -6.47
CA ALA A 192 -24.14 13.85 -5.67
C ALA A 192 -23.84 15.35 -5.72
N GLU A 193 -22.57 15.73 -5.57
CA GLU A 193 -22.18 17.14 -5.68
C GLU A 193 -22.47 17.71 -7.07
N VAL A 194 -22.15 16.95 -8.12
CA VAL A 194 -22.49 17.39 -9.47
C VAL A 194 -23.99 17.63 -9.61
N ALA A 195 -24.81 16.76 -9.02
CA ALA A 195 -26.25 16.88 -9.14
C ALA A 195 -26.87 17.64 -7.97
N GLY A 196 -26.06 18.27 -7.13
CA GLY A 196 -26.58 19.08 -6.05
C GLY A 196 -26.23 20.54 -6.19
N ARG A 197 -25.84 20.94 -7.40
CA ARG A 197 -25.33 22.28 -7.66
C ARG A 197 -26.45 23.22 -8.10
N ASP A 198 -26.26 24.50 -7.82
CA ASP A 198 -27.15 25.51 -8.37
C ASP A 198 -26.63 25.93 -9.74
N PRO A 199 -27.41 25.80 -10.81
CA PRO A 199 -26.86 26.10 -12.13
C PRO A 199 -26.42 27.55 -12.29
N LYS A 200 -27.32 28.50 -12.02
CA LYS A 200 -27.03 29.90 -12.29
C LYS A 200 -25.89 30.41 -11.41
N LEU A 201 -25.96 30.14 -10.11
CA LEU A 201 -24.91 30.63 -9.22
C LEU A 201 -23.58 29.95 -9.49
N TYR A 202 -23.60 28.72 -10.01
CA TYR A 202 -22.36 28.04 -10.33
C TYR A 202 -21.76 28.55 -11.64
N ALA A 203 -22.61 28.98 -12.57
CA ALA A 203 -22.11 29.56 -13.81
C ALA A 203 -21.56 30.96 -13.58
N MET A 204 -22.21 31.74 -12.72
CA MET A 204 -21.78 33.11 -12.46
C MET A 204 -20.80 33.21 -11.30
N HIS A 205 -20.86 32.28 -10.35
CA HIS A 205 -19.94 32.16 -9.24
C HIS A 205 -19.62 33.49 -8.57
N PRO A 206 -20.60 34.13 -7.95
CA PRO A 206 -20.31 35.35 -7.17
C PRO A 206 -19.34 35.07 -6.04
N TRP A 207 -18.50 36.06 -5.75
CA TRP A 207 -17.41 35.92 -4.78
C TRP A 207 -17.75 36.78 -3.57
N VAL A 208 -18.49 36.20 -2.64
CA VAL A 208 -18.99 36.91 -1.49
C VAL A 208 -18.11 36.63 -0.29
N THR A 209 -18.29 37.40 0.77
CA THR A 209 -17.64 37.16 2.05
C THR A 209 -18.64 37.46 3.16
N SER A 210 -18.37 36.94 4.35
CA SER A 210 -19.24 37.12 5.49
C SER A 210 -18.63 37.96 6.61
N LYS A 211 -17.33 38.21 6.56
CA LYS A 211 -16.69 38.97 7.62
C LYS A 211 -17.24 40.39 7.66
N PRO A 212 -17.26 41.03 8.82
CA PRO A 212 -17.73 42.41 8.92
C PRO A 212 -16.73 43.37 8.31
N LEU A 213 -17.22 44.55 7.93
CA LEU A 213 -16.35 45.56 7.37
C LEU A 213 -15.30 45.97 8.41
N PRO A 214 -14.05 46.15 8.01
CA PRO A 214 -13.04 46.60 8.98
C PRO A 214 -13.30 48.03 9.44
N GLU A 215 -12.40 48.58 10.26
CA GLU A 215 -12.54 49.97 10.67
C GLU A 215 -12.26 50.92 9.50
N TYR A 216 -11.19 50.65 8.75
CA TYR A 216 -10.76 51.57 7.70
C TYR A 216 -11.60 51.48 6.44
N LEU A 217 -12.74 50.79 6.48
CA LEU A 217 -13.68 50.80 5.36
C LEU A 217 -15.06 51.28 5.76
N LEU A 218 -15.40 51.25 7.06
CA LEU A 218 -16.66 51.84 7.51
C LEU A 218 -16.68 53.34 7.23
N LYS A 219 -15.52 53.99 7.39
CA LYS A 219 -15.45 55.42 7.13
C LYS A 219 -15.80 55.72 5.67
N LYS A 220 -15.30 54.91 4.74
CA LYS A 220 -15.48 55.17 3.33
C LYS A 220 -16.90 54.93 2.85
N ILE A 221 -17.79 54.45 3.72
CA ILE A 221 -19.21 54.40 3.42
C ILE A 221 -19.89 55.48 4.24
N THR A 222 -20.07 56.67 3.66
CA THR A 222 -20.63 57.80 4.37
C THR A 222 -22.15 57.77 4.28
N ASN A 223 -22.81 57.89 5.43
CA ASN A 223 -24.27 57.88 5.52
C ASN A 223 -24.87 56.58 5.02
N ASN A 224 -24.09 55.49 5.00
CA ASN A 224 -24.57 54.20 4.53
C ASN A 224 -24.99 54.29 3.07
N CYS A 225 -24.04 54.69 2.23
CA CYS A 225 -24.32 54.89 0.82
C CYS A 225 -23.09 54.56 -0.01
N VAL A 226 -23.34 54.18 -1.27
CA VAL A 226 -22.29 53.86 -2.23
C VAL A 226 -22.79 54.26 -3.61
N PHE A 227 -21.85 54.57 -4.50
CA PHE A 227 -22.16 55.01 -5.84
C PHE A 227 -21.64 53.99 -6.84
N ILE A 228 -22.51 53.60 -7.77
CA ILE A 228 -22.21 52.58 -8.77
C ILE A 228 -22.40 53.19 -10.15
N VAL A 229 -21.41 53.02 -11.01
CA VAL A 229 -21.43 53.56 -12.37
C VAL A 229 -21.95 52.47 -13.29
N ILE A 230 -23.24 52.51 -13.59
CA ILE A 230 -23.87 51.51 -14.44
C ILE A 230 -23.65 51.91 -15.89
N HIS A 231 -23.09 50.98 -16.68
CA HIS A 231 -22.86 51.18 -18.10
C HIS A 231 -23.85 50.34 -18.89
N ARG A 232 -24.40 50.94 -19.94
CA ARG A 232 -25.23 50.22 -20.90
C ARG A 232 -24.88 50.75 -22.27
N SER A 233 -24.16 49.95 -23.05
CA SER A 233 -23.71 50.38 -24.37
C SER A 233 -22.86 51.65 -24.23
N THR A 234 -23.42 52.80 -24.62
CA THR A 234 -22.71 54.06 -24.60
C THR A 234 -23.20 55.01 -23.50
N THR A 235 -24.11 54.57 -22.64
CA THR A 235 -24.64 55.39 -21.56
C THR A 235 -24.09 54.87 -20.25
N SER A 236 -23.16 55.60 -19.66
CA SER A 236 -22.55 55.24 -18.37
C SER A 236 -22.96 56.28 -17.35
N GLN A 237 -23.95 55.94 -16.52
CA GLN A 237 -24.52 56.86 -15.56
C GLN A 237 -24.30 56.37 -14.14
N THR A 238 -24.13 57.31 -13.22
CA THR A 238 -23.90 56.96 -11.83
C THR A 238 -25.21 56.94 -11.08
N ILE A 239 -25.35 55.95 -10.18
CA ILE A 239 -26.50 55.84 -9.30
C ILE A 239 -25.99 55.69 -7.87
N LYS A 240 -26.86 56.02 -6.93
CA LYS A 240 -26.53 55.97 -5.50
C LYS A 240 -27.47 54.99 -4.83
N VAL A 241 -26.89 54.05 -4.07
CA VAL A 241 -27.65 53.04 -3.37
C VAL A 241 -27.11 52.93 -1.95
N SER A 242 -27.79 52.15 -1.13
CA SER A 242 -27.38 51.94 0.25
C SER A 242 -26.45 50.74 0.32
N ALA A 243 -25.37 50.89 1.10
CA ALA A 243 -24.36 49.85 1.16
C ALA A 243 -24.89 48.54 1.73
N ASP A 244 -26.15 48.49 2.14
CA ASP A 244 -26.76 47.25 2.59
C ASP A 244 -27.95 46.88 1.70
N ASP A 245 -27.78 47.01 0.40
CA ASP A 245 -28.81 46.68 -0.57
C ASP A 245 -28.33 45.53 -1.44
N THR A 246 -29.24 44.65 -1.77
CA THR A 246 -28.82 43.46 -2.51
C THR A 246 -28.89 43.72 -4.01
N PRO A 247 -28.04 43.06 -4.81
CA PRO A 247 -28.06 43.31 -6.25
C PRO A 247 -29.42 43.11 -6.88
N GLY A 248 -30.22 42.17 -6.36
CA GLY A 248 -31.58 42.03 -6.83
C GLY A 248 -32.42 43.29 -6.72
N THR A 249 -32.02 44.22 -5.84
CA THR A 249 -32.74 45.48 -5.66
C THR A 249 -32.12 46.61 -6.49
N ILE A 250 -30.80 46.79 -6.41
CA ILE A 250 -30.08 47.77 -7.22
C ILE A 250 -30.65 47.77 -8.64
N LEU A 251 -31.15 46.63 -9.09
CA LEU A 251 -31.75 46.56 -10.41
C LEU A 251 -33.16 47.14 -10.38
N GLN A 252 -33.99 46.66 -9.46
CA GLN A 252 -35.37 47.13 -9.35
C GLN A 252 -35.40 48.65 -9.50
N SER A 253 -34.65 49.35 -8.64
CA SER A 253 -34.69 50.81 -8.66
C SER A 253 -34.21 51.33 -10.01
N PHE A 254 -33.16 50.72 -10.55
CA PHE A 254 -32.61 51.17 -11.82
C PHE A 254 -33.65 51.05 -12.92
N PHE A 255 -34.36 49.93 -12.98
CA PHE A 255 -35.30 49.70 -14.06
C PHE A 255 -36.61 50.45 -13.84
N THR A 256 -36.73 51.17 -12.73
CA THR A 256 -37.86 52.04 -12.46
C THR A 256 -37.50 53.49 -12.77
N LYS A 257 -36.33 53.93 -12.29
CA LYS A 257 -35.86 55.27 -12.60
C LYS A 257 -35.78 55.49 -14.10
N MET A 258 -35.23 54.52 -14.82
CA MET A 258 -34.96 54.62 -16.24
C MET A 258 -36.09 54.07 -17.10
N ALA A 259 -37.23 53.71 -16.48
CA ALA A 259 -38.34 53.18 -17.26
C ALA A 259 -38.81 54.20 -18.29
N LYS A 260 -38.92 55.46 -17.90
CA LYS A 260 -39.27 56.50 -18.85
C LYS A 260 -38.10 56.81 -19.78
N LYS A 261 -36.87 56.70 -19.28
CA LYS A 261 -35.67 57.00 -20.05
C LYS A 261 -34.99 55.76 -20.60
N LYS A 262 -35.72 54.64 -20.67
CA LYS A 262 -35.13 53.40 -21.17
C LYS A 262 -34.65 53.55 -22.61
N SER A 263 -35.27 54.45 -23.38
CA SER A 263 -34.85 54.65 -24.76
C SER A 263 -33.41 55.10 -24.83
N LEU A 264 -33.01 56.02 -23.94
CA LEU A 264 -31.62 56.46 -23.90
C LEU A 264 -30.69 55.30 -23.55
N MET A 265 -31.08 54.48 -22.58
CA MET A 265 -30.22 53.41 -22.11
C MET A 265 -29.99 52.34 -23.17
N ASP A 266 -30.91 52.17 -24.12
CA ASP A 266 -30.82 51.19 -25.20
C ASP A 266 -31.10 49.78 -24.69
N ILE A 267 -31.58 49.63 -23.47
CA ILE A 267 -31.91 48.28 -22.97
C ILE A 267 -33.10 47.74 -23.76
N PRO A 268 -33.14 46.44 -24.07
CA PRO A 268 -34.32 45.91 -24.77
C PRO A 268 -35.60 46.20 -24.00
N GLU A 269 -36.63 46.61 -24.74
CA GLU A 269 -37.88 47.00 -24.10
C GLU A 269 -38.62 45.79 -23.52
N SER A 270 -38.67 44.70 -24.28
CA SER A 270 -39.40 43.52 -23.83
C SER A 270 -38.78 42.93 -22.57
N GLN A 271 -37.45 42.84 -22.53
CA GLN A 271 -36.78 42.21 -21.40
C GLN A 271 -36.80 43.13 -20.19
N ASN A 272 -37.24 42.60 -19.05
CA ASN A 272 -37.43 43.36 -17.84
C ASN A 272 -36.18 43.32 -16.95
N GLU A 273 -36.30 43.85 -15.74
CA GLU A 273 -35.19 43.90 -14.78
C GLU A 273 -34.80 42.53 -14.25
N ARG A 274 -35.45 41.46 -14.70
CA ARG A 274 -35.05 40.11 -14.34
C ARG A 274 -34.22 39.45 -15.42
N ASP A 275 -34.30 39.96 -16.65
CA ASP A 275 -33.58 39.41 -17.79
C ASP A 275 -32.18 39.98 -17.93
N PHE A 276 -31.61 40.49 -16.84
CA PHE A 276 -30.29 41.09 -16.87
C PHE A 276 -29.63 40.87 -15.51
N VAL A 277 -28.31 40.96 -15.51
CA VAL A 277 -27.52 40.86 -14.30
C VAL A 277 -26.36 41.84 -14.41
N LEU A 278 -25.97 42.41 -13.29
CA LEU A 278 -24.82 43.29 -13.28
C LEU A 278 -23.55 42.47 -13.48
N ARG A 279 -22.54 43.10 -14.04
CA ARG A 279 -21.26 42.44 -14.24
C ARG A 279 -20.15 43.46 -14.12
N VAL A 280 -19.02 43.05 -13.55
CA VAL A 280 -17.88 43.95 -13.49
C VAL A 280 -17.41 44.22 -14.90
N CYS A 281 -17.28 45.49 -15.25
CA CYS A 281 -16.82 45.85 -16.58
C CYS A 281 -15.33 45.52 -16.73
N GLY A 282 -15.01 44.79 -17.78
CA GLY A 282 -13.64 44.37 -18.01
C GLY A 282 -13.25 43.07 -17.33
N ARG A 283 -14.18 42.39 -16.67
CA ARG A 283 -13.87 41.14 -16.00
C ARG A 283 -15.10 40.24 -16.05
N ASP A 284 -14.85 38.95 -15.85
CA ASP A 284 -15.91 37.94 -15.80
C ASP A 284 -16.28 37.62 -14.35
N GLU A 285 -16.69 38.66 -13.62
CA GLU A 285 -17.11 38.54 -12.22
C GLU A 285 -18.49 39.15 -12.10
N TYR A 286 -19.52 38.31 -12.08
CA TYR A 286 -20.87 38.81 -11.92
C TYR A 286 -21.15 39.16 -10.47
N LEU A 287 -22.18 39.97 -10.26
CA LEU A 287 -22.64 40.37 -8.94
C LEU A 287 -24.11 40.01 -8.86
N VAL A 288 -24.41 38.77 -8.48
CA VAL A 288 -25.76 38.26 -8.40
C VAL A 288 -25.98 37.64 -7.03
N GLY A 289 -27.20 37.21 -6.79
CA GLY A 289 -27.59 36.56 -5.56
C GLY A 289 -28.38 37.49 -4.66
N GLU A 290 -28.48 37.10 -3.39
CA GLU A 290 -29.17 37.90 -2.38
C GLU A 290 -28.21 38.09 -1.20
N THR A 291 -27.28 39.02 -1.38
CA THR A 291 -26.32 39.44 -0.39
C THR A 291 -26.23 40.96 -0.40
N PRO A 292 -25.86 41.59 0.72
CA PRO A 292 -25.62 43.02 0.68
C PRO A 292 -24.53 43.39 -0.33
N ILE A 293 -24.65 44.58 -0.89
CA ILE A 293 -23.74 45.03 -1.94
C ILE A 293 -22.45 45.52 -1.30
N LYS A 294 -22.28 45.26 -0.02
CA LYS A 294 -21.04 45.52 0.69
C LYS A 294 -20.33 44.23 1.07
N ASN A 295 -20.99 43.09 0.96
CA ASN A 295 -20.44 41.78 1.28
C ASN A 295 -20.01 41.03 0.03
N PHE A 296 -19.48 41.74 -0.96
CA PHE A 296 -18.78 41.14 -2.08
C PHE A 296 -17.29 41.40 -1.91
N GLN A 297 -16.49 40.87 -2.83
CA GLN A 297 -15.06 41.06 -2.75
C GLN A 297 -14.51 42.04 -3.77
N TRP A 298 -15.24 42.31 -4.85
CA TRP A 298 -14.83 43.38 -5.75
C TRP A 298 -15.15 44.74 -5.15
N VAL A 299 -16.33 44.88 -4.53
CA VAL A 299 -16.70 46.16 -3.92
C VAL A 299 -15.71 46.54 -2.83
N ARG A 300 -15.36 45.58 -1.99
CA ARG A 300 -14.43 45.88 -0.90
C ARG A 300 -13.04 46.21 -1.42
N GLN A 301 -12.64 45.63 -2.56
CA GLN A 301 -11.34 45.99 -3.12
C GLN A 301 -11.35 47.42 -3.66
N CYS A 302 -12.41 47.81 -4.35
CA CYS A 302 -12.48 49.16 -4.89
C CYS A 302 -12.47 50.21 -3.77
N LEU A 303 -13.23 49.99 -2.70
CA LEU A 303 -13.28 50.96 -1.62
C LEU A 303 -11.90 51.14 -1.00
N LYS A 304 -11.13 50.05 -0.88
CA LYS A 304 -9.80 50.17 -0.32
C LYS A 304 -8.91 51.05 -1.20
N ASN A 305 -9.08 50.94 -2.51
CA ASN A 305 -8.30 51.74 -3.46
C ASN A 305 -8.97 53.03 -3.86
N GLY A 306 -10.18 53.30 -3.35
CA GLY A 306 -10.84 54.56 -3.65
C GLY A 306 -11.14 54.77 -5.11
N GLU A 307 -11.64 53.74 -5.78
CA GLU A 307 -12.01 53.80 -7.19
C GLU A 307 -13.49 53.47 -7.34
N GLU A 308 -14.20 54.27 -8.12
CA GLU A 308 -15.63 54.06 -8.28
C GLU A 308 -15.91 52.66 -8.80
N ILE A 309 -17.11 52.19 -8.55
CA ILE A 309 -17.53 50.86 -8.98
C ILE A 309 -18.21 51.01 -10.34
N HIS A 310 -17.70 50.29 -11.33
CA HIS A 310 -18.24 50.29 -12.69
C HIS A 310 -18.88 48.94 -12.96
N LEU A 311 -20.15 48.97 -13.38
CA LEU A 311 -20.91 47.77 -13.68
C LEU A 311 -21.54 47.92 -15.05
N VAL A 312 -21.83 46.78 -15.67
CA VAL A 312 -22.48 46.75 -16.97
C VAL A 312 -23.58 45.70 -16.94
N LEU A 313 -24.73 46.03 -17.51
CA LEU A 313 -25.79 45.05 -17.62
C LEU A 313 -25.40 43.99 -18.64
N ASP A 314 -25.76 42.73 -18.36
CA ASP A 314 -25.41 41.64 -19.26
C ASP A 314 -26.45 40.54 -19.10
N THR A 315 -26.50 39.66 -20.09
CA THR A 315 -27.41 38.53 -19.95
C THR A 315 -26.78 37.44 -19.10
N PRO A 316 -27.60 36.63 -18.41
CA PRO A 316 -27.06 35.56 -17.58
C PRO A 316 -26.32 34.54 -18.42
N PRO A 317 -25.14 34.08 -17.98
CA PRO A 317 -24.52 32.95 -18.67
C PRO A 317 -25.44 31.75 -18.67
N ASP A 318 -25.50 31.06 -19.80
CA ASP A 318 -26.41 29.94 -19.95
C ASP A 318 -25.90 28.75 -19.14
N PRO A 319 -26.70 28.17 -18.24
CA PRO A 319 -26.25 26.95 -17.56
C PRO A 319 -26.04 25.78 -18.50
N ALA A 320 -26.66 25.79 -19.68
CA ALA A 320 -26.52 24.68 -20.60
C ALA A 320 -25.09 24.44 -21.04
N LEU A 321 -24.18 25.36 -20.74
CA LEU A 321 -22.81 25.27 -21.21
C LEU A 321 -21.91 24.57 -20.21
N ASP A 322 -22.46 24.10 -19.10
CA ASP A 322 -21.72 23.42 -18.05
C ASP A 322 -22.06 21.94 -17.97
N GLU A 323 -22.86 21.44 -18.91
CA GLU A 323 -23.29 20.05 -18.88
C GLU A 323 -22.09 19.13 -18.82
N VAL A 324 -22.29 17.97 -18.19
CA VAL A 324 -21.22 17.01 -17.94
C VAL A 324 -21.55 15.71 -18.65
N ARG A 325 -20.49 14.99 -19.05
CA ARG A 325 -20.67 13.70 -19.70
C ARG A 325 -21.26 12.69 -18.72
N LYS A 326 -22.27 11.95 -19.16
CA LYS A 326 -22.85 10.92 -18.32
C LYS A 326 -21.80 9.87 -17.99
N GLU A 327 -21.85 9.36 -16.77
CA GLU A 327 -20.81 8.44 -16.31
C GLU A 327 -20.84 7.15 -17.11
N GLU A 328 -19.64 6.59 -17.32
CA GLU A 328 -19.48 5.31 -17.99
C GLU A 328 -19.40 4.15 -17.02
N TRP A 329 -18.71 4.34 -15.89
CA TRP A 329 -18.55 3.28 -14.91
C TRP A 329 -19.85 3.06 -14.14
N PRO A 330 -20.14 1.83 -13.74
CA PRO A 330 -21.17 1.61 -12.72
C PRO A 330 -20.66 1.97 -11.34
N LEU A 331 -21.62 2.13 -10.42
CA LEU A 331 -21.29 2.52 -9.05
C LEU A 331 -20.75 1.34 -8.25
N VAL A 332 -19.55 1.50 -7.70
CA VAL A 332 -18.97 0.42 -6.91
C VAL A 332 -19.88 0.14 -5.71
N ASP A 333 -19.71 -1.05 -5.13
CA ASP A 333 -20.54 -1.44 -4.01
C ASP A 333 -20.19 -0.61 -2.78
N ASP A 334 -21.22 -0.20 -2.03
CA ASP A 334 -21.00 0.69 -0.90
C ASP A 334 -20.14 0.02 0.18
N CYS A 335 -20.51 -1.19 0.59
CA CYS A 335 -19.83 -1.89 1.67
C CYS A 335 -18.60 -2.59 1.10
N THR A 336 -17.54 -1.79 0.91
CA THR A 336 -16.24 -2.29 0.45
C THR A 336 -15.11 -2.06 1.43
N GLY A 337 -15.16 -0.98 2.21
CA GLY A 337 -14.17 -0.73 3.23
C GLY A 337 -14.45 -1.36 4.57
N VAL A 338 -15.50 -2.15 4.68
CA VAL A 338 -15.93 -2.76 5.94
C VAL A 338 -15.66 -4.26 5.87
N THR A 339 -15.08 -4.80 6.96
CA THR A 339 -14.76 -6.21 7.06
C THR A 339 -15.53 -6.94 8.14
N GLY A 340 -15.87 -6.28 9.23
CA GLY A 340 -16.60 -6.89 10.33
C GLY A 340 -15.89 -6.70 11.65
N TYR A 341 -16.61 -7.02 12.72
CA TYR A 341 -16.11 -6.82 14.07
C TYR A 341 -15.23 -8.02 14.48
N HIS A 342 -14.48 -7.80 15.56
CA HIS A 342 -13.60 -8.85 16.06
C HIS A 342 -14.38 -10.09 16.50
N GLU A 343 -15.68 -9.96 16.76
CA GLU A 343 -16.48 -11.10 17.17
C GLU A 343 -16.84 -12.01 16.00
N GLN A 344 -16.57 -11.61 14.76
CA GLN A 344 -16.83 -12.45 13.61
C GLN A 344 -15.57 -12.85 12.85
N LEU A 345 -14.44 -12.22 13.11
CA LEU A 345 -13.20 -12.51 12.40
C LEU A 345 -12.26 -13.38 13.21
N THR A 346 -12.69 -13.89 14.35
CA THR A 346 -11.81 -14.63 15.25
C THR A 346 -12.06 -16.12 15.14
N ILE A 347 -10.98 -16.90 15.18
CA ILE A 347 -11.09 -18.35 15.13
C ILE A 347 -11.69 -18.88 16.44
N HIS A 348 -11.30 -18.30 17.57
CA HIS A 348 -11.79 -18.76 18.86
C HIS A 348 -13.31 -18.65 18.91
N GLY A 349 -13.94 -19.65 19.48
CA GLY A 349 -15.39 -19.77 19.41
C GLY A 349 -15.89 -20.44 18.15
N LYS A 350 -15.00 -20.97 17.32
CA LYS A 350 -15.37 -21.65 16.09
C LYS A 350 -14.52 -22.90 15.93
N ASP A 351 -15.05 -23.84 15.16
CA ASP A 351 -14.32 -25.06 14.82
C ASP A 351 -13.64 -24.89 13.47
N HIS A 352 -12.66 -25.76 13.21
CA HIS A 352 -11.88 -25.64 11.98
C HIS A 352 -12.75 -25.83 10.75
N GLU A 353 -13.95 -26.39 10.90
CA GLU A 353 -14.81 -26.62 9.75
C GLU A 353 -15.20 -25.33 9.07
N SER A 354 -15.54 -24.29 9.85
CA SER A 354 -16.13 -23.08 9.33
C SER A 354 -15.18 -21.89 9.34
N VAL A 355 -13.90 -22.10 9.63
CA VAL A 355 -12.95 -21.00 9.65
C VAL A 355 -12.64 -20.57 8.23
N PHE A 356 -12.87 -19.31 7.93
CA PHE A 356 -12.54 -18.71 6.63
C PHE A 356 -11.67 -17.48 6.77
N THR A 357 -11.90 -16.66 7.78
CA THR A 357 -11.12 -15.45 8.02
C THR A 357 -10.58 -15.47 9.45
N VAL A 358 -9.38 -14.93 9.62
CA VAL A 358 -8.68 -14.90 10.89
C VAL A 358 -8.50 -13.44 11.27
N SER A 359 -8.99 -13.05 12.44
CA SER A 359 -8.79 -11.69 12.91
C SER A 359 -7.32 -11.47 13.23
N LEU A 360 -6.83 -10.26 12.96
CA LEU A 360 -5.44 -9.95 13.27
C LEU A 360 -5.18 -10.03 14.76
N TRP A 361 -6.11 -9.55 15.58
CA TRP A 361 -5.90 -9.53 17.01
C TRP A 361 -5.82 -10.93 17.61
N ASP A 362 -6.22 -11.97 16.88
CA ASP A 362 -6.04 -13.33 17.36
C ASP A 362 -4.56 -13.74 17.32
N CYS A 363 -3.82 -13.25 16.34
CA CYS A 363 -2.40 -13.59 16.26
C CYS A 363 -1.67 -13.08 17.49
N ASP A 364 -0.57 -13.75 17.83
CA ASP A 364 0.21 -13.35 19.00
C ASP A 364 1.70 -13.49 18.77
N ARG A 365 2.16 -13.68 17.54
CA ARG A 365 3.56 -13.93 17.28
C ARG A 365 4.31 -12.62 17.04
N LYS A 366 5.58 -12.62 17.44
CA LYS A 366 6.45 -11.51 17.09
C LYS A 366 6.48 -11.35 15.58
N PHE A 367 6.37 -10.11 15.12
CA PHE A 367 6.39 -9.86 13.68
C PHE A 367 7.72 -10.31 13.10
N ARG A 368 7.69 -10.78 11.87
CA ARG A 368 8.85 -11.37 11.24
C ARG A 368 8.82 -11.10 9.75
N VAL A 369 10.00 -10.77 9.19
CA VAL A 369 10.19 -10.56 7.76
C VAL A 369 11.45 -11.32 7.38
N LYS A 370 11.65 -11.54 6.07
CA LYS A 370 12.87 -12.15 5.58
C LYS A 370 13.50 -11.25 4.53
N ILE A 371 14.76 -10.86 4.78
CA ILE A 371 15.53 -10.02 3.87
C ILE A 371 16.41 -10.94 3.03
N ARG A 372 16.19 -10.95 1.72
CA ARG A 372 16.99 -11.82 0.86
C ARG A 372 18.28 -11.13 0.41
N GLY A 373 18.18 -9.93 -0.14
CA GLY A 373 19.35 -9.20 -0.56
C GLY A 373 18.99 -8.04 -1.46
N ILE A 374 20.04 -7.45 -2.03
CA ILE A 374 19.96 -6.28 -2.89
C ILE A 374 20.86 -6.49 -4.10
N ASP A 375 20.60 -5.69 -5.14
CA ASP A 375 21.35 -5.82 -6.40
C ASP A 375 21.29 -4.50 -7.17
N ILE A 376 22.44 -3.84 -7.29
CA ILE A 376 22.58 -2.63 -8.09
C ILE A 376 23.10 -3.02 -9.47
N PRO A 377 22.42 -2.66 -10.57
CA PRO A 377 22.91 -3.10 -11.89
C PRO A 377 24.33 -2.68 -12.20
N VAL A 378 24.72 -1.46 -11.83
CA VAL A 378 26.08 -0.98 -12.01
C VAL A 378 26.48 -0.23 -10.75
N LEU A 379 27.61 -0.60 -10.17
CA LEU A 379 28.02 0.00 -8.90
C LEU A 379 28.28 1.48 -9.11
N PRO A 380 27.59 2.38 -8.40
CA PRO A 380 27.80 3.80 -8.64
C PRO A 380 29.23 4.25 -8.39
N ARG A 381 29.90 3.66 -7.40
CA ARG A 381 31.25 4.05 -7.04
C ARG A 381 32.01 2.83 -6.56
N THR A 382 33.29 2.74 -6.92
CA THR A 382 34.14 1.63 -6.53
C THR A 382 35.01 2.11 -5.36
N ALA A 383 34.60 1.75 -4.15
CA ALA A 383 35.33 2.14 -2.95
C ALA A 383 35.19 1.04 -1.92
N ASP A 384 36.14 1.02 -0.97
CA ASP A 384 36.21 -0.04 0.04
C ASP A 384 35.28 0.33 1.19
N LEU A 385 33.99 0.07 0.99
CA LEU A 385 32.96 0.37 1.97
C LEU A 385 32.06 -0.84 2.16
N THR A 386 31.53 -0.96 3.37
CA THR A 386 30.57 -2.00 3.72
C THR A 386 29.16 -1.41 3.76
N VAL A 387 28.18 -2.28 3.58
CA VAL A 387 26.78 -1.89 3.53
C VAL A 387 25.97 -2.90 4.34
N PHE A 388 24.85 -2.43 4.90
CA PHE A 388 23.92 -3.31 5.59
C PHE A 388 22.52 -2.75 5.52
N VAL A 389 21.56 -3.64 5.47
CA VAL A 389 20.15 -3.26 5.40
C VAL A 389 19.59 -3.14 6.79
N GLU A 390 18.49 -2.40 6.92
CA GLU A 390 17.75 -2.32 8.16
C GLU A 390 16.28 -2.18 7.82
N ALA A 391 15.43 -2.73 8.68
CA ALA A 391 13.99 -2.66 8.53
C ALA A 391 13.41 -2.09 9.82
N ASN A 392 12.43 -1.22 9.69
CA ASN A 392 11.78 -0.61 10.84
C ASN A 392 10.28 -0.64 10.65
N ILE A 393 9.56 -0.64 11.76
CA ILE A 393 8.13 -0.46 11.73
C ILE A 393 7.87 0.97 12.18
N GLN A 394 6.85 1.60 11.60
CA GLN A 394 6.64 3.00 11.94
C GLN A 394 5.18 3.36 11.85
N TYR A 395 4.84 4.40 12.59
CA TYR A 395 3.51 4.98 12.63
C TYR A 395 3.74 6.48 12.66
N GLY A 396 3.44 7.17 11.57
CA GLY A 396 3.81 8.56 11.46
C GLY A 396 5.32 8.66 11.39
N GLN A 397 5.92 9.42 12.31
CA GLN A 397 7.36 9.45 12.45
C GLN A 397 7.85 8.63 13.63
N GLN A 398 6.95 7.90 14.28
CA GLN A 398 7.30 7.10 15.47
C GLN A 398 7.79 5.74 15.01
N VAL A 399 9.07 5.46 15.23
CA VAL A 399 9.66 4.18 14.89
C VAL A 399 9.39 3.24 16.05
N LEU A 400 8.38 2.37 15.88
CA LEU A 400 8.04 1.46 16.97
C LEU A 400 9.16 0.46 17.25
N CYS A 401 9.80 -0.05 16.20
CA CYS A 401 10.90 -0.99 16.38
C CYS A 401 11.78 -0.99 15.15
N GLN A 402 12.99 -1.51 15.31
CA GLN A 402 13.97 -1.57 14.23
C GLN A 402 14.62 -2.94 14.22
N ARG A 403 15.59 -3.11 13.31
CA ARG A 403 16.45 -4.28 13.24
C ARG A 403 17.57 -3.95 12.28
N ARG A 404 18.51 -4.88 12.14
CA ARG A 404 19.61 -4.70 11.21
C ARG A 404 20.18 -6.07 10.84
N THR A 405 21.17 -6.06 9.95
CA THR A 405 21.86 -7.26 9.51
C THR A 405 23.35 -7.01 9.52
N SER A 406 24.12 -8.10 9.46
CA SER A 406 25.56 -7.97 9.58
C SER A 406 26.13 -7.22 8.39
N PRO A 407 27.21 -6.46 8.59
CA PRO A 407 27.85 -5.79 7.45
C PRO A 407 28.40 -6.80 6.45
N LYS A 408 28.37 -6.41 5.18
CA LYS A 408 28.97 -7.20 4.12
C LYS A 408 29.53 -6.23 3.08
N PRO A 409 30.54 -6.65 2.31
CA PRO A 409 31.10 -5.75 1.31
C PRO A 409 30.04 -5.31 0.32
N PHE A 410 30.15 -4.05 -0.13
CA PHE A 410 29.15 -3.45 -1.01
C PHE A 410 29.53 -3.77 -2.45
N THR A 411 29.11 -4.94 -2.92
CA THR A 411 29.32 -5.35 -4.29
C THR A 411 28.02 -5.18 -5.07
N GLU A 412 28.08 -5.50 -6.37
CA GLU A 412 26.93 -5.30 -7.24
C GLU A 412 25.76 -6.20 -6.88
N GLU A 413 25.96 -7.21 -6.04
CA GLU A 413 24.86 -8.07 -5.61
C GLU A 413 25.22 -8.63 -4.24
N VAL A 414 24.39 -8.32 -3.24
CA VAL A 414 24.59 -8.79 -1.87
C VAL A 414 23.39 -9.65 -1.49
N LEU A 415 23.65 -10.84 -0.95
CA LEU A 415 22.60 -11.77 -0.56
C LEU A 415 22.77 -12.16 0.89
N TRP A 416 21.69 -12.07 1.67
CA TRP A 416 21.68 -12.50 3.06
C TRP A 416 20.71 -13.63 3.34
N ASN A 417 19.45 -13.47 2.95
CA ASN A 417 18.42 -14.47 3.23
C ASN A 417 18.34 -14.76 4.73
N VAL A 418 18.00 -13.73 5.49
CA VAL A 418 17.96 -13.79 6.95
C VAL A 418 16.60 -13.31 7.43
N TRP A 419 16.05 -14.01 8.42
CA TRP A 419 14.82 -13.57 9.06
C TRP A 419 15.15 -12.51 10.10
N LEU A 420 14.39 -11.42 10.09
CA LEU A 420 14.43 -10.42 11.13
C LEU A 420 13.09 -10.44 11.85
N GLU A 421 13.13 -10.67 13.16
CA GLU A 421 11.94 -10.80 14.00
C GLU A 421 11.87 -9.60 14.93
N PHE A 422 10.75 -8.88 14.89
CA PHE A 422 10.59 -7.66 15.67
C PHE A 422 9.85 -7.95 16.96
N SER A 423 10.21 -7.22 18.00
CA SER A 423 9.60 -7.43 19.31
C SER A 423 8.10 -7.17 19.30
N ILE A 424 7.60 -6.44 18.31
CA ILE A 424 6.18 -6.09 18.30
C ILE A 424 5.36 -7.31 17.91
N LYS A 425 4.30 -7.58 18.66
CA LYS A 425 3.39 -8.66 18.33
C LYS A 425 2.57 -8.31 17.09
N ILE A 426 2.24 -9.33 16.32
CA ILE A 426 1.46 -9.14 15.11
C ILE A 426 0.08 -8.59 15.41
N LYS A 427 -0.43 -8.79 16.63
CA LYS A 427 -1.71 -8.19 16.99
C LYS A 427 -1.58 -6.76 17.46
N ASP A 428 -0.36 -6.25 17.62
CA ASP A 428 -0.14 -4.86 18.01
C ASP A 428 0.04 -3.93 16.83
N LEU A 429 -0.12 -4.40 15.61
CA LEU A 429 0.11 -3.54 14.46
C LEU A 429 -1.06 -2.59 14.28
N PRO A 430 -0.82 -1.28 14.19
CA PRO A 430 -1.91 -0.34 13.92
C PRO A 430 -2.24 -0.33 12.42
N LYS A 431 -3.25 0.46 12.07
CA LYS A 431 -3.76 0.40 10.70
C LYS A 431 -2.80 1.02 9.71
N GLY A 432 -2.04 2.03 10.11
CA GLY A 432 -1.16 2.70 9.19
C GLY A 432 0.28 2.33 9.40
N ALA A 433 0.55 1.06 9.70
CA ALA A 433 1.92 0.63 9.92
C ALA A 433 2.70 0.75 8.63
N LEU A 434 3.96 1.18 8.72
CA LEU A 434 4.80 1.36 7.55
C LEU A 434 6.12 0.64 7.74
N LEU A 435 6.33 -0.42 6.96
CA LEU A 435 7.58 -1.15 6.96
C LEU A 435 8.58 -0.34 6.16
N ASN A 436 9.59 0.21 6.82
CA ASN A 436 10.56 1.10 6.19
C ASN A 436 11.87 0.36 6.04
N LEU A 437 12.29 0.14 4.79
CA LEU A 437 13.55 -0.55 4.51
C LEU A 437 14.58 0.48 4.09
N GLN A 438 15.75 0.45 4.72
CA GLN A 438 16.76 1.48 4.51
C GLN A 438 18.12 0.82 4.43
N ILE A 439 18.91 1.17 3.41
CA ILE A 439 20.27 0.68 3.27
C ILE A 439 21.23 1.71 3.83
N TYR A 440 22.08 1.29 4.75
CA TYR A 440 23.11 2.15 5.32
C TYR A 440 24.47 1.64 4.88
N CYS A 441 25.44 2.55 4.82
CA CYS A 441 26.78 2.21 4.41
C CYS A 441 27.74 2.53 5.55
N GLY A 442 29.03 2.41 5.28
CA GLY A 442 30.02 2.69 6.31
C GLY A 442 31.38 2.14 5.94
N LYS A 443 32.33 2.41 6.83
CA LYS A 443 33.72 2.02 6.63
C LYS A 443 34.07 0.80 7.47
N LYS A 463 30.65 7.37 10.65
CA LYS A 463 29.37 6.79 11.05
C LYS A 463 28.80 5.94 9.91
N ALA A 464 27.52 6.14 9.59
CA ALA A 464 26.82 5.34 8.60
C ALA A 464 26.16 6.28 7.60
N GLN A 465 26.52 6.14 6.33
CA GLN A 465 26.01 7.00 5.27
C GLN A 465 24.81 6.32 4.64
N LEU A 466 23.62 6.88 4.87
CA LEU A 466 22.43 6.31 4.25
C LEU A 466 22.52 6.49 2.74
N LEU A 467 22.00 5.51 2.01
CA LEU A 467 21.93 5.61 0.56
C LEU A 467 20.53 5.50 0.00
N TYR A 468 19.73 4.54 0.47
CA TYR A 468 18.45 4.25 -0.15
C TYR A 468 17.42 3.95 0.90
N TYR A 469 16.15 4.15 0.54
CA TYR A 469 15.03 3.84 1.40
C TYR A 469 13.83 3.50 0.55
N VAL A 470 12.88 2.78 1.15
CA VAL A 470 11.63 2.43 0.50
C VAL A 470 10.65 2.03 1.58
N ASN A 471 9.36 2.08 1.27
CA ASN A 471 8.32 1.85 2.26
C ASN A 471 7.28 0.87 1.73
N LEU A 472 6.63 0.17 2.66
CA LEU A 472 5.56 -0.75 2.34
C LEU A 472 4.47 -0.66 3.40
N LEU A 473 3.24 -0.95 2.99
CA LEU A 473 2.08 -0.86 3.88
C LEU A 473 1.83 -2.25 4.47
N LEU A 474 1.94 -2.38 5.79
CA LEU A 474 1.79 -3.70 6.39
C LEU A 474 0.33 -4.11 6.45
N ILE A 475 -0.59 -3.17 6.54
CA ILE A 475 -2.01 -3.43 6.40
C ILE A 475 -2.48 -2.57 5.24
N ASP A 476 -2.82 -3.22 4.13
CA ASP A 476 -3.14 -2.50 2.90
C ASP A 476 -4.56 -1.93 2.99
N HIS A 477 -5.05 -1.39 1.89
CA HIS A 477 -6.32 -0.67 1.90
C HIS A 477 -7.52 -1.57 2.15
N ARG A 478 -7.32 -2.86 2.38
CA ARG A 478 -8.41 -3.80 2.56
C ARG A 478 -8.51 -4.31 3.99
N PHE A 479 -7.65 -3.86 4.89
CA PHE A 479 -7.56 -4.46 6.21
C PHE A 479 -7.14 -5.90 6.05
N LEU A 480 -5.97 -6.15 5.48
CA LEU A 480 -5.47 -7.50 5.28
C LEU A 480 -3.95 -7.47 5.34
N LEU A 481 -3.37 -8.25 6.23
CA LEU A 481 -1.94 -8.22 6.43
C LEU A 481 -1.22 -8.62 5.14
N ARG A 482 0.00 -8.10 4.96
CA ARG A 482 0.81 -8.45 3.81
C ARG A 482 1.26 -9.89 3.87
N HIS A 483 1.31 -10.55 2.72
CA HIS A 483 1.71 -11.95 2.66
C HIS A 483 2.22 -12.26 1.25
N GLY A 484 3.50 -12.49 1.11
CA GLY A 484 4.06 -12.93 -0.15
C GLY A 484 5.49 -12.46 -0.30
N GLU A 485 5.95 -12.50 -1.55
CA GLU A 485 7.29 -12.05 -1.91
C GLU A 485 7.17 -10.72 -2.64
N TYR A 486 7.97 -9.74 -2.22
CA TYR A 486 7.95 -8.42 -2.81
C TYR A 486 9.36 -8.01 -3.19
N VAL A 487 9.53 -7.56 -4.44
CA VAL A 487 10.78 -6.98 -4.91
C VAL A 487 10.52 -5.49 -5.13
N LEU A 488 11.26 -4.65 -4.42
CA LEU A 488 10.97 -3.22 -4.37
C LEU A 488 12.21 -2.42 -4.78
N HIS A 489 12.00 -1.41 -5.61
CA HIS A 489 13.07 -0.50 -6.03
C HIS A 489 13.12 0.69 -5.09
N MET A 490 14.34 1.12 -4.76
CA MET A 490 14.58 2.04 -3.66
C MET A 490 14.89 3.44 -4.16
N TRP A 491 14.27 4.43 -3.53
CA TRP A 491 14.61 5.82 -3.78
C TRP A 491 16.02 6.11 -3.27
N GLN A 492 16.58 7.24 -3.70
CA GLN A 492 17.93 7.63 -3.33
C GLN A 492 17.91 9.03 -2.76
N LEU A 493 18.57 9.21 -1.62
CA LEU A 493 18.58 10.48 -0.92
C LEU A 493 19.89 11.20 -1.22
N SER A 494 19.79 12.36 -1.86
CA SER A 494 20.97 13.10 -2.28
C SER A 494 20.86 14.56 -1.85
N SER A 502 17.22 15.12 8.20
CA SER A 502 16.53 14.48 9.32
C SER A 502 15.24 13.81 8.85
N PHE A 503 14.38 14.58 8.21
CA PHE A 503 13.08 14.09 7.80
C PHE A 503 12.52 14.97 6.69
N ASN A 504 11.49 14.47 6.02
CA ASN A 504 10.85 15.19 4.93
C ASN A 504 9.50 14.56 4.68
N ALA A 505 8.66 15.26 3.91
CA ALA A 505 7.36 14.70 3.53
C ALA A 505 7.51 13.62 2.48
N ASP A 506 8.57 13.69 1.67
CA ASP A 506 8.81 12.67 0.66
C ASP A 506 9.17 11.33 1.27
N LYS A 507 9.64 11.30 2.51
CA LYS A 507 10.16 10.08 3.09
C LYS A 507 9.07 9.14 3.60
N LEU A 508 7.84 9.64 3.75
CA LEU A 508 6.71 8.83 4.17
C LEU A 508 5.98 8.22 2.99
N THR A 509 6.66 8.03 1.86
CA THR A 509 6.02 7.69 0.61
C THR A 509 5.92 6.18 0.45
N SER A 510 4.72 5.70 0.10
CA SER A 510 4.47 4.31 -0.21
C SER A 510 4.50 4.04 -1.71
N ALA A 511 5.33 4.78 -2.44
CA ALA A 511 5.47 4.64 -3.87
C ALA A 511 6.82 4.02 -4.20
N THR A 512 6.84 3.19 -5.23
CA THR A 512 8.05 2.49 -5.64
C THR A 512 8.68 3.17 -6.84
N ASN A 513 10.01 3.23 -6.85
CA ASN A 513 10.76 3.98 -7.84
C ASN A 513 10.42 3.47 -9.25
N PRO A 514 9.97 4.32 -10.17
CA PRO A 514 9.71 3.84 -11.54
C PRO A 514 10.97 3.53 -12.32
N ASP A 515 12.13 3.99 -11.87
CA ASP A 515 13.39 3.75 -12.58
C ASP A 515 13.86 2.33 -12.27
N LYS A 516 13.28 1.38 -13.00
CA LYS A 516 13.58 -0.03 -12.83
C LYS A 516 14.83 -0.46 -13.58
N GLU A 517 15.69 0.47 -13.97
CA GLU A 517 16.85 0.18 -14.82
C GLU A 517 18.17 0.26 -14.08
N ASN A 518 18.40 1.31 -13.31
CA ASN A 518 19.65 1.47 -12.56
C ASN A 518 19.35 1.88 -11.13
N SER A 519 18.41 1.19 -10.49
CA SER A 519 18.03 1.46 -9.11
C SER A 519 18.12 0.17 -8.32
N MET A 520 18.64 0.25 -7.10
CA MET A 520 18.76 -0.94 -6.27
C MET A 520 17.37 -1.53 -6.01
N SER A 521 17.30 -2.85 -5.99
CA SER A 521 16.08 -3.56 -5.69
C SER A 521 16.35 -4.52 -4.54
N ILE A 522 15.40 -4.60 -3.61
CA ILE A 522 15.52 -5.43 -2.42
C ILE A 522 14.34 -6.39 -2.39
N SER A 523 14.61 -7.63 -2.00
CA SER A 523 13.62 -8.70 -1.97
C SER A 523 13.27 -9.08 -0.55
N ILE A 524 11.98 -9.12 -0.25
CA ILE A 524 11.48 -9.43 1.09
C ILE A 524 10.44 -10.53 0.99
N LEU A 525 10.43 -11.41 1.98
CA LEU A 525 9.41 -12.45 2.12
C LEU A 525 8.64 -12.21 3.41
N LEU A 526 7.32 -12.10 3.29
CA LEU A 526 6.41 -12.05 4.42
C LEU A 526 5.55 -13.29 4.41
N ASP A 527 5.54 -14.03 5.52
CA ASP A 527 5.02 -15.39 5.50
C ASP A 527 3.56 -15.43 5.05
N ASN A 528 3.21 -16.52 4.38
CA ASN A 528 1.86 -16.74 3.89
C ASN A 528 1.03 -17.42 4.97
N TYR A 529 -0.28 -17.18 4.91
CA TYR A 529 -1.22 -17.73 5.89
C TYR A 529 -2.38 -18.39 5.16
N CYS A 530 -2.88 -19.48 5.73
CA CYS A 530 -3.93 -20.25 5.08
C CYS A 530 -5.21 -19.44 4.91
N HIS A 531 -5.40 -18.39 5.70
CA HIS A 531 -6.61 -17.59 5.67
C HIS A 531 -6.25 -16.12 5.65
N PRO A 532 -7.14 -15.26 5.14
CA PRO A 532 -6.88 -13.82 5.21
C PRO A 532 -6.86 -13.34 6.65
N ILE A 533 -5.85 -12.56 6.98
CA ILE A 533 -5.69 -11.99 8.32
C ILE A 533 -6.21 -10.56 8.23
N ALA A 534 -7.43 -10.35 8.69
CA ALA A 534 -8.11 -9.06 8.53
C ALA A 534 -8.11 -8.27 9.83
N LEU A 535 -8.15 -6.94 9.68
CA LEU A 535 -8.20 -6.01 10.80
C LEU A 535 -9.66 -5.64 11.06
N PRO A 536 -10.22 -5.91 12.23
CA PRO A 536 -11.65 -5.66 12.44
C PRO A 536 -11.93 -4.20 12.77
N LYS A 537 -13.20 -3.84 12.66
CA LYS A 537 -13.66 -2.49 12.98
C LYS A 537 -14.06 -2.42 14.44
N HIS A 538 -13.65 -1.35 15.11
CA HIS A 538 -13.93 -1.20 16.53
C HIS A 538 -15.43 -0.99 16.76
N ARG A 539 -15.91 -1.54 17.87
CA ARG A 539 -17.33 -1.50 18.20
C ARG A 539 -17.60 -0.34 19.16
N PRO A 540 -18.41 0.65 18.79
CA PRO A 540 -18.74 1.70 19.76
C PRO A 540 -19.51 1.16 20.95
N THR A 541 -18.89 1.21 22.13
CA THR A 541 -19.50 0.69 23.35
C THR A 541 -19.32 1.71 24.47
N PRO A 542 -20.33 1.86 25.34
CA PRO A 542 -20.16 2.75 26.49
C PRO A 542 -19.01 2.34 27.41
N ALA A 551 -14.10 13.45 43.56
CA ALA A 551 -14.24 13.27 42.12
C ALA A 551 -13.16 14.06 41.39
N GLU A 552 -13.23 15.38 41.52
CA GLU A 552 -12.28 16.25 40.85
C GLU A 552 -10.87 16.02 41.40
N MET A 553 -9.88 16.17 40.53
CA MET A 553 -8.51 15.90 40.90
C MET A 553 -8.00 16.99 41.85
N PRO A 554 -6.90 16.72 42.54
CA PRO A 554 -6.28 17.76 43.37
C PRO A 554 -5.93 18.97 42.52
N ASN A 555 -6.10 20.16 43.10
CA ASN A 555 -5.87 21.39 42.37
C ASN A 555 -4.47 21.43 41.77
N GLN A 556 -3.48 20.85 42.44
CA GLN A 556 -2.12 20.84 41.91
C GLN A 556 -2.07 20.11 40.58
N LEU A 557 -2.68 18.92 40.51
CA LEU A 557 -2.71 18.19 39.24
C LEU A 557 -3.51 18.95 38.20
N ARG A 558 -4.66 19.51 38.59
CA ARG A 558 -5.43 20.30 37.64
C ARG A 558 -4.64 21.50 37.17
N LYS A 559 -3.93 22.17 38.08
CA LYS A 559 -3.07 23.27 37.66
C LYS A 559 -1.95 22.77 36.76
N GLN A 560 -1.35 21.64 37.11
CA GLN A 560 -0.29 21.08 36.28
C GLN A 560 -0.82 20.68 34.90
N LEU A 561 -2.04 20.12 34.86
CA LEU A 561 -2.65 19.80 33.59
C LEU A 561 -2.88 21.05 32.75
N GLU A 562 -3.32 22.14 33.39
CA GLU A 562 -3.55 23.37 32.65
C GLU A 562 -2.27 23.87 32.00
N ALA A 563 -1.15 23.76 32.70
CA ALA A 563 0.12 24.23 32.14
C ALA A 563 0.48 23.45 30.87
N ILE A 564 0.31 22.13 30.89
CA ILE A 564 0.66 21.31 29.72
C ILE A 564 -0.23 21.67 28.54
N ILE A 565 -1.52 21.84 28.78
CA ILE A 565 -2.43 22.19 27.70
C ILE A 565 -2.11 23.56 27.14
N ALA A 566 -1.33 24.36 27.85
CA ALA A 566 -1.10 25.75 27.48
C ALA A 566 0.38 26.03 27.22
N THR A 567 1.03 25.18 26.43
CA THR A 567 2.40 25.41 25.97
C THR A 567 2.40 25.58 24.46
N ASP A 568 3.55 25.99 23.93
CA ASP A 568 3.66 26.20 22.49
C ASP A 568 3.46 24.88 21.75
N PRO A 569 2.84 24.91 20.58
CA PRO A 569 2.57 23.63 19.88
C PRO A 569 3.81 22.78 19.65
N LEU A 570 4.95 23.40 19.36
CA LEU A 570 6.17 22.62 19.15
C LEU A 570 6.71 22.02 20.43
N ASN A 571 6.18 22.41 21.60
CA ASN A 571 6.72 21.89 22.85
C ASN A 571 6.44 20.40 22.97
N PRO A 572 7.43 19.57 23.27
CA PRO A 572 7.19 18.14 23.44
C PRO A 572 6.52 17.82 24.77
N LEU A 573 5.92 16.63 24.81
CA LEU A 573 5.29 16.11 26.01
C LEU A 573 6.16 14.99 26.57
N THR A 574 6.59 15.14 27.81
CA THR A 574 7.42 14.12 28.43
C THR A 574 6.59 12.89 28.79
N ALA A 575 7.28 11.78 29.07
CA ALA A 575 6.57 10.56 29.42
C ALA A 575 5.73 10.74 30.67
N GLU A 576 6.26 11.45 31.66
CA GLU A 576 5.47 11.73 32.86
C GLU A 576 4.25 12.57 32.52
N ASP A 577 4.42 13.57 31.65
CA ASP A 577 3.29 14.37 31.21
C ASP A 577 2.30 13.53 30.42
N LYS A 578 2.80 12.60 29.60
CA LYS A 578 1.92 11.72 28.84
C LYS A 578 1.05 10.88 29.78
N GLU A 579 1.64 10.35 30.86
CA GLU A 579 0.85 9.57 31.81
C GLU A 579 -0.25 10.42 32.42
N LEU A 580 0.06 11.66 32.80
CA LEU A 580 -0.95 12.54 33.38
C LEU A 580 -2.08 12.78 32.38
N LEU A 581 -1.72 13.06 31.12
CA LEU A 581 -2.75 13.31 30.12
C LEU A 581 -3.52 12.05 29.79
N TRP A 582 -2.82 10.93 29.59
CA TRP A 582 -3.51 9.69 29.26
C TRP A 582 -4.32 9.18 30.45
N HIS A 583 -3.77 9.28 31.66
CA HIS A 583 -4.53 8.91 32.85
C HIS A 583 -5.75 9.82 33.01
N PHE A 584 -5.57 11.13 32.80
CA PHE A 584 -6.67 12.07 32.80
C PHE A 584 -7.09 12.29 31.34
N ARG A 585 -7.80 11.30 30.81
CA ARG A 585 -8.23 11.32 29.42
C ARG A 585 -9.66 11.78 29.26
N TYR A 586 -10.55 11.44 30.19
CA TYR A 586 -11.91 11.94 30.13
C TYR A 586 -12.04 13.35 30.69
N GLU A 587 -10.99 13.87 31.32
CA GLU A 587 -10.99 15.24 31.82
C GLU A 587 -10.59 16.25 30.77
N SER A 588 -9.68 15.87 29.86
CA SER A 588 -9.22 16.77 28.81
C SER A 588 -10.16 16.78 27.61
N LEU A 589 -10.87 15.68 27.35
CA LEU A 589 -11.74 15.62 26.19
C LEU A 589 -12.67 16.83 26.13
N LYS A 590 -13.26 17.20 27.27
CA LYS A 590 -14.19 18.32 27.30
C LYS A 590 -13.53 19.64 26.95
N ASP A 591 -12.20 19.69 26.93
CA ASP A 591 -11.48 20.92 26.59
C ASP A 591 -11.02 20.85 25.13
N PRO A 592 -11.72 21.52 24.20
CA PRO A 592 -11.38 21.38 22.77
C PRO A 592 -9.95 21.71 22.40
N LYS A 593 -9.27 22.61 23.14
CA LYS A 593 -7.93 23.01 22.74
C LYS A 593 -6.86 22.00 23.10
N ALA A 594 -7.20 20.95 23.84
CA ALA A 594 -6.22 19.97 24.30
C ALA A 594 -6.11 18.76 23.38
N TYR A 595 -6.91 18.69 22.32
CA TYR A 595 -6.92 17.49 21.48
C TYR A 595 -5.55 17.18 20.90
N PRO A 596 -4.84 18.09 20.25
CA PRO A 596 -3.54 17.74 19.67
C PRO A 596 -2.51 17.34 20.70
N LYS A 597 -2.79 17.53 22.00
CA LYS A 597 -1.92 17.09 23.06
C LYS A 597 -2.40 15.79 23.70
N LEU A 598 -3.72 15.58 23.74
CA LEU A 598 -4.26 14.33 24.26
C LEU A 598 -3.78 13.15 23.41
N PHE A 599 -3.97 13.23 22.09
CA PHE A 599 -3.71 12.11 21.20
C PHE A 599 -2.25 11.94 20.85
N SER A 600 -1.38 12.88 21.22
CA SER A 600 0.05 12.66 21.06
C SER A 600 0.62 11.74 22.13
N SER A 601 -0.18 11.38 23.15
CA SER A 601 0.27 10.55 24.24
C SER A 601 -0.27 9.12 24.19
N VAL A 602 -1.33 8.88 23.42
CA VAL A 602 -1.87 7.53 23.33
C VAL A 602 -0.79 6.61 22.79
N LYS A 603 -0.70 5.41 23.37
CA LYS A 603 0.22 4.38 22.90
C LYS A 603 -0.49 3.58 21.82
N TRP A 604 -0.05 3.77 20.57
CA TRP A 604 -0.72 3.14 19.44
C TRP A 604 -0.26 1.72 19.19
N GLY A 605 0.81 1.27 19.83
CA GLY A 605 1.32 -0.08 19.64
C GLY A 605 0.72 -1.07 20.61
N GLN A 606 -0.54 -0.87 20.99
CA GLN A 606 -1.23 -1.77 21.90
C GLN A 606 -2.71 -1.75 21.56
N GLN A 607 -3.30 -2.94 21.39
CA GLN A 607 -4.65 -3.02 20.81
C GLN A 607 -5.68 -2.33 21.71
N GLU A 608 -5.61 -2.58 23.01
CA GLU A 608 -6.63 -2.03 23.91
C GLU A 608 -6.52 -0.52 24.04
N ILE A 609 -5.30 0.01 24.09
CA ILE A 609 -5.13 1.45 24.22
C ILE A 609 -5.81 2.17 23.06
N VAL A 610 -5.65 1.66 21.85
CA VAL A 610 -6.37 2.22 20.72
C VAL A 610 -7.88 1.94 20.87
N ALA A 611 -8.23 0.78 21.42
CA ALA A 611 -9.64 0.48 21.65
C ALA A 611 -10.26 1.44 22.66
N LYS A 612 -9.50 1.80 23.71
CA LYS A 612 -10.00 2.78 24.66
C LYS A 612 -10.25 4.12 24.00
N THR A 613 -9.34 4.55 23.12
CA THR A 613 -9.47 5.84 22.46
C THR A 613 -10.75 5.94 21.63
N TYR A 614 -11.09 4.88 20.90
CA TYR A 614 -12.31 4.92 20.09
C TYR A 614 -13.54 5.11 20.96
N GLN A 615 -13.59 4.46 22.12
CA GLN A 615 -14.71 4.67 23.03
C GLN A 615 -14.73 6.11 23.51
N LEU A 616 -13.55 6.68 23.77
CA LEU A 616 -13.46 8.07 24.20
C LEU A 616 -14.02 9.02 23.14
N LEU A 617 -13.72 8.76 21.87
CA LEU A 617 -14.17 9.63 20.80
C LEU A 617 -15.62 9.39 20.41
N ALA A 618 -16.27 8.37 20.98
CA ALA A 618 -17.65 8.07 20.61
C ALA A 618 -18.56 9.25 20.93
N LYS A 619 -18.35 9.90 22.08
CA LYS A 619 -19.09 11.10 22.47
C LYS A 619 -18.10 12.25 22.47
N ARG A 620 -18.31 13.20 21.55
CA ARG A 620 -17.45 14.37 21.42
C ARG A 620 -18.30 15.62 21.19
N GLU A 621 -19.36 15.76 21.98
CA GLU A 621 -20.28 16.87 21.80
C GLU A 621 -19.60 18.21 22.05
N VAL A 622 -18.57 18.25 22.89
CA VAL A 622 -17.82 19.48 23.12
C VAL A 622 -17.19 19.96 21.82
N TRP A 623 -16.49 19.05 21.13
CA TRP A 623 -15.77 19.40 19.91
C TRP A 623 -16.70 19.51 18.71
N ASP A 624 -17.97 19.15 18.86
CA ASP A 624 -18.96 19.30 17.80
C ASP A 624 -19.75 20.60 17.93
N GLN A 625 -19.45 21.41 18.95
CA GLN A 625 -20.10 22.71 19.09
C GLN A 625 -19.13 23.76 19.62
N SER A 626 -17.84 23.57 19.39
CA SER A 626 -16.82 24.53 19.80
C SER A 626 -16.41 25.36 18.60
N ALA A 627 -16.07 26.62 18.86
CA ALA A 627 -15.67 27.52 17.78
C ALA A 627 -14.51 26.92 17.01
N LEU A 628 -14.57 27.05 15.68
CA LEU A 628 -13.55 26.46 14.83
C LEU A 628 -12.28 27.28 14.94
N ASP A 629 -11.15 26.61 15.20
CA ASP A 629 -9.86 27.27 15.32
C ASP A 629 -8.94 26.56 14.33
N VAL A 630 -8.81 27.16 13.13
CA VAL A 630 -8.04 26.55 12.06
C VAL A 630 -6.64 26.18 12.51
N GLY A 631 -6.07 26.93 13.45
CA GLY A 631 -4.77 26.55 13.98
C GLY A 631 -4.80 25.17 14.60
N LEU A 632 -5.86 24.89 15.37
CA LEU A 632 -6.02 23.57 15.97
C LEU A 632 -6.36 22.53 14.92
N THR A 633 -7.38 22.81 14.10
CA THR A 633 -7.83 21.88 13.07
C THR A 633 -6.76 21.61 12.02
N MET A 634 -5.70 22.41 11.99
CA MET A 634 -4.56 22.14 11.12
C MET A 634 -3.54 21.28 11.83
N GLN A 635 -3.47 21.39 13.16
CA GLN A 635 -2.48 20.66 13.93
C GLN A 635 -2.69 19.16 13.77
N LEU A 636 -3.96 18.75 13.65
CA LEU A 636 -4.33 17.35 13.63
C LEU A 636 -4.07 16.69 12.28
N LEU A 637 -3.91 17.48 11.23
CA LEU A 637 -3.67 16.94 9.89
C LEU A 637 -2.19 16.89 9.57
N ASP A 638 -1.33 17.07 10.57
CA ASP A 638 0.11 16.99 10.37
C ASP A 638 0.54 15.52 10.22
N CYS A 639 1.85 15.30 10.18
CA CYS A 639 2.35 13.94 9.99
C CYS A 639 1.99 13.05 11.16
N ASN A 640 2.30 13.51 12.38
CA ASN A 640 2.17 12.70 13.59
C ASN A 640 0.88 11.90 13.58
N PHE A 641 -0.23 12.53 13.19
CA PHE A 641 -1.54 11.90 13.22
C PHE A 641 -1.70 11.03 11.99
N SER A 642 -1.45 9.74 12.13
CA SER A 642 -1.64 8.76 11.07
C SER A 642 -2.92 7.97 11.23
N ASP A 643 -3.81 8.40 12.12
CA ASP A 643 -5.04 7.69 12.40
C ASP A 643 -6.14 8.06 11.42
N GLU A 644 -7.17 7.23 11.37
CA GLU A 644 -8.33 7.47 10.52
C GLU A 644 -9.44 8.21 11.23
N ASN A 645 -9.55 8.06 12.56
CA ASN A 645 -10.59 8.74 13.32
C ASN A 645 -10.13 10.09 13.87
N VAL A 646 -8.86 10.23 14.22
CA VAL A 646 -8.36 11.53 14.65
C VAL A 646 -8.36 12.51 13.50
N ARG A 647 -7.98 12.04 12.31
CA ARG A 647 -7.97 12.92 11.15
C ARG A 647 -9.38 13.24 10.67
N ALA A 648 -10.31 12.28 10.82
CA ALA A 648 -11.66 12.47 10.28
C ALA A 648 -12.43 13.56 11.01
N ILE A 649 -12.19 13.76 12.32
CA ILE A 649 -12.89 14.82 13.03
C ILE A 649 -12.33 16.18 12.63
N ALA A 650 -11.00 16.29 12.52
CA ALA A 650 -10.40 17.54 12.07
C ALA A 650 -11.02 17.97 10.74
N VAL A 651 -11.08 17.05 9.79
CA VAL A 651 -11.66 17.35 8.47
C VAL A 651 -13.13 17.70 8.63
N GLN A 652 -13.82 17.02 9.54
CA GLN A 652 -15.21 17.35 9.82
C GLN A 652 -15.32 18.78 10.32
N LYS A 653 -14.37 19.21 11.15
CA LYS A 653 -14.33 20.61 11.58
C LYS A 653 -14.01 21.54 10.41
N LEU A 654 -13.07 21.18 9.54
CA LEU A 654 -12.87 21.98 8.33
C LEU A 654 -14.13 22.10 7.49
N GLU A 655 -15.10 21.23 7.67
CA GLU A 655 -16.27 21.35 6.80
C GLU A 655 -17.13 22.52 7.14
N SER A 656 -16.62 23.44 7.97
CA SER A 656 -17.32 24.68 8.29
C SER A 656 -16.79 25.86 7.51
N LEU A 657 -15.50 25.85 7.17
CA LEU A 657 -14.84 26.95 6.49
C LEU A 657 -15.69 27.46 5.34
N GLU A 658 -15.58 28.75 5.04
CA GLU A 658 -16.28 29.35 3.91
C GLU A 658 -15.32 29.55 2.75
N ASP A 659 -15.91 29.77 1.57
CA ASP A 659 -15.12 29.83 0.35
C ASP A 659 -13.93 30.76 0.50
N ASP A 660 -14.16 31.96 1.05
CA ASP A 660 -13.06 32.89 1.26
C ASP A 660 -12.01 32.28 2.17
N ASP A 661 -12.44 31.60 3.23
CA ASP A 661 -11.49 30.94 4.12
C ASP A 661 -10.77 29.82 3.38
N VAL A 662 -11.50 29.06 2.57
CA VAL A 662 -10.91 27.91 1.89
C VAL A 662 -9.79 28.36 0.96
N LEU A 663 -10.01 29.46 0.23
CA LEU A 663 -9.06 29.89 -0.79
C LEU A 663 -7.72 30.32 -0.21
N HIS A 664 -7.64 30.52 1.11
CA HIS A 664 -6.41 31.01 1.72
C HIS A 664 -5.53 29.86 2.19
N TYR A 665 -6.14 28.73 2.54
CA TYR A 665 -5.40 27.55 2.96
C TYR A 665 -5.38 26.44 1.91
N LEU A 666 -5.74 26.71 0.66
CA LEU A 666 -5.71 25.65 -0.34
C LEU A 666 -4.31 25.05 -0.45
N LEU A 667 -3.35 25.85 -0.91
CA LEU A 667 -2.04 25.27 -1.17
C LEU A 667 -1.45 24.60 0.06
N GLN A 668 -2.08 24.71 1.23
CA GLN A 668 -1.58 24.07 2.43
C GLN A 668 -2.40 22.84 2.81
N LEU A 669 -3.64 22.72 2.33
CA LEU A 669 -4.34 21.44 2.41
C LEU A 669 -3.80 20.48 1.35
N VAL A 670 -3.58 20.99 0.14
CA VAL A 670 -3.09 20.16 -0.95
C VAL A 670 -1.71 19.63 -0.60
N GLN A 671 -0.85 20.48 -0.08
CA GLN A 671 0.49 20.05 0.27
C GLN A 671 0.52 19.25 1.57
N ALA A 672 -0.62 19.12 2.25
CA ALA A 672 -0.75 18.25 3.40
C ALA A 672 -1.31 16.87 3.07
N VAL A 673 -1.86 16.69 1.87
CA VAL A 673 -2.29 15.36 1.45
C VAL A 673 -1.11 14.42 1.32
N LYS A 674 0.09 14.95 1.25
CA LYS A 674 1.28 14.12 1.20
C LYS A 674 1.47 13.31 2.48
N PHE A 675 0.57 13.47 3.44
CA PHE A 675 0.69 12.79 4.73
C PHE A 675 -0.34 11.70 4.94
N GLU A 676 -1.49 11.78 4.28
CA GLU A 676 -2.52 10.76 4.37
C GLU A 676 -1.92 9.45 3.85
N PRO A 677 -1.71 8.44 4.70
CA PRO A 677 -1.00 7.24 4.24
C PRO A 677 -1.76 6.41 3.21
N TYR A 678 -3.07 6.59 3.08
CA TYR A 678 -3.87 5.93 2.06
C TYR A 678 -4.32 6.95 1.01
N HIS A 679 -4.75 6.43 -0.13
CA HIS A 679 -5.13 7.31 -1.24
C HIS A 679 -6.50 7.95 -1.03
N ASP A 680 -7.51 7.14 -0.73
CA ASP A 680 -8.87 7.63 -0.59
C ASP A 680 -9.12 7.93 0.88
N SER A 681 -9.01 9.20 1.25
CA SER A 681 -9.20 9.64 2.62
C SER A 681 -10.25 10.73 2.66
N ALA A 682 -10.55 11.22 3.85
CA ALA A 682 -11.55 12.27 4.00
C ALA A 682 -11.02 13.62 3.56
N LEU A 683 -9.72 13.87 3.75
CA LEU A 683 -9.14 15.12 3.29
C LEU A 683 -9.23 15.22 1.77
N ALA A 684 -8.76 14.19 1.07
CA ALA A 684 -8.80 14.22 -0.39
C ALA A 684 -10.23 14.32 -0.90
N ARG A 685 -11.16 13.57 -0.32
CA ARG A 685 -12.55 13.69 -0.75
C ARG A 685 -13.11 15.06 -0.44
N PHE A 686 -12.64 15.72 0.62
CA PHE A 686 -13.10 17.07 0.90
C PHE A 686 -12.59 18.04 -0.15
N LEU A 687 -11.34 17.87 -0.58
CA LEU A 687 -10.75 18.78 -1.56
C LEU A 687 -11.56 18.80 -2.85
N LEU A 688 -12.20 17.69 -3.21
CA LEU A 688 -12.90 17.63 -4.48
C LEU A 688 -14.34 18.13 -4.42
N LYS A 689 -15.09 17.94 -3.32
CA LYS A 689 -16.48 18.39 -3.38
C LYS A 689 -16.55 19.90 -3.25
N ARG A 690 -15.68 20.50 -2.44
CA ARG A 690 -15.58 21.96 -2.43
C ARG A 690 -15.20 22.44 -3.82
N GLY A 691 -14.26 21.74 -4.47
CA GLY A 691 -13.85 22.10 -5.82
C GLY A 691 -15.01 22.11 -6.79
N LEU A 692 -15.81 21.05 -6.79
CA LEU A 692 -16.86 20.87 -7.79
C LEU A 692 -18.10 21.67 -7.46
N ARG A 693 -18.12 22.38 -6.34
CA ARG A 693 -19.22 23.24 -5.96
C ARG A 693 -18.96 24.71 -6.29
N ASN A 694 -17.69 25.10 -6.39
CA ASN A 694 -17.29 26.47 -6.68
C ASN A 694 -16.32 26.47 -7.85
N LYS A 695 -16.35 27.53 -8.65
CA LYS A 695 -15.47 27.62 -9.82
C LYS A 695 -14.09 28.12 -9.45
N ARG A 696 -13.98 29.01 -8.47
CA ARG A 696 -12.70 29.66 -8.20
C ARG A 696 -11.80 28.78 -7.37
N ILE A 697 -12.38 27.88 -6.58
CA ILE A 697 -11.58 26.88 -5.88
C ILE A 697 -11.10 25.81 -6.85
N GLY A 698 -11.97 25.39 -7.76
CA GLY A 698 -11.55 24.42 -8.76
C GLY A 698 -10.42 24.93 -9.63
N HIS A 699 -10.53 26.17 -10.11
CA HIS A 699 -9.49 26.72 -10.96
C HIS A 699 -8.13 26.64 -10.28
N PHE A 700 -8.05 27.13 -9.05
CA PHE A 700 -6.78 27.12 -8.35
C PHE A 700 -6.42 25.73 -7.87
N LEU A 701 -7.41 24.89 -7.59
CA LEU A 701 -7.13 23.50 -7.26
C LEU A 701 -6.49 22.78 -8.44
N PHE A 702 -6.98 23.07 -9.65
CA PHE A 702 -6.43 22.44 -10.85
C PHE A 702 -4.95 22.73 -10.97
N TRP A 703 -4.54 23.96 -10.70
CA TRP A 703 -3.16 24.35 -10.93
C TRP A 703 -2.22 23.92 -9.82
N PHE A 704 -2.73 23.59 -8.64
CA PHE A 704 -1.86 23.25 -7.52
C PHE A 704 -1.57 21.76 -7.52
N LEU A 705 -2.57 20.96 -7.89
CA LEU A 705 -2.36 19.54 -8.12
C LEU A 705 -1.49 19.32 -9.35
N ARG A 706 -1.75 20.10 -10.41
CA ARG A 706 -1.06 19.92 -11.68
C ARG A 706 0.44 20.11 -11.53
N SER A 707 0.87 21.01 -10.65
CA SER A 707 2.30 21.22 -10.48
C SER A 707 2.96 20.06 -9.77
N GLU A 708 2.26 19.46 -8.79
CA GLU A 708 2.84 18.34 -8.06
C GLU A 708 3.01 17.12 -8.97
N ILE A 709 2.04 16.87 -9.83
CA ILE A 709 2.13 15.71 -10.73
C ILE A 709 3.39 15.83 -11.57
N ALA A 710 3.66 17.03 -12.08
CA ALA A 710 4.66 17.20 -13.12
C ALA A 710 6.09 17.30 -12.58
N GLN A 711 6.28 17.42 -11.27
CA GLN A 711 7.62 17.63 -10.75
C GLN A 711 7.91 16.88 -9.45
N SER A 712 7.02 16.04 -8.98
CA SER A 712 7.21 15.30 -7.74
C SER A 712 6.89 13.83 -8.00
N ARG A 713 7.94 13.04 -8.26
CA ARG A 713 7.74 11.63 -8.58
C ARG A 713 7.12 10.86 -7.42
N HIS A 714 7.38 11.28 -6.19
CA HIS A 714 6.99 10.48 -5.03
C HIS A 714 5.49 10.43 -4.83
N TYR A 715 4.73 11.37 -5.40
CA TYR A 715 3.30 11.44 -5.17
C TYR A 715 2.53 11.72 -6.46
N GLN A 716 3.05 11.24 -7.60
CA GLN A 716 2.36 11.47 -8.87
C GLN A 716 1.03 10.74 -8.91
N GLN A 717 1.02 9.46 -8.56
CA GLN A 717 -0.15 8.62 -8.79
C GLN A 717 -1.32 9.00 -7.90
N ARG A 718 -1.05 9.38 -6.65
CA ARG A 718 -2.16 9.81 -5.80
C ARG A 718 -2.80 11.07 -6.37
N PHE A 719 -1.97 12.04 -6.78
CA PHE A 719 -2.48 13.31 -7.28
C PHE A 719 -3.16 13.16 -8.63
N ALA A 720 -2.67 12.24 -9.48
CA ALA A 720 -3.31 12.03 -10.77
C ALA A 720 -4.74 11.54 -10.62
N VAL A 721 -4.96 10.61 -9.70
CA VAL A 721 -6.31 10.09 -9.49
C VAL A 721 -7.22 11.18 -8.95
N ILE A 722 -6.71 12.03 -8.05
CA ILE A 722 -7.54 13.07 -7.46
C ILE A 722 -8.01 14.04 -8.55
N LEU A 723 -7.07 14.50 -9.38
CA LEU A 723 -7.42 15.47 -10.42
C LEU A 723 -8.40 14.89 -11.42
N GLU A 724 -8.19 13.64 -11.83
CA GLU A 724 -9.09 13.02 -12.80
C GLU A 724 -10.51 12.99 -12.29
N ALA A 725 -10.70 12.72 -11.00
CA ALA A 725 -12.05 12.65 -10.45
C ALA A 725 -12.72 14.01 -10.56
N TYR A 726 -11.97 15.09 -10.34
CA TYR A 726 -12.56 16.43 -10.47
C TYR A 726 -12.84 16.77 -11.93
N LEU A 727 -11.86 16.54 -12.81
CA LEU A 727 -11.97 17.01 -14.18
C LEU A 727 -13.20 16.48 -14.88
N ARG A 728 -13.76 15.37 -14.40
CA ARG A 728 -14.94 14.80 -15.01
C ARG A 728 -16.22 15.46 -14.52
N GLY A 729 -16.10 16.38 -13.56
CA GLY A 729 -17.24 17.01 -12.94
C GLY A 729 -17.34 18.49 -13.21
N CYS A 730 -16.20 19.15 -13.46
CA CYS A 730 -16.21 20.60 -13.67
C CYS A 730 -17.19 20.98 -14.78
N GLY A 731 -16.94 20.50 -15.99
CA GLY A 731 -17.90 20.70 -17.07
C GLY A 731 -17.19 20.98 -18.37
N THR A 732 -17.98 20.94 -19.45
CA THR A 732 -17.44 21.20 -20.78
C THR A 732 -16.96 22.64 -20.90
N ALA A 733 -17.59 23.57 -20.18
CA ALA A 733 -17.17 24.97 -20.23
C ALA A 733 -15.77 25.12 -19.66
N MET A 734 -15.59 24.77 -18.38
CA MET A 734 -14.27 24.90 -17.79
C MET A 734 -13.27 23.94 -18.42
N LEU A 735 -13.72 22.88 -19.06
CA LEU A 735 -12.79 21.96 -19.70
C LEU A 735 -12.19 22.60 -20.94
N HIS A 736 -13.04 23.27 -21.74
CA HIS A 736 -12.53 24.07 -22.83
C HIS A 736 -11.53 25.10 -22.32
N ASP A 737 -11.85 25.72 -21.18
CA ASP A 737 -11.03 26.82 -20.66
C ASP A 737 -9.72 26.28 -20.12
N PHE A 738 -9.69 25.01 -19.73
CA PHE A 738 -8.52 24.40 -19.15
C PHE A 738 -7.64 23.82 -20.25
N THR A 739 -8.23 23.56 -21.42
CA THR A 739 -7.46 23.17 -22.59
C THR A 739 -6.64 24.33 -23.13
N GLN A 740 -7.30 25.49 -23.29
CA GLN A 740 -6.65 26.65 -23.89
C GLN A 740 -5.49 27.13 -23.04
N GLN A 741 -5.66 27.14 -21.73
CA GLN A 741 -4.59 27.59 -20.84
C GLN A 741 -3.38 26.67 -20.93
N VAL A 742 -3.62 25.37 -21.12
CA VAL A 742 -2.52 24.41 -21.20
C VAL A 742 -1.74 24.57 -22.49
N GLN A 743 -2.44 24.83 -23.60
CA GLN A 743 -1.75 25.05 -24.86
C GLN A 743 -0.75 26.21 -24.75
N VAL A 744 -1.23 27.35 -24.26
CA VAL A 744 -0.37 28.53 -24.17
C VAL A 744 0.83 28.26 -23.28
N ILE A 745 0.62 27.55 -22.17
CA ILE A 745 1.72 27.23 -21.28
C ILE A 745 2.72 26.35 -22.00
N ASP A 746 2.23 25.39 -22.79
CA ASP A 746 3.13 24.46 -23.46
C ASP A 746 3.87 25.12 -24.61
N MET A 747 3.16 25.92 -25.41
CA MET A 747 3.81 26.62 -26.52
C MET A 747 4.90 27.55 -26.00
N LEU A 748 4.57 28.34 -24.99
CA LEU A 748 5.53 29.29 -24.45
C LEU A 748 6.71 28.57 -23.81
N GLN A 749 6.48 27.36 -23.31
CA GLN A 749 7.60 26.57 -22.79
C GLN A 749 8.57 26.26 -23.91
N LYS A 750 8.04 25.91 -25.08
CA LYS A 750 8.88 25.68 -26.25
C LYS A 750 9.65 26.94 -26.64
N VAL A 751 8.98 28.10 -26.60
CA VAL A 751 9.66 29.35 -26.96
C VAL A 751 10.82 29.60 -26.02
N THR A 752 10.58 29.51 -24.71
CA THR A 752 11.67 29.65 -23.76
C THR A 752 12.82 28.74 -24.19
N ILE A 753 12.51 27.48 -24.48
CA ILE A 753 13.54 26.50 -24.82
C ILE A 753 14.46 27.07 -25.88
N ASP A 754 13.88 27.53 -26.99
CA ASP A 754 14.67 27.97 -28.14
C ASP A 754 15.73 28.96 -27.68
N ILE A 755 15.30 30.09 -27.11
CA ILE A 755 16.24 31.14 -26.76
C ILE A 755 17.24 30.60 -25.76
N LYS A 756 16.76 29.88 -24.75
CA LYS A 756 17.64 29.37 -23.71
C LYS A 756 18.69 28.46 -24.30
N SER A 757 18.27 27.54 -25.18
CA SER A 757 19.18 26.58 -25.80
C SER A 757 20.41 27.25 -26.38
N LEU A 758 20.30 28.51 -26.78
CA LEU A 758 21.44 29.24 -27.34
C LEU A 758 21.73 30.49 -26.52
N SER A 766 24.39 40.79 -28.83
CA SER A 766 23.71 39.62 -29.38
C SER A 766 22.24 39.92 -29.65
N SER A 767 21.99 40.95 -30.45
CA SER A 767 20.63 41.33 -30.77
C SER A 767 19.88 40.24 -31.53
N GLN A 768 20.61 39.29 -32.11
CA GLN A 768 19.95 38.17 -32.78
C GLN A 768 18.99 37.45 -31.86
N VAL A 769 19.28 37.44 -30.56
CA VAL A 769 18.36 36.85 -29.59
C VAL A 769 17.03 37.58 -29.62
N ILE A 770 17.07 38.91 -29.67
CA ILE A 770 15.83 39.69 -29.73
C ILE A 770 15.10 39.43 -31.05
N SER A 771 15.84 39.42 -32.15
CA SER A 771 15.23 39.17 -33.46
C SER A 771 14.58 37.80 -33.50
N GLN A 772 15.29 36.79 -33.01
CA GLN A 772 14.72 35.44 -33.00
C GLN A 772 13.46 35.38 -32.16
N LEU A 773 13.45 36.06 -31.01
CA LEU A 773 12.25 36.07 -30.18
C LEU A 773 11.06 36.65 -30.94
N LYS A 774 11.27 37.74 -31.66
CA LYS A 774 10.19 38.33 -32.42
C LYS A 774 9.69 37.37 -33.49
N GLN A 775 10.60 36.67 -34.16
CA GLN A 775 10.18 35.70 -35.17
C GLN A 775 9.34 34.60 -34.53
N LYS A 776 9.82 34.02 -33.43
CA LYS A 776 9.10 32.93 -32.78
C LYS A 776 7.75 33.43 -32.27
N LEU A 777 7.74 34.59 -31.62
CA LEU A 777 6.49 35.11 -31.08
C LEU A 777 5.50 35.42 -32.18
N GLU A 778 5.97 36.04 -33.27
CA GLU A 778 5.10 36.27 -34.41
C GLU A 778 4.62 34.97 -35.02
N ASN A 779 5.52 33.99 -35.14
CA ASN A 779 5.11 32.67 -35.60
C ASN A 779 4.13 32.02 -34.63
N LEU A 780 4.39 32.15 -33.32
CA LEU A 780 3.51 31.55 -32.33
C LEU A 780 2.10 32.13 -32.43
N GLN A 781 2.00 33.46 -32.56
CA GLN A 781 0.69 34.06 -32.78
C GLN A 781 0.05 33.50 -34.04
N ASN A 782 0.86 33.29 -35.09
CA ASN A 782 0.35 32.63 -36.28
C ASN A 782 0.12 31.14 -36.06
N LEU A 783 0.72 30.56 -35.01
CA LEU A 783 0.53 29.14 -34.72
C LEU A 783 -0.75 28.93 -33.92
N ASN A 784 -1.86 29.46 -34.44
CA ASN A 784 -3.17 29.29 -33.82
C ASN A 784 -3.13 29.46 -32.30
N LEU A 785 -2.36 30.43 -31.82
CA LEU A 785 -2.38 30.71 -30.39
C LEU A 785 -3.78 31.13 -29.98
N PRO A 786 -4.31 30.64 -28.87
CA PRO A 786 -5.71 30.95 -28.53
C PRO A 786 -5.93 32.45 -28.48
N GLN A 787 -7.06 32.87 -29.06
CA GLN A 787 -7.34 34.30 -29.14
C GLN A 787 -7.72 34.88 -27.80
N SER A 788 -8.09 34.06 -26.83
CA SER A 788 -8.47 34.55 -25.51
C SER A 788 -8.37 33.40 -24.52
N PHE A 789 -7.59 33.58 -23.46
CA PHE A 789 -7.48 32.58 -22.42
C PHE A 789 -7.47 33.26 -21.06
N ARG A 790 -8.07 32.60 -20.07
CA ARG A 790 -8.06 33.14 -18.71
C ARG A 790 -6.65 33.05 -18.14
N VAL A 791 -6.25 34.09 -17.44
CA VAL A 791 -4.90 34.06 -16.84
C VAL A 791 -4.86 32.96 -15.80
N PRO A 792 -3.73 32.26 -15.62
CA PRO A 792 -3.72 31.17 -14.63
C PRO A 792 -4.06 31.61 -13.23
N TYR A 793 -3.61 32.79 -12.80
CA TYR A 793 -3.75 33.24 -11.42
C TYR A 793 -4.81 34.32 -11.25
N ASP A 794 -5.74 34.41 -12.17
CA ASP A 794 -6.85 35.34 -12.04
C ASP A 794 -7.98 34.90 -12.95
N PRO A 795 -8.85 34.00 -12.49
CA PRO A 795 -9.84 33.41 -13.40
C PRO A 795 -10.75 34.43 -14.06
N GLY A 796 -10.93 35.61 -13.49
CA GLY A 796 -11.84 36.58 -14.07
C GLY A 796 -11.26 37.44 -15.18
N LEU A 797 -10.00 37.23 -15.56
CA LEU A 797 -9.30 38.09 -16.50
C LEU A 797 -8.89 37.28 -17.73
N LYS A 798 -9.51 37.56 -18.87
CA LYS A 798 -9.28 36.86 -20.12
C LYS A 798 -8.28 37.65 -20.96
N ALA A 799 -7.02 37.26 -20.92
CA ALA A 799 -6.04 37.88 -21.81
C ALA A 799 -6.32 37.46 -23.24
N GLY A 800 -6.00 38.35 -24.17
CA GLY A 800 -6.32 38.11 -25.56
C GLY A 800 -5.10 38.12 -26.48
N ALA A 801 -5.16 38.91 -27.54
CA ALA A 801 -4.09 38.92 -28.52
C ALA A 801 -2.80 39.48 -27.93
N LEU A 802 -1.68 38.87 -28.29
CA LEU A 802 -0.39 39.34 -27.81
C LEU A 802 -0.07 40.71 -28.37
N VAL A 803 0.86 41.39 -27.70
CA VAL A 803 1.44 42.64 -28.17
C VAL A 803 2.94 42.39 -28.29
N ILE A 804 3.46 42.45 -29.52
CA ILE A 804 4.80 41.94 -29.79
C ILE A 804 5.90 42.99 -29.66
N GLU A 805 5.55 44.28 -29.66
CA GLU A 805 6.56 45.32 -29.56
C GLU A 805 7.03 45.57 -28.14
N LYS A 806 6.37 44.99 -27.14
CA LYS A 806 6.76 45.17 -25.75
C LYS A 806 7.38 43.93 -25.11
N CYS A 807 7.18 42.75 -25.70
CA CYS A 807 7.84 41.56 -25.21
C CYS A 807 9.34 41.68 -25.41
N LYS A 808 10.10 40.95 -24.61
CA LYS A 808 11.55 41.00 -24.70
C LYS A 808 12.12 39.83 -23.88
N VAL A 809 13.44 39.80 -23.78
CA VAL A 809 14.16 38.86 -22.93
C VAL A 809 15.09 39.67 -22.04
N MET A 810 14.90 39.58 -20.73
CA MET A 810 15.70 40.38 -19.83
C MET A 810 17.15 39.90 -19.85
N ALA A 811 18.02 40.73 -19.26
CA ALA A 811 19.44 40.40 -19.18
C ALA A 811 19.70 39.46 -18.01
N SER A 812 19.00 38.33 -17.98
CA SER A 812 19.14 37.34 -16.91
C SER A 812 19.68 36.05 -17.50
N LYS A 813 20.49 35.34 -16.69
CA LYS A 813 21.04 34.08 -17.14
C LYS A 813 19.93 33.09 -17.48
N LYS A 814 18.81 33.16 -16.77
CA LYS A 814 17.64 32.34 -17.09
C LYS A 814 16.82 32.93 -18.22
N LYS A 815 17.04 34.19 -18.57
CA LYS A 815 16.39 34.83 -19.71
C LYS A 815 14.86 34.67 -19.69
N PRO A 816 14.20 35.18 -18.66
CA PRO A 816 12.73 35.12 -18.64
C PRO A 816 12.12 36.00 -19.71
N LEU A 817 10.90 35.64 -20.11
CA LEU A 817 10.19 36.37 -21.15
C LEU A 817 9.26 37.39 -20.52
N TRP A 818 9.44 38.66 -20.88
CA TRP A 818 8.63 39.77 -20.37
C TRP A 818 7.34 39.91 -21.18
N LEU A 819 6.58 38.82 -21.24
CA LEU A 819 5.44 38.79 -22.14
C LEU A 819 4.42 39.85 -21.72
N GLU A 820 3.73 40.42 -22.71
CA GLU A 820 2.71 41.44 -22.44
C GLU A 820 1.53 41.21 -23.38
N PHE A 821 0.40 40.85 -22.82
CA PHE A 821 -0.82 40.56 -23.56
C PHE A 821 -1.76 41.75 -23.43
N LYS A 822 -2.94 41.65 -24.02
CA LYS A 822 -3.96 42.67 -23.87
C LYS A 822 -5.31 42.02 -23.64
N CYS A 823 -6.21 42.77 -23.02
CA CYS A 823 -7.50 42.25 -22.63
C CYS A 823 -8.32 41.84 -23.85
N ALA A 824 -9.21 40.87 -23.65
CA ALA A 824 -10.09 40.37 -24.69
C ALA A 824 -11.55 40.75 -24.43
N ASP A 825 -11.79 41.72 -23.56
CA ASP A 825 -13.15 42.14 -23.24
C ASP A 825 -13.39 43.53 -23.80
N PRO A 826 -14.35 43.74 -24.68
CA PRO A 826 -14.60 45.10 -25.20
C PRO A 826 -15.03 46.08 -24.13
N THR A 827 -15.58 45.60 -23.02
CA THR A 827 -16.14 46.48 -22.00
C THR A 827 -15.10 47.03 -21.05
N ALA A 828 -13.83 46.65 -21.19
CA ALA A 828 -12.80 47.24 -20.35
C ALA A 828 -12.79 48.75 -20.54
N LEU A 829 -12.69 49.48 -19.43
CA LEU A 829 -12.72 50.93 -19.45
C LEU A 829 -11.34 51.56 -19.61
N SER A 830 -10.29 50.75 -19.71
CA SER A 830 -8.95 51.26 -19.95
C SER A 830 -8.24 50.34 -20.94
N ASN A 831 -7.28 50.90 -21.66
CA ASN A 831 -6.50 50.15 -22.63
C ASN A 831 -5.19 49.64 -22.05
N GLU A 832 -5.17 49.36 -20.75
CA GLU A 832 -3.98 48.81 -20.12
C GLU A 832 -3.75 47.38 -20.56
N THR A 833 -2.48 47.01 -20.67
CA THR A 833 -2.10 45.67 -21.09
C THR A 833 -2.15 44.73 -19.88
N ILE A 834 -1.60 43.53 -20.04
CA ILE A 834 -1.52 42.53 -18.97
C ILE A 834 -0.11 41.97 -19.04
N GLY A 835 0.75 42.38 -18.12
CA GLY A 835 2.13 41.91 -18.11
C GLY A 835 2.24 40.57 -17.41
N ILE A 836 3.13 39.71 -17.92
CA ILE A 836 3.42 38.43 -17.32
C ILE A 836 4.89 38.12 -17.58
N ILE A 837 5.51 37.42 -16.65
CA ILE A 837 6.89 36.97 -16.81
C ILE A 837 6.84 35.46 -16.88
N PHE A 838 7.38 34.89 -17.95
CA PHE A 838 7.44 33.44 -18.08
C PHE A 838 8.89 33.03 -17.87
N LYS A 839 9.14 32.32 -16.78
CA LYS A 839 10.51 32.04 -16.35
C LYS A 839 10.75 30.53 -16.34
N HIS A 840 11.96 30.15 -16.72
CA HIS A 840 12.38 28.75 -16.74
C HIS A 840 13.76 28.62 -16.12
N GLY A 841 13.97 27.51 -15.43
CA GLY A 841 15.25 27.25 -14.78
C GLY A 841 15.22 27.30 -13.27
N ASP A 842 14.04 27.40 -12.65
CA ASP A 842 13.95 27.40 -11.20
C ASP A 842 12.59 26.84 -10.79
N ASP A 843 12.52 26.37 -9.54
CA ASP A 843 11.30 25.80 -8.97
C ASP A 843 10.57 26.87 -8.19
N LEU A 844 9.32 27.13 -8.57
CA LEU A 844 8.54 28.22 -7.99
C LEU A 844 7.45 27.72 -7.06
N ARG A 845 7.61 26.51 -6.50
CA ARG A 845 6.65 26.05 -5.50
C ARG A 845 6.80 26.81 -4.19
N GLN A 846 8.03 27.16 -3.82
CA GLN A 846 8.22 27.95 -2.61
C GLN A 846 7.59 29.32 -2.74
N ASP A 847 7.75 29.97 -3.89
CA ASP A 847 7.27 31.34 -4.04
C ASP A 847 5.76 31.40 -3.91
N MET A 848 5.03 30.34 -4.26
CA MET A 848 3.59 30.35 -4.07
C MET A 848 3.21 30.11 -2.62
N LEU A 849 4.16 29.72 -1.78
CA LEU A 849 3.94 29.51 -0.35
C LEU A 849 4.28 30.76 0.45
N ILE A 850 5.52 31.24 0.34
CA ILE A 850 5.95 32.46 0.99
C ILE A 850 5.17 33.64 0.41
N LEU A 851 4.30 33.38 -0.56
CA LEU A 851 3.32 34.35 -1.02
C LEU A 851 1.90 33.93 -0.72
N GLN A 852 1.67 32.69 -0.31
CA GLN A 852 0.39 32.32 0.26
C GLN A 852 0.37 32.58 1.76
N ILE A 853 1.52 32.44 2.42
CA ILE A 853 1.63 32.74 3.84
C ILE A 853 1.36 34.21 4.10
N LEU A 854 1.99 35.09 3.31
CA LEU A 854 1.86 36.53 3.53
C LEU A 854 0.41 36.99 3.35
N ARG A 855 -0.20 36.61 2.24
CA ARG A 855 -1.62 36.87 2.06
C ARG A 855 -2.47 36.37 3.22
N ILE A 856 -2.10 35.26 3.86
CA ILE A 856 -2.80 34.88 5.09
C ILE A 856 -2.45 35.81 6.24
N MET A 857 -1.20 36.27 6.32
CA MET A 857 -0.85 37.26 7.33
C MET A 857 -1.60 38.57 7.10
N GLU A 858 -1.84 38.92 5.83
CA GLU A 858 -2.58 40.12 5.53
C GLU A 858 -4.00 40.04 6.08
N SER A 859 -4.61 38.86 5.98
CA SER A 859 -5.93 38.69 6.59
C SER A 859 -5.87 38.83 8.10
N ILE A 860 -4.76 38.39 8.72
CA ILE A 860 -4.64 38.52 10.17
C ILE A 860 -4.70 39.99 10.57
N TRP A 861 -3.75 40.78 10.08
CA TRP A 861 -3.74 42.22 10.27
C TRP A 861 -5.01 42.90 9.80
N GLU A 862 -5.88 42.19 9.07
CA GLU A 862 -7.23 42.68 8.87
C GLU A 862 -8.20 42.25 9.96
N THR A 863 -7.92 41.16 10.67
CA THR A 863 -8.79 40.83 11.79
C THR A 863 -8.65 41.83 12.92
N GLU A 864 -7.64 42.70 12.86
CA GLU A 864 -7.44 43.76 13.83
C GLU A 864 -7.66 45.13 13.21
N SER A 865 -8.28 45.19 12.03
CA SER A 865 -8.56 46.45 11.35
C SER A 865 -7.30 47.27 11.15
N LEU A 866 -6.20 46.60 10.82
CA LEU A 866 -4.98 47.23 10.37
C LEU A 866 -4.83 47.00 8.87
N ASP A 867 -4.16 47.92 8.19
CA ASP A 867 -4.00 47.84 6.75
C ASP A 867 -2.54 48.10 6.36
N LEU A 868 -1.62 47.39 6.98
CA LEU A 868 -0.27 47.36 6.43
C LEU A 868 -0.40 47.01 4.96
N CYS A 869 0.22 47.82 4.10
CA CYS A 869 -0.05 47.75 2.67
C CYS A 869 1.05 46.94 1.99
N LEU A 870 0.90 45.62 2.07
CA LEU A 870 1.82 44.73 1.36
C LEU A 870 1.48 44.75 -0.12
N LEU A 871 2.37 44.17 -0.92
CA LEU A 871 2.15 44.01 -2.35
C LEU A 871 2.31 42.53 -2.64
N PRO A 872 1.33 41.70 -2.32
CA PRO A 872 1.42 40.29 -2.71
C PRO A 872 0.97 40.10 -4.14
N TYR A 873 1.93 39.87 -5.03
CA TYR A 873 1.62 39.76 -6.44
C TYR A 873 1.22 38.33 -6.75
N GLY A 874 0.83 38.09 -8.00
CA GLY A 874 0.45 36.76 -8.41
C GLY A 874 1.69 35.95 -8.78
N CYS A 875 1.59 34.65 -8.58
CA CYS A 875 2.67 33.76 -8.96
C CYS A 875 2.10 32.35 -9.00
N ILE A 876 2.75 31.48 -9.76
CA ILE A 876 2.28 30.11 -9.88
C ILE A 876 3.39 29.28 -10.48
N SER A 877 3.36 27.99 -10.20
CA SER A 877 4.26 27.01 -10.79
C SER A 877 3.40 26.01 -11.54
N THR A 878 3.74 25.76 -12.80
CA THR A 878 2.88 25.00 -13.69
C THR A 878 3.47 23.67 -14.14
N GLY A 879 4.77 23.46 -13.98
CA GLY A 879 5.36 22.21 -14.40
C GLY A 879 6.81 22.08 -13.98
N ASP A 880 7.63 21.59 -14.90
CA ASP A 880 9.03 21.25 -14.62
C ASP A 880 9.87 22.52 -14.66
N LYS A 881 10.05 23.14 -13.51
CA LYS A 881 10.93 24.31 -13.37
C LYS A 881 10.49 25.46 -14.29
N ILE A 882 9.18 25.64 -14.43
CA ILE A 882 8.63 26.74 -15.21
C ILE A 882 7.66 27.51 -14.32
N GLY A 883 7.51 28.80 -14.58
CA GLY A 883 6.70 29.64 -13.74
C GLY A 883 6.13 30.81 -14.50
N MET A 884 4.96 31.27 -14.05
CA MET A 884 4.20 32.35 -14.68
C MET A 884 3.94 33.41 -13.61
N ILE A 885 4.85 34.39 -13.50
CA ILE A 885 4.76 35.44 -12.49
C ILE A 885 3.99 36.62 -13.07
N GLU A 886 3.28 37.35 -12.21
CA GLU A 886 2.55 38.53 -12.63
C GLU A 886 3.45 39.75 -12.59
N ILE A 887 3.17 40.70 -13.48
CA ILE A 887 3.95 41.94 -13.60
C ILE A 887 3.17 43.07 -12.94
N VAL A 888 3.87 43.87 -12.14
CA VAL A 888 3.28 45.02 -11.46
C VAL A 888 3.63 46.26 -12.27
N LYS A 889 2.61 47.00 -12.67
CA LYS A 889 2.82 48.19 -13.49
C LYS A 889 3.51 49.29 -12.69
N ASP A 890 4.45 49.97 -13.35
CA ASP A 890 5.12 51.14 -12.78
C ASP A 890 5.90 50.77 -11.52
N ALA A 891 6.84 49.86 -11.69
CA ALA A 891 7.70 49.40 -10.60
C ALA A 891 9.15 49.56 -11.01
N THR A 892 10.04 49.53 -10.03
CA THR A 892 11.46 49.59 -10.34
C THR A 892 12.27 49.07 -9.17
N THR A 893 13.30 48.31 -9.46
CA THR A 893 14.12 47.69 -8.43
C THR A 893 15.01 48.74 -7.76
N ILE A 894 15.22 48.57 -6.46
CA ILE A 894 16.03 49.52 -5.72
C ILE A 894 17.47 49.50 -6.23
N ALA A 895 17.99 48.30 -6.51
CA ALA A 895 19.32 48.20 -7.10
C ALA A 895 19.44 49.10 -8.32
N LYS A 896 18.32 49.41 -8.98
CA LYS A 896 18.34 50.30 -10.13
C LYS A 896 18.12 51.74 -9.73
N ILE A 897 17.31 51.97 -8.69
CA ILE A 897 17.12 53.32 -8.16
C ILE A 897 18.36 53.68 -7.36
N GLN A 898 19.36 52.80 -7.35
CA GLN A 898 20.68 53.11 -6.83
C GLN A 898 21.77 53.07 -7.89
N GLN A 899 21.48 52.54 -9.07
CA GLN A 899 22.44 52.55 -10.18
C GLN A 899 22.31 53.82 -11.01
N PHE A 908 27.07 53.13 -2.26
CA PHE A 908 25.62 53.24 -2.21
C PHE A 908 25.19 54.62 -1.72
N LYS A 909 24.89 55.52 -2.67
CA LYS A 909 24.45 56.85 -2.30
C LYS A 909 23.16 56.79 -1.50
N ASP A 910 23.14 57.51 -0.38
CA ASP A 910 22.02 57.39 0.55
C ASP A 910 20.78 58.12 0.05
N GLU A 911 20.93 59.38 -0.32
CA GLU A 911 19.84 60.25 -0.75
C GLU A 911 19.21 59.88 -2.08
N VAL A 912 19.52 58.79 -2.79
CA VAL A 912 18.93 58.59 -4.12
C VAL A 912 17.44 58.29 -4.01
N LEU A 913 17.08 57.38 -3.11
CA LEU A 913 15.70 56.90 -3.03
C LEU A 913 14.73 58.06 -2.90
N SER A 914 14.94 58.93 -1.91
CA SER A 914 13.99 60.01 -1.65
C SER A 914 13.82 60.88 -2.89
N HIS A 915 14.91 61.19 -3.58
CA HIS A 915 14.80 62.05 -4.75
C HIS A 915 14.11 61.34 -5.90
N TRP A 916 14.24 60.01 -5.96
CA TRP A 916 13.58 59.25 -7.01
C TRP A 916 12.06 59.41 -6.93
N LEU A 917 11.48 59.18 -5.75
CA LEU A 917 10.04 59.33 -5.62
C LEU A 917 9.60 60.77 -5.82
N LYS A 918 10.42 61.73 -5.40
CA LYS A 918 10.10 63.13 -5.64
C LYS A 918 10.01 63.42 -7.13
N GLU A 919 10.96 62.89 -7.91
CA GLU A 919 10.95 63.12 -9.35
C GLU A 919 9.71 62.54 -10.01
N LYS A 920 9.32 61.32 -9.63
CA LYS A 920 8.16 60.70 -10.25
C LYS A 920 6.89 61.46 -9.93
N CYS A 921 6.75 61.92 -8.69
CA CYS A 921 5.57 62.64 -8.23
C CYS A 921 6.01 63.93 -7.53
N PRO A 922 6.44 64.93 -8.30
CA PRO A 922 6.83 66.21 -7.68
C PRO A 922 5.69 66.86 -6.91
N ILE A 923 4.45 66.67 -7.34
CA ILE A 923 3.32 67.27 -6.66
C ILE A 923 3.39 66.89 -5.18
N GLU A 924 3.38 67.91 -4.31
CA GLU A 924 3.61 67.64 -2.89
C GLU A 924 2.53 66.74 -2.32
N GLU A 925 1.26 66.98 -2.66
CA GLU A 925 0.19 66.15 -2.14
C GLU A 925 0.43 64.69 -2.49
N LYS A 926 0.78 64.42 -3.74
CA LYS A 926 1.08 63.05 -4.14
C LYS A 926 2.32 62.54 -3.44
N PHE A 927 3.34 63.39 -3.27
CA PHE A 927 4.54 62.93 -2.59
C PHE A 927 4.25 62.54 -1.15
N GLN A 928 3.49 63.36 -0.44
CA GLN A 928 3.18 63.02 0.95
C GLN A 928 2.38 61.73 1.02
N ALA A 929 1.36 61.60 0.17
CA ALA A 929 0.58 60.38 0.16
C ALA A 929 1.45 59.19 -0.21
N ALA A 930 2.48 59.42 -1.03
CA ALA A 930 3.36 58.34 -1.44
C ALA A 930 4.25 57.89 -0.29
N VAL A 931 4.85 58.83 0.44
CA VAL A 931 5.71 58.44 1.55
C VAL A 931 4.87 57.80 2.64
N GLU A 932 3.57 58.08 2.67
CA GLU A 932 2.68 57.40 3.61
C GLU A 932 2.78 55.89 3.41
N ARG A 933 2.58 55.45 2.18
CA ARG A 933 2.62 54.02 1.87
C ARG A 933 4.01 53.44 2.05
N PHE A 934 5.06 54.18 1.68
CA PHE A 934 6.41 53.64 1.77
C PHE A 934 6.74 53.22 3.19
N VAL A 935 6.00 53.74 4.17
CA VAL A 935 6.19 53.39 5.58
C VAL A 935 5.23 52.28 5.99
N TYR A 936 3.93 52.47 5.75
CA TYR A 936 2.95 51.44 6.05
C TYR A 936 3.27 50.11 5.40
N SER A 937 4.22 50.08 4.46
CA SER A 937 4.62 48.84 3.81
C SER A 937 6.09 48.50 4.01
N CYS A 938 6.92 49.45 4.44
CA CYS A 938 8.28 49.11 4.84
C CYS A 938 8.29 48.44 6.20
N ALA A 939 7.17 48.49 6.92
CA ALA A 939 6.99 47.72 8.15
C ALA A 939 6.53 46.31 7.79
N GLY A 940 5.30 46.19 7.30
CA GLY A 940 4.75 44.94 6.80
C GLY A 940 5.80 43.96 6.33
N TYR A 941 6.84 44.47 5.66
CA TYR A 941 7.88 43.60 5.15
C TYR A 941 8.99 43.41 6.17
N CYS A 942 9.36 44.46 6.92
CA CYS A 942 10.22 44.24 8.08
C CYS A 942 9.66 43.16 9.00
N VAL A 943 8.34 43.16 9.21
CA VAL A 943 7.74 42.16 10.08
C VAL A 943 7.81 40.79 9.42
N ALA A 944 7.25 40.69 8.21
CA ALA A 944 7.00 39.39 7.61
C ALA A 944 8.28 38.62 7.41
N THR A 945 9.29 39.25 6.83
CA THR A 945 10.53 38.56 6.55
C THR A 945 11.39 38.33 7.78
N PHE A 946 10.99 38.89 8.92
CA PHE A 946 11.68 38.57 10.18
C PHE A 946 11.01 37.41 10.91
N VAL A 947 9.68 37.37 10.92
CA VAL A 947 8.95 36.27 11.53
C VAL A 947 9.30 34.96 10.83
N LEU A 948 9.31 34.97 9.51
CA LEU A 948 9.59 33.77 8.72
C LEU A 948 11.08 33.43 8.68
N GLY A 949 11.95 34.34 9.09
CA GLY A 949 13.37 34.06 9.14
C GLY A 949 14.11 34.25 7.84
N ILE A 950 13.57 35.02 6.91
CA ILE A 950 14.18 35.24 5.60
C ILE A 950 14.43 36.73 5.42
N GLY A 951 14.72 37.43 6.52
CA GLY A 951 14.93 38.87 6.43
C GLY A 951 16.18 39.25 5.66
N ASP A 952 17.29 38.56 5.91
CA ASP A 952 18.57 38.95 5.32
C ASP A 952 18.54 38.67 3.83
N ARG A 953 18.48 39.73 3.03
CA ARG A 953 18.37 39.62 1.58
C ARG A 953 19.23 40.67 0.92
N HIS A 954 19.52 40.45 -0.36
CA HIS A 954 20.31 41.38 -1.14
C HIS A 954 19.46 42.53 -1.65
N ASN A 955 20.08 43.70 -1.78
CA ASN A 955 19.39 44.88 -2.30
C ASN A 955 18.75 44.60 -3.65
N ASP A 956 19.34 43.71 -4.45
CA ASP A 956 18.90 43.51 -5.83
C ASP A 956 17.55 42.79 -5.91
N ASN A 957 17.03 42.29 -4.79
CA ASN A 957 15.78 41.54 -4.81
C ASN A 957 14.64 42.31 -4.17
N ILE A 958 14.80 43.63 -4.03
CA ILE A 958 13.79 44.52 -3.45
C ILE A 958 13.35 45.47 -4.54
N MET A 959 12.12 45.96 -4.45
CA MET A 959 11.57 46.82 -5.47
C MET A 959 10.80 47.95 -4.81
N ILE A 960 10.17 48.78 -5.65
CA ILE A 960 9.34 49.88 -5.20
C ILE A 960 8.47 50.32 -6.36
N SER A 961 7.18 50.46 -6.12
CA SER A 961 6.31 50.99 -7.16
C SER A 961 6.42 52.51 -7.17
N GLU A 962 5.94 53.12 -8.25
CA GLU A 962 6.09 54.57 -8.36
C GLU A 962 5.25 55.29 -7.32
N THR A 963 4.13 54.70 -6.90
CA THR A 963 3.32 55.26 -5.84
C THR A 963 3.91 55.01 -4.46
N GLY A 964 5.17 54.59 -4.37
CA GLY A 964 5.87 54.49 -3.10
C GLY A 964 5.74 53.18 -2.38
N ASN A 965 5.07 52.18 -2.96
CA ASN A 965 4.83 50.92 -2.28
C ASN A 965 6.05 50.02 -2.46
N LEU A 966 6.69 49.68 -1.35
CA LEU A 966 7.83 48.78 -1.40
C LEU A 966 7.35 47.33 -1.42
N PHE A 967 8.17 46.45 -1.98
CA PHE A 967 7.76 45.05 -2.09
C PHE A 967 8.96 44.19 -2.51
N HIS A 968 8.97 42.94 -2.05
CA HIS A 968 10.06 42.02 -2.29
C HIS A 968 9.69 41.07 -3.42
N ILE A 969 10.71 40.41 -3.98
CA ILE A 969 10.55 39.53 -5.12
C ILE A 969 11.61 38.44 -5.05
N ASP A 970 11.46 37.45 -5.93
CA ASP A 970 12.44 36.37 -6.07
C ASP A 970 12.71 35.66 -4.75
N PHE A 971 11.75 34.91 -4.25
CA PHE A 971 11.91 34.14 -3.01
C PHE A 971 12.62 32.83 -3.36
N GLY A 972 13.94 32.93 -3.53
CA GLY A 972 14.78 31.79 -3.82
C GLY A 972 14.33 30.49 -3.18
N GLU A 987 26.17 35.56 10.32
CA GLU A 987 25.68 36.89 10.66
C GLU A 987 24.33 37.12 10.02
N ARG A 988 23.38 37.60 10.82
CA ARG A 988 22.01 37.82 10.39
C ARG A 988 21.61 39.27 10.59
N VAL A 989 20.46 39.62 10.02
CA VAL A 989 19.83 40.92 10.24
C VAL A 989 18.35 40.70 10.43
N PRO A 990 17.66 41.48 11.27
CA PRO A 990 16.21 41.30 11.39
C PRO A 990 15.49 41.42 10.05
N PHE A 991 15.89 42.35 9.22
CA PHE A 991 15.31 42.55 7.89
C PHE A 991 16.23 43.53 7.16
N VAL A 992 15.81 43.96 5.98
CA VAL A 992 16.53 44.96 5.20
C VAL A 992 15.87 46.31 5.46
N LEU A 993 16.55 47.17 6.21
CA LEU A 993 16.07 48.49 6.56
C LEU A 993 17.17 49.53 6.37
N THR A 994 17.78 49.51 5.19
CA THR A 994 18.90 50.39 4.87
C THR A 994 18.60 51.84 5.23
N PRO A 995 19.64 52.65 5.44
CA PRO A 995 19.40 54.07 5.77
C PRO A 995 18.53 54.78 4.76
N ASP A 996 18.70 54.46 3.47
CA ASP A 996 17.90 55.11 2.44
C ASP A 996 16.41 55.06 2.80
N PHE A 997 15.95 53.93 3.33
CA PHE A 997 14.52 53.79 3.59
C PHE A 997 14.09 54.81 4.64
N LEU A 998 14.82 54.86 5.76
CA LEU A 998 14.50 55.82 6.81
C LEU A 998 14.79 57.24 6.35
N PHE A 999 15.71 57.40 5.39
CA PHE A 999 15.93 58.72 4.82
C PHE A 999 14.63 59.29 4.29
N VAL A 1000 13.73 58.41 3.84
CA VAL A 1000 12.49 58.84 3.18
C VAL A 1000 11.39 59.01 4.20
N MET A 1001 11.67 58.73 5.48
CA MET A 1001 10.73 58.90 6.57
C MET A 1001 11.01 60.18 7.34
N GLY A 1002 12.12 60.85 7.03
CA GLY A 1002 12.50 62.08 7.70
C GLY A 1002 13.56 61.84 8.75
N THR A 1003 14.43 60.86 8.50
CA THR A 1003 15.42 60.42 9.48
C THR A 1003 16.82 60.48 8.90
N SER A 1004 17.78 60.76 9.77
CA SER A 1004 19.19 60.78 9.40
C SER A 1004 20.05 60.80 10.65
N GLY A 1005 20.96 59.84 10.79
CA GLY A 1005 21.82 59.80 11.96
C GLY A 1005 21.12 59.21 13.16
N LYS A 1006 20.64 60.08 14.06
CA LYS A 1006 19.98 59.66 15.28
C LYS A 1006 18.62 60.33 15.46
N LYS A 1007 18.16 61.09 14.48
CA LYS A 1007 16.93 61.84 14.60
C LYS A 1007 15.73 60.89 14.69
N THR A 1008 14.60 61.44 15.13
CA THR A 1008 13.31 60.77 15.04
C THR A 1008 12.36 61.70 14.31
N SER A 1009 11.71 61.19 13.28
CA SER A 1009 10.77 61.94 12.48
C SER A 1009 9.35 61.55 12.83
N LEU A 1010 8.40 62.45 12.56
CA LEU A 1010 7.01 62.11 12.75
C LEU A 1010 6.64 60.81 12.03
N HIS A 1011 7.42 60.42 11.02
CA HIS A 1011 7.16 59.15 10.35
C HIS A 1011 7.97 58.02 10.97
N PHE A 1012 9.23 58.29 11.38
CA PHE A 1012 10.04 57.24 11.96
C PHE A 1012 9.30 56.61 13.13
N GLN A 1013 8.56 57.43 13.88
CA GLN A 1013 7.87 56.92 15.05
C GLN A 1013 6.62 56.19 14.61
N LYS A 1014 5.94 56.71 13.57
CA LYS A 1014 4.74 56.06 13.11
C LYS A 1014 5.09 54.74 12.45
N PHE A 1015 6.36 54.57 12.07
CA PHE A 1015 6.83 53.28 11.59
C PHE A 1015 6.96 52.34 12.78
N GLN A 1016 7.67 52.78 13.81
CA GLN A 1016 7.91 51.89 14.95
C GLN A 1016 6.57 51.55 15.57
N ASP A 1017 5.74 52.57 15.81
CA ASP A 1017 4.39 52.35 16.29
C ASP A 1017 3.71 51.27 15.46
N VAL A 1018 3.64 51.50 14.14
CA VAL A 1018 2.92 50.59 13.25
C VAL A 1018 3.56 49.21 13.33
N CYS A 1019 4.85 49.14 13.01
CA CYS A 1019 5.65 47.92 13.11
C CYS A 1019 5.15 47.10 14.29
N VAL A 1020 5.37 47.59 15.51
CA VAL A 1020 5.05 46.82 16.70
C VAL A 1020 3.55 46.52 16.72
N LYS A 1021 2.72 47.55 16.57
CA LYS A 1021 1.27 47.34 16.53
C LYS A 1021 0.87 46.18 15.64
N ALA A 1022 1.75 45.77 14.73
CA ALA A 1022 1.53 44.61 13.87
C ALA A 1022 2.11 43.34 14.48
N TYR A 1023 3.40 43.37 14.85
CA TYR A 1023 3.98 42.24 15.56
C TYR A 1023 3.03 41.68 16.61
N LEU A 1024 2.43 42.54 17.40
CA LEU A 1024 1.61 42.06 18.51
C LEU A 1024 0.32 41.43 18.00
N ALA A 1025 -0.12 41.83 16.81
CA ALA A 1025 -1.28 41.21 16.18
C ALA A 1025 -0.98 39.77 15.82
N LEU A 1026 0.24 39.51 15.32
CA LEU A 1026 0.63 38.15 14.96
C LEU A 1026 0.75 37.27 16.21
N ARG A 1027 1.42 37.76 17.24
CA ARG A 1027 1.53 36.99 18.48
C ARG A 1027 0.20 36.46 18.95
N HIS A 1028 -0.90 37.12 18.58
CA HIS A 1028 -2.20 36.62 18.96
C HIS A 1028 -2.61 35.40 18.14
N HIS A 1029 -1.82 35.01 17.15
CA HIS A 1029 -2.06 33.81 16.35
C HIS A 1029 -0.78 32.98 16.28
N THR A 1030 -0.08 32.85 17.41
CA THR A 1030 1.21 32.18 17.40
C THR A 1030 1.07 30.72 17.00
N ASN A 1031 -0.03 30.08 17.40
CA ASN A 1031 -0.23 28.68 17.04
C ASN A 1031 -0.31 28.51 15.53
N LEU A 1032 -1.14 29.31 14.86
CA LEU A 1032 -1.30 29.16 13.42
C LEU A 1032 0.01 29.39 12.70
N LEU A 1033 0.74 30.44 13.06
CA LEU A 1033 2.01 30.69 12.39
C LEU A 1033 2.99 29.56 12.64
N ILE A 1034 2.79 28.75 13.67
CA ILE A 1034 3.76 27.73 14.00
C ILE A 1034 3.40 26.40 13.34
N ILE A 1035 2.11 26.15 13.10
CA ILE A 1035 1.69 24.97 12.36
C ILE A 1035 1.97 25.15 10.88
N LEU A 1036 1.76 26.36 10.36
CA LEU A 1036 1.92 26.63 8.94
C LEU A 1036 3.37 26.74 8.55
N PHE A 1037 4.22 27.24 9.46
CA PHE A 1037 5.66 27.23 9.21
C PHE A 1037 6.14 25.80 9.06
N SER A 1038 5.83 24.96 10.05
CA SER A 1038 6.25 23.56 10.04
C SER A 1038 5.78 22.86 8.77
N MET A 1039 4.46 22.83 8.54
CA MET A 1039 3.93 22.23 7.33
C MET A 1039 4.72 22.69 6.10
N MET A 1040 4.78 24.00 5.86
CA MET A 1040 5.59 24.50 4.77
C MET A 1040 6.90 23.73 4.73
N LEU A 1041 7.82 24.03 5.66
CA LEU A 1041 9.15 23.44 5.67
C LEU A 1041 9.15 22.00 5.16
N MET A 1042 8.51 21.08 5.91
CA MET A 1042 8.54 19.67 5.52
C MET A 1042 8.08 19.50 4.08
N THR A 1043 6.82 19.85 3.80
CA THR A 1043 6.23 19.63 2.49
C THR A 1043 6.69 20.66 1.46
N GLY A 1044 7.75 21.40 1.76
CA GLY A 1044 8.25 22.42 0.86
C GLY A 1044 9.64 22.11 0.36
N MET A 1045 10.64 22.77 0.93
CA MET A 1045 12.03 22.61 0.51
C MET A 1045 12.37 21.17 0.13
N LYS A 1051 14.47 19.88 13.59
CA LYS A 1051 13.63 20.70 14.45
C LYS A 1051 14.34 21.98 14.85
N GLU A 1052 15.68 21.90 14.93
CA GLU A 1052 16.46 23.11 15.16
C GLU A 1052 16.13 24.16 14.12
N ASP A 1053 15.85 23.73 12.89
CA ASP A 1053 15.43 24.67 11.86
C ASP A 1053 14.11 25.34 12.24
N ILE A 1054 13.16 24.57 12.77
CA ILE A 1054 11.84 25.10 13.10
C ILE A 1054 11.82 25.80 14.44
N GLU A 1055 12.91 25.76 15.20
CA GLU A 1055 12.97 26.51 16.46
C GLU A 1055 13.02 28.01 16.24
N TYR A 1056 13.28 28.47 15.02
CA TYR A 1056 13.35 29.91 14.76
C TYR A 1056 12.00 30.58 14.98
N ILE A 1057 10.91 29.89 14.66
CA ILE A 1057 9.59 30.53 14.65
C ILE A 1057 9.02 30.65 16.06
N ARG A 1058 9.87 30.54 17.07
CA ARG A 1058 9.45 30.78 18.44
C ARG A 1058 10.39 31.80 19.06
N ASP A 1059 11.69 31.51 19.04
CA ASP A 1059 12.70 32.45 19.51
C ASP A 1059 12.52 33.83 18.91
N ALA A 1060 11.76 33.92 17.81
CA ALA A 1060 11.53 35.18 17.13
C ALA A 1060 10.06 35.54 17.02
N LEU A 1061 9.15 34.63 17.32
CA LEU A 1061 7.74 34.97 17.45
C LEU A 1061 7.35 35.19 18.91
N THR A 1062 8.34 35.25 19.81
CA THR A 1062 8.15 35.50 21.24
C THR A 1062 7.02 34.65 21.82
N VAL A 1063 7.30 33.34 21.85
CA VAL A 1063 6.43 32.38 22.51
C VAL A 1063 7.04 32.14 23.88
N GLY A 1064 6.28 32.40 24.94
CA GLY A 1064 6.89 32.55 26.24
C GLY A 1064 6.52 33.89 26.86
N LYS A 1065 7.45 34.83 26.79
CA LYS A 1065 7.32 36.11 27.45
C LYS A 1065 6.00 36.79 27.05
N SER A 1066 5.68 37.87 27.75
CA SER A 1066 4.40 38.55 27.65
C SER A 1066 4.51 39.80 26.77
N GLU A 1067 3.38 40.46 26.58
CA GLU A 1067 3.29 41.54 25.60
C GLU A 1067 4.42 42.55 25.78
N GLU A 1068 4.61 43.05 27.01
CA GLU A 1068 5.61 44.09 27.20
C GLU A 1068 6.99 43.53 26.85
N ASP A 1069 7.22 42.26 27.16
CA ASP A 1069 8.53 41.67 26.96
C ASP A 1069 8.84 41.58 25.47
N ALA A 1070 7.80 41.46 24.65
CA ALA A 1070 7.89 41.43 23.19
C ALA A 1070 7.90 42.85 22.63
N LYS A 1071 6.92 43.67 23.02
CA LYS A 1071 6.84 45.05 22.58
C LYS A 1071 8.17 45.78 22.73
N LYS A 1072 9.09 45.23 23.52
CA LYS A 1072 10.46 45.72 23.56
C LYS A 1072 11.43 44.78 22.84
N TYR A 1073 11.01 43.55 22.58
CA TYR A 1073 11.80 42.62 21.78
C TYR A 1073 12.07 43.19 20.39
N PHE A 1074 10.99 43.51 19.67
CA PHE A 1074 11.10 43.97 18.29
C PHE A 1074 11.56 45.42 18.18
N LEU A 1075 11.32 46.25 19.20
CA LEU A 1075 11.85 47.60 19.14
C LEU A 1075 13.36 47.57 19.24
N ASP A 1076 13.90 46.63 20.01
CA ASP A 1076 15.34 46.47 20.07
C ASP A 1076 15.86 45.99 18.72
N GLN A 1077 15.08 45.15 18.05
CA GLN A 1077 15.43 44.67 16.72
C GLN A 1077 15.48 45.82 15.72
N ILE A 1078 14.46 46.69 15.74
CA ILE A 1078 14.42 47.78 14.78
C ILE A 1078 15.69 48.61 14.90
N GLU A 1079 16.22 48.72 16.11
CA GLU A 1079 17.40 49.54 16.35
C GLU A 1079 18.64 48.84 15.83
N VAL A 1080 18.81 47.56 16.19
CA VAL A 1080 19.91 46.73 15.72
C VAL A 1080 20.19 47.07 14.26
N CYS A 1081 19.13 47.16 13.46
CA CYS A 1081 19.31 47.47 12.04
C CYS A 1081 19.82 48.89 11.85
N ARG A 1082 19.31 49.84 12.63
CA ARG A 1082 19.72 51.23 12.51
C ARG A 1082 21.23 51.41 12.60
N ASP A 1083 21.95 50.51 13.26
CA ASP A 1083 23.40 50.58 13.25
C ASP A 1083 24.01 49.93 12.02
N LYS A 1084 23.48 48.76 11.62
CA LYS A 1084 23.99 48.07 10.44
C LYS A 1084 24.08 49.00 9.23
N GLY A 1085 23.04 49.80 8.99
CA GLY A 1085 23.01 50.70 7.86
C GLY A 1085 23.35 50.07 6.52
N TRP A 1086 24.49 50.43 5.95
CA TRP A 1086 24.95 49.89 4.66
C TRP A 1086 26.24 49.11 4.89
N THR A 1087 26.12 47.88 5.39
CA THR A 1087 27.27 46.98 5.43
C THR A 1087 26.87 45.59 4.96
N VAL A 1088 25.70 45.13 5.41
CA VAL A 1088 25.22 43.82 5.00
C VAL A 1088 25.06 43.76 3.48
N GLN A 1089 24.34 44.74 2.92
CA GLN A 1089 24.18 44.82 1.47
C GLN A 1089 25.53 44.76 0.77
N PHE A 1090 26.56 45.33 1.39
CA PHE A 1090 27.91 45.21 0.88
C PHE A 1090 28.17 43.72 0.66
N ASN A 1091 28.29 42.95 1.75
CA ASN A 1091 28.48 41.50 1.69
C ASN A 1091 27.76 40.92 0.48
N TRP A 1092 26.44 41.09 0.42
CA TRP A 1092 25.62 40.51 -0.64
C TRP A 1092 26.23 40.80 -2.00
N PHE A 1093 26.19 42.06 -2.43
CA PHE A 1093 26.71 42.38 -3.76
C PHE A 1093 28.16 41.94 -3.90
N LEU A 1094 28.92 41.97 -2.82
CA LEU A 1094 30.34 41.60 -2.91
C LEU A 1094 30.48 40.17 -3.41
N HIS A 1095 29.84 39.21 -2.73
CA HIS A 1095 29.95 37.82 -3.18
C HIS A 1095 29.29 37.65 -4.54
N LEU A 1096 28.25 38.41 -4.84
CA LEU A 1096 27.52 38.25 -6.08
C LEU A 1096 28.27 38.88 -7.25
N VAL A 1097 29.31 39.67 -6.97
CA VAL A 1097 30.16 40.25 -8.00
C VAL A 1097 31.50 39.52 -8.08
N LEU A 1098 31.91 38.84 -7.01
CA LEU A 1098 33.19 38.14 -6.99
C LEU A 1098 33.13 36.86 -7.79
N THR B 7 6.74 -40.48 39.20
CA THR B 7 7.08 -41.93 39.30
C THR B 7 8.36 -42.22 38.53
N CYS B 8 8.88 -43.45 38.66
CA CYS B 8 10.10 -43.81 37.95
C CYS B 8 9.82 -44.00 36.47
N THR B 9 8.73 -44.69 36.12
CA THR B 9 8.42 -44.92 34.71
C THR B 9 8.12 -43.60 34.01
N GLU B 10 7.28 -42.76 34.62
CA GLU B 10 6.92 -41.49 34.01
C GLU B 10 8.15 -40.61 33.83
N ASP B 11 9.02 -40.56 34.84
CA ASP B 11 10.24 -39.76 34.72
C ASP B 11 11.12 -40.28 33.58
N ARG B 12 11.23 -41.61 33.44
CA ARG B 12 12.05 -42.16 32.37
C ARG B 12 11.50 -41.82 31.00
N ILE B 13 10.18 -41.86 30.84
CA ILE B 13 9.60 -41.53 29.54
C ILE B 13 9.96 -40.09 29.16
N GLN B 14 9.88 -39.16 30.10
CA GLN B 14 10.18 -37.78 29.80
C GLN B 14 11.62 -37.62 29.33
N HIS B 15 12.56 -38.27 30.00
CA HIS B 15 13.95 -38.21 29.56
C HIS B 15 14.12 -38.80 28.18
N ALA B 16 13.48 -39.93 27.91
CA ALA B 16 13.57 -40.53 26.58
C ALA B 16 12.98 -39.61 25.53
N LEU B 17 11.83 -38.99 25.82
CA LEU B 17 11.22 -38.10 24.85
C LEU B 17 12.12 -36.91 24.53
N GLU B 18 13.02 -36.56 25.44
CA GLU B 18 13.97 -35.49 25.14
C GLU B 18 14.98 -35.96 24.11
N ARG B 19 15.49 -37.18 24.25
CA ARG B 19 16.53 -37.67 23.33
C ARG B 19 15.98 -37.83 21.93
N CYS B 20 14.67 -37.74 21.75
CA CYS B 20 14.03 -37.73 20.45
C CYS B 20 13.68 -36.33 19.99
N LEU B 21 13.68 -35.35 20.89
CA LEU B 21 13.57 -33.94 20.55
C LEU B 21 14.89 -33.28 20.91
N HIS B 22 15.85 -33.40 19.99
CA HIS B 22 17.22 -32.94 20.22
C HIS B 22 18.02 -33.31 18.98
N CYS B 38 17.50 -41.16 15.09
CA CYS B 38 18.32 -42.36 15.21
C CYS B 38 17.56 -43.42 16.02
N LEU B 39 18.30 -44.30 16.69
CA LEU B 39 17.68 -45.33 17.51
C LEU B 39 16.90 -44.74 18.68
N ASN B 40 17.15 -43.47 19.01
CA ASN B 40 16.48 -42.85 20.14
C ASN B 40 14.97 -42.83 19.96
N CYS B 41 14.51 -42.45 18.77
CA CYS B 41 13.07 -42.48 18.51
C CYS B 41 12.53 -43.91 18.53
N TRP B 42 13.28 -44.86 17.95
CA TRP B 42 12.85 -46.24 18.02
C TRP B 42 12.83 -46.74 19.46
N SER B 43 13.84 -46.36 20.24
CA SER B 43 13.86 -46.76 21.65
C SER B 43 12.64 -46.22 22.38
N LEU B 44 12.20 -45.01 22.03
CA LEU B 44 11.01 -44.45 22.65
C LEU B 44 9.80 -45.33 22.39
N GLN B 45 9.62 -45.80 21.15
CA GLN B 45 8.50 -46.67 20.83
C GLN B 45 8.60 -48.01 21.54
N GLU B 46 9.81 -48.57 21.65
CA GLU B 46 9.96 -49.84 22.35
C GLU B 46 9.59 -49.69 23.82
N LEU B 47 10.03 -48.61 24.47
CA LEU B 47 9.75 -48.42 25.88
C LEU B 47 8.25 -48.24 26.14
N VAL B 48 7.59 -47.43 25.32
CA VAL B 48 6.18 -47.12 25.56
C VAL B 48 5.24 -48.26 25.15
N SER B 49 5.76 -49.26 24.45
CA SER B 49 4.95 -50.41 24.05
C SER B 49 4.86 -51.46 25.14
N ARG B 50 5.54 -51.27 26.26
CA ARG B 50 5.50 -52.27 27.33
C ARG B 50 4.10 -52.45 27.87
N ASP B 51 3.38 -51.35 28.09
CA ASP B 51 2.06 -51.39 28.71
C ASP B 51 1.14 -50.40 28.02
N PRO B 52 -0.17 -50.71 27.95
CA PRO B 52 -1.11 -49.72 27.39
C PRO B 52 -1.11 -48.40 28.13
N GLY B 53 -0.89 -48.41 29.44
CA GLY B 53 -0.93 -47.18 30.21
C GLY B 53 0.13 -46.18 29.79
N HIS B 54 1.25 -46.67 29.25
CA HIS B 54 2.33 -45.77 28.86
C HIS B 54 1.89 -44.79 27.78
N PHE B 55 1.07 -45.25 26.83
CA PHE B 55 0.70 -44.40 25.72
C PHE B 55 -0.03 -43.15 26.19
N LEU B 56 -1.01 -43.31 27.09
CA LEU B 56 -1.73 -42.16 27.62
C LEU B 56 -0.78 -41.25 28.40
N ILE B 57 0.12 -41.83 29.18
CA ILE B 57 1.10 -41.02 29.89
C ILE B 57 1.99 -40.29 28.90
N LEU B 58 2.43 -40.98 27.85
CA LEU B 58 3.26 -40.35 26.84
C LEU B 58 2.50 -39.24 26.11
N LEU B 59 1.21 -39.47 25.83
CA LEU B 59 0.44 -38.46 25.12
C LEU B 59 0.43 -37.14 25.89
N GLU B 60 0.25 -37.18 27.20
CA GLU B 60 0.21 -35.95 27.97
C GLU B 60 1.55 -35.23 27.92
N GLN B 61 2.65 -35.97 28.09
CA GLN B 61 3.96 -35.34 28.11
C GLN B 61 4.28 -34.67 26.79
N ILE B 62 3.96 -35.32 25.67
CA ILE B 62 4.17 -34.70 24.37
C ILE B 62 3.31 -33.45 24.25
N LEU B 63 2.04 -33.57 24.63
CA LEU B 63 1.11 -32.45 24.52
C LEU B 63 1.57 -31.28 25.37
N GLN B 64 2.21 -31.55 26.50
CA GLN B 64 2.69 -30.47 27.34
C GLN B 64 3.75 -29.64 26.61
N LYS B 65 4.63 -30.31 25.86
CA LYS B 65 5.64 -29.57 25.11
C LYS B 65 5.01 -28.76 23.99
N THR B 66 3.91 -29.23 23.42
CA THR B 66 3.21 -28.46 22.40
C THR B 66 2.75 -27.12 22.95
N ARG B 67 2.24 -27.10 24.18
CA ARG B 67 1.78 -25.85 24.76
C ARG B 67 2.91 -24.85 24.90
N GLU B 68 4.09 -25.31 25.29
CA GLU B 68 5.22 -24.39 25.42
C GLU B 68 5.56 -23.75 24.08
N VAL B 69 5.53 -24.52 23.00
CA VAL B 69 5.76 -23.95 21.68
C VAL B 69 4.74 -22.86 21.38
N GLN B 70 3.46 -23.17 21.59
CA GLN B 70 2.42 -22.19 21.30
C GLN B 70 2.57 -20.94 22.16
N GLU B 71 3.14 -21.07 23.35
CA GLU B 71 3.33 -19.94 24.25
C GLU B 71 4.67 -19.25 24.07
N LYS B 72 5.52 -19.73 23.16
CA LYS B 72 6.76 -19.06 22.84
C LYS B 72 6.94 -18.81 21.36
N GLY B 73 6.14 -19.44 20.50
CA GLY B 73 6.23 -19.22 19.07
C GLY B 73 7.35 -19.96 18.38
N THR B 74 8.01 -20.90 19.05
CA THR B 74 9.12 -21.61 18.41
C THR B 74 8.63 -22.41 17.22
N TYR B 75 9.51 -22.57 16.24
CA TYR B 75 9.19 -23.22 14.97
C TYR B 75 9.91 -24.53 14.74
N ASP B 76 11.19 -24.61 15.08
CA ASP B 76 11.98 -25.79 14.73
C ASP B 76 11.49 -27.06 15.40
N LEU B 77 10.70 -26.96 16.46
CA LEU B 77 10.24 -28.11 17.22
C LEU B 77 8.74 -28.34 17.12
N LEU B 78 8.11 -27.85 16.05
CA LEU B 78 6.73 -28.21 15.76
C LEU B 78 6.62 -29.34 14.75
N ALA B 79 7.61 -29.50 13.88
CA ALA B 79 7.62 -30.64 12.96
C ALA B 79 7.74 -31.96 13.71
N PRO B 80 8.65 -32.13 14.67
CA PRO B 80 8.74 -33.42 15.35
C PRO B 80 7.50 -33.78 16.15
N LEU B 81 6.97 -32.82 16.90
CA LEU B 81 5.88 -33.13 17.83
C LEU B 81 4.63 -33.58 17.10
N ALA B 82 4.39 -33.03 15.91
CA ALA B 82 3.22 -33.43 15.14
C ALA B 82 3.31 -34.89 14.72
N LEU B 83 4.51 -35.36 14.37
CA LEU B 83 4.66 -36.77 13.99
C LEU B 83 4.42 -37.69 15.18
N LEU B 84 5.14 -37.48 16.28
CA LEU B 84 4.99 -38.35 17.45
C LEU B 84 3.54 -38.48 17.83
N PHE B 85 2.80 -37.38 17.80
CA PHE B 85 1.41 -37.44 18.23
C PHE B 85 0.62 -38.37 17.30
N TYR B 86 0.85 -38.26 16.00
CA TYR B 86 0.23 -39.22 15.07
C TYR B 86 0.57 -40.66 15.44
N SER B 87 1.86 -40.98 15.40
CA SER B 87 2.37 -42.29 15.78
C SER B 87 1.69 -42.87 17.02
N THR B 88 1.73 -42.10 18.11
CA THR B 88 1.30 -42.60 19.41
C THR B 88 -0.19 -42.86 19.47
N VAL B 89 -1.01 -41.94 18.96
CA VAL B 89 -2.45 -42.17 18.99
C VAL B 89 -2.79 -43.42 18.18
N LEU B 90 -2.10 -43.64 17.06
CA LEU B 90 -2.42 -44.78 16.23
C LEU B 90 -2.14 -46.09 16.97
N CYS B 91 -1.02 -46.15 17.70
CA CYS B 91 -0.69 -47.35 18.46
C CYS B 91 -1.58 -47.54 19.68
N THR B 92 -2.03 -46.46 20.32
CA THR B 92 -2.68 -46.56 21.61
C THR B 92 -3.94 -47.41 21.56
N PRO B 93 -4.07 -48.47 22.38
CA PRO B 93 -5.20 -49.39 22.26
C PRO B 93 -6.54 -48.80 22.64
N HIS B 94 -6.65 -48.20 23.82
CA HIS B 94 -7.94 -47.75 24.32
C HIS B 94 -7.80 -46.39 25.00
N PHE B 95 -8.88 -45.61 24.93
CA PHE B 95 -9.00 -44.33 25.61
C PHE B 95 -10.11 -44.41 26.65
N PRO B 96 -9.81 -44.40 27.95
CA PRO B 96 -10.88 -44.47 28.93
C PRO B 96 -11.82 -43.30 28.79
N PRO B 97 -13.11 -43.50 29.06
CA PRO B 97 -14.04 -42.35 29.00
C PRO B 97 -13.67 -41.23 29.94
N ASP B 98 -13.06 -41.55 31.08
CA ASP B 98 -12.72 -40.51 32.04
C ASP B 98 -11.71 -39.52 31.46
N SER B 99 -10.69 -40.02 30.77
CA SER B 99 -9.67 -39.16 30.20
C SER B 99 -10.09 -38.69 28.82
N ASP B 100 -10.02 -37.38 28.60
CA ASP B 100 -10.42 -36.75 27.35
C ASP B 100 -9.22 -36.09 26.68
N LEU B 101 -8.08 -36.79 26.66
CA LEU B 101 -6.86 -36.20 26.13
C LEU B 101 -7.03 -35.78 24.67
N LEU B 102 -7.94 -36.43 23.94
CA LEU B 102 -8.20 -36.00 22.57
C LEU B 102 -8.75 -34.58 22.53
N LEU B 103 -9.70 -34.27 23.42
CA LEU B 103 -10.24 -32.91 23.47
C LEU B 103 -9.16 -31.90 23.82
N LYS B 104 -8.27 -32.26 24.76
CA LYS B 104 -7.18 -31.36 25.11
C LYS B 104 -6.26 -31.14 23.91
N ALA B 105 -5.95 -32.20 23.17
CA ALA B 105 -5.10 -32.07 21.99
C ALA B 105 -5.77 -31.25 20.89
N ALA B 106 -7.07 -31.46 20.67
CA ALA B 106 -7.76 -30.70 19.63
C ALA B 106 -7.76 -29.21 19.92
N ARG B 107 -7.98 -28.82 21.17
CA ARG B 107 -7.96 -27.40 21.52
C ARG B 107 -6.57 -26.82 21.37
N THR B 108 -5.54 -27.59 21.72
CA THR B 108 -4.17 -27.08 21.63
C THR B 108 -3.80 -26.77 20.19
N TYR B 109 -4.21 -27.59 19.25
CA TYR B 109 -3.88 -27.39 17.85
C TYR B 109 -4.89 -26.50 17.13
N HIS B 110 -6.03 -26.21 17.76
CA HIS B 110 -7.01 -25.31 17.15
C HIS B 110 -6.53 -23.87 17.14
N ARG B 111 -5.56 -23.54 17.98
CA ARG B 111 -4.96 -22.21 18.03
C ARG B 111 -3.70 -22.11 17.19
N PHE B 112 -3.50 -23.04 16.26
CA PHE B 112 -2.38 -23.00 15.33
C PHE B 112 -2.81 -22.57 13.93
N LEU B 113 -4.11 -22.41 13.68
CA LEU B 113 -4.57 -22.03 12.36
C LEU B 113 -3.97 -20.71 11.91
N THR B 114 -3.52 -19.87 12.84
CA THR B 114 -3.00 -18.56 12.48
C THR B 114 -1.51 -18.58 12.15
N TRP B 115 -0.82 -19.69 12.36
CA TRP B 115 0.61 -19.73 12.10
C TRP B 115 0.88 -19.72 10.60
N PRO B 116 2.11 -19.37 10.21
CA PRO B 116 2.44 -19.35 8.78
C PRO B 116 2.57 -20.75 8.21
N VAL B 117 2.35 -20.85 6.91
CA VAL B 117 2.49 -22.11 6.17
C VAL B 117 3.95 -22.54 6.28
N PRO B 118 4.26 -23.84 6.41
CA PRO B 118 3.42 -25.04 6.44
C PRO B 118 2.85 -25.39 7.80
N TYR B 119 3.21 -24.64 8.84
CA TYR B 119 2.82 -25.01 10.19
C TYR B 119 1.31 -25.02 10.35
N CYS B 120 0.62 -24.04 9.79
CA CYS B 120 -0.84 -24.03 9.87
C CYS B 120 -1.41 -25.21 9.10
N SER B 121 -0.82 -25.55 7.96
CA SER B 121 -1.30 -26.67 7.15
C SER B 121 -1.12 -28.00 7.86
N ILE B 122 0.03 -28.20 8.51
CA ILE B 122 0.27 -29.45 9.22
C ILE B 122 -0.78 -29.68 10.30
N CYS B 123 -0.99 -28.68 11.14
CA CYS B 123 -1.90 -28.81 12.27
C CYS B 123 -3.34 -28.95 11.83
N GLN B 124 -3.69 -28.44 10.65
CA GLN B 124 -5.04 -28.64 10.15
C GLN B 124 -5.30 -30.12 9.87
N GLU B 125 -4.30 -30.83 9.36
CA GLU B 125 -4.45 -32.27 9.16
C GLU B 125 -4.62 -32.99 10.49
N LEU B 126 -3.84 -32.61 11.51
CA LEU B 126 -3.97 -33.25 12.81
C LEU B 126 -5.38 -33.09 13.36
N LEU B 127 -5.98 -31.91 13.16
CA LEU B 127 -7.34 -31.70 13.61
C LEU B 127 -8.28 -32.69 12.94
N THR B 128 -8.11 -32.90 11.65
CA THR B 128 -8.91 -33.89 10.94
C THR B 128 -8.65 -35.29 11.48
N PHE B 129 -7.38 -35.60 11.77
CA PHE B 129 -7.04 -36.90 12.33
C PHE B 129 -7.72 -37.13 13.67
N ILE B 130 -7.75 -36.11 14.53
CA ILE B 130 -8.36 -36.25 15.85
C ILE B 130 -9.86 -36.41 15.74
N ASP B 131 -10.51 -35.72 14.80
CA ASP B 131 -11.95 -35.84 14.66
C ASP B 131 -12.36 -37.27 14.34
N ALA B 132 -11.66 -37.91 13.41
CA ALA B 132 -12.00 -39.29 13.07
C ALA B 132 -11.81 -40.21 14.25
N GLU B 133 -10.69 -40.06 14.97
CA GLU B 133 -10.43 -40.90 16.12
C GLU B 133 -11.49 -40.70 17.20
N LEU B 134 -11.86 -39.46 17.48
CA LEU B 134 -12.79 -39.18 18.57
C LEU B 134 -14.16 -39.76 18.27
N LYS B 135 -14.69 -39.50 17.08
CA LYS B 135 -16.04 -39.95 16.75
C LYS B 135 -16.10 -41.44 16.47
N ALA B 136 -14.98 -42.09 16.17
CA ALA B 136 -14.96 -43.52 15.89
C ALA B 136 -13.57 -44.04 16.23
N PRO B 137 -13.33 -44.40 17.49
CA PRO B 137 -11.98 -44.81 17.88
C PRO B 137 -11.50 -46.01 17.08
N GLY B 138 -10.20 -46.05 16.83
CA GLY B 138 -9.60 -47.15 16.11
C GLY B 138 -9.81 -47.12 14.62
N ILE B 139 -10.44 -46.08 14.08
CA ILE B 139 -10.67 -46.02 12.64
C ILE B 139 -9.35 -45.86 11.90
N SER B 140 -8.42 -45.09 12.48
CA SER B 140 -7.16 -44.83 11.78
C SER B 140 -6.35 -46.11 11.63
N TYR B 141 -6.20 -46.89 12.70
CA TYR B 141 -5.35 -48.07 12.64
C TYR B 141 -5.87 -49.10 11.66
N GLN B 142 -7.19 -49.34 11.67
CA GLN B 142 -7.74 -50.35 10.76
C GLN B 142 -7.54 -49.93 9.31
N ARG B 143 -7.67 -48.63 9.02
CA ARG B 143 -7.47 -48.16 7.66
C ARG B 143 -6.04 -48.43 7.19
N LEU B 144 -5.05 -48.19 8.03
CA LEU B 144 -3.67 -48.35 7.60
C LEU B 144 -3.35 -49.81 7.31
N VAL B 145 -3.65 -50.71 8.25
CA VAL B 145 -3.29 -52.11 8.10
C VAL B 145 -4.12 -52.77 7.00
N ARG B 146 -5.40 -52.40 6.87
CA ARG B 146 -6.22 -53.00 5.83
C ARG B 146 -5.64 -52.74 4.45
N ALA B 147 -5.20 -51.51 4.21
CA ALA B 147 -4.57 -51.20 2.93
C ALA B 147 -3.26 -51.98 2.76
N GLU B 148 -2.48 -52.09 3.83
CA GLU B 148 -1.19 -52.78 3.73
C GLU B 148 -1.40 -54.24 3.33
N GLN B 149 -2.37 -54.91 3.94
CA GLN B 149 -2.59 -56.33 3.67
C GLN B 149 -3.47 -56.55 2.45
N GLY B 150 -4.06 -55.50 1.90
CA GLY B 150 -4.85 -55.61 0.69
C GLY B 150 -6.24 -56.16 0.88
N LEU B 151 -6.62 -56.48 2.11
CA LEU B 151 -7.93 -57.11 2.35
C LEU B 151 -9.02 -56.05 2.46
N SER B 152 -9.08 -55.16 1.48
CA SER B 152 -10.06 -54.07 1.51
C SER B 152 -11.41 -54.55 1.03
N THR B 153 -12.47 -54.06 1.67
CA THR B 153 -13.82 -54.45 1.31
C THR B 153 -14.20 -53.85 -0.05
N ARG B 154 -15.26 -54.42 -0.64
CA ARG B 154 -15.72 -53.92 -1.94
C ARG B 154 -16.20 -52.47 -1.83
N SER B 155 -16.94 -52.16 -0.76
CA SER B 155 -17.46 -50.81 -0.61
C SER B 155 -16.34 -49.78 -0.54
N HIS B 156 -15.17 -50.18 -0.05
CA HIS B 156 -14.00 -49.29 0.03
C HIS B 156 -12.76 -50.13 -0.24
N ARG B 157 -12.29 -50.11 -1.48
CA ARG B 157 -11.13 -50.88 -1.90
C ARG B 157 -9.89 -49.99 -1.89
N SER B 158 -8.79 -50.54 -1.37
CA SER B 158 -7.52 -49.84 -1.33
C SER B 158 -6.41 -50.86 -1.14
N SER B 159 -5.18 -50.45 -1.45
CA SER B 159 -4.05 -51.34 -1.31
C SER B 159 -2.76 -50.54 -1.27
N THR B 160 -1.76 -51.12 -0.60
CA THR B 160 -0.42 -50.55 -0.51
C THR B 160 0.59 -51.67 -0.64
N VAL B 161 1.52 -51.53 -1.58
CA VAL B 161 2.49 -52.57 -1.88
C VAL B 161 3.88 -52.00 -1.70
N THR B 162 4.68 -52.64 -0.86
CA THR B 162 6.05 -52.23 -0.59
C THR B 162 6.99 -53.00 -1.51
N VAL B 163 7.76 -52.28 -2.32
CA VAL B 163 8.65 -52.87 -3.32
C VAL B 163 10.03 -52.27 -3.13
N LEU B 164 10.99 -53.09 -2.73
CA LEU B 164 12.36 -52.65 -2.55
C LEU B 164 13.16 -52.90 -3.83
N LEU B 165 14.22 -52.12 -4.01
CA LEU B 165 15.13 -52.29 -5.14
C LEU B 165 16.55 -52.19 -4.59
N LEU B 166 17.21 -53.34 -4.47
CA LEU B 166 18.54 -53.41 -3.87
C LEU B 166 19.48 -54.14 -4.80
N ASN B 167 20.76 -53.77 -4.72
CA ASN B 167 21.80 -54.40 -5.52
C ASN B 167 22.70 -55.23 -4.61
N PRO B 168 22.61 -56.55 -4.63
CA PRO B 168 23.49 -57.36 -3.76
C PRO B 168 24.96 -57.12 -4.03
N VAL B 169 25.31 -56.70 -5.25
CA VAL B 169 26.72 -56.46 -5.57
C VAL B 169 27.28 -55.34 -4.70
N GLU B 170 26.51 -54.26 -4.53
CA GLU B 170 26.94 -53.11 -3.75
C GLU B 170 26.29 -53.03 -2.38
N VAL B 171 25.01 -53.39 -2.27
CA VAL B 171 24.32 -53.34 -1.00
C VAL B 171 24.88 -54.43 -0.09
N GLN B 172 25.20 -54.06 1.15
CA GLN B 172 25.70 -55.03 2.11
C GLN B 172 24.61 -56.03 2.48
N ALA B 173 25.04 -57.25 2.83
CA ALA B 173 24.09 -58.31 3.14
C ALA B 173 23.20 -57.96 4.32
N GLU B 174 23.63 -57.01 5.16
CA GLU B 174 22.82 -56.62 6.31
C GLU B 174 21.47 -56.09 5.85
N PHE B 175 21.46 -55.23 4.84
CA PHE B 175 20.21 -54.70 4.31
C PHE B 175 19.45 -55.75 3.51
N LEU B 176 20.17 -56.65 2.83
CA LEU B 176 19.52 -57.73 2.10
C LEU B 176 18.71 -58.62 3.03
N ASP B 177 19.26 -58.94 4.20
CA ASP B 177 18.53 -59.76 5.16
C ASP B 177 17.23 -59.08 5.59
N VAL B 178 17.27 -57.76 5.76
CA VAL B 178 16.06 -57.02 6.10
C VAL B 178 15.01 -57.23 5.01
N ALA B 179 15.43 -57.09 3.74
CA ALA B 179 14.50 -57.34 2.65
C ALA B 179 14.04 -58.79 2.66
N ASP B 180 14.94 -59.72 2.96
CA ASP B 180 14.56 -61.12 3.04
C ASP B 180 13.54 -61.34 4.15
N LYS B 181 13.78 -60.76 5.33
CA LYS B 181 12.83 -60.89 6.43
C LYS B 181 11.52 -60.21 6.11
N LEU B 182 11.58 -59.01 5.55
CA LEU B 182 10.34 -58.32 5.17
C LEU B 182 9.60 -59.10 4.10
N SER B 183 10.33 -59.63 3.12
CA SER B 183 9.71 -60.39 2.04
C SER B 183 9.09 -61.69 2.53
N THR B 184 9.48 -62.17 3.70
CA THR B 184 8.88 -63.40 4.22
C THR B 184 7.43 -63.14 4.61
N PRO B 185 6.46 -63.82 4.00
CA PRO B 185 5.04 -63.53 4.32
C PRO B 185 4.55 -64.19 5.61
N GLY B 186 4.87 -63.56 6.74
CA GLY B 186 4.46 -64.07 8.02
C GLY B 186 2.95 -64.06 8.19
N PRO B 187 2.36 -62.87 8.27
CA PRO B 187 0.90 -62.79 8.41
C PRO B 187 0.20 -63.42 7.21
N SER B 188 -0.94 -64.06 7.49
CA SER B 188 -1.80 -64.65 6.50
C SER B 188 -3.14 -63.92 6.47
N PRO B 189 -3.86 -63.97 5.36
CA PRO B 189 -5.16 -63.26 5.31
C PRO B 189 -6.13 -63.64 6.41
N HIS B 190 -6.17 -64.93 6.80
CA HIS B 190 -6.97 -65.32 7.95
C HIS B 190 -6.49 -64.64 9.23
N SER B 191 -5.18 -64.61 9.46
CA SER B 191 -4.66 -63.98 10.67
C SER B 191 -4.96 -62.48 10.70
N ALA B 192 -4.83 -61.81 9.55
CA ALA B 192 -5.03 -60.37 9.53
C ALA B 192 -6.46 -60.01 9.92
N TYR B 193 -7.44 -60.75 9.41
CA TYR B 193 -8.83 -60.47 9.77
C TYR B 193 -9.04 -60.67 11.26
N ILE B 194 -8.40 -61.69 11.84
CA ILE B 194 -8.51 -61.93 13.27
C ILE B 194 -7.93 -60.76 14.05
N THR B 195 -6.72 -60.32 13.69
CA THR B 195 -6.06 -59.26 14.44
C THR B 195 -6.84 -57.95 14.35
N LEU B 196 -7.32 -57.60 13.16
CA LEU B 196 -8.04 -56.33 13.02
C LEU B 196 -9.33 -56.35 13.84
N LEU B 197 -10.04 -57.47 13.83
CA LEU B 197 -11.26 -57.56 14.64
C LEU B 197 -10.94 -57.43 16.12
N LEU B 198 -9.82 -58.00 16.56
CA LEU B 198 -9.42 -57.85 17.95
C LEU B 198 -9.20 -56.39 18.30
N HIS B 199 -8.51 -55.66 17.42
CA HIS B 199 -8.24 -54.24 17.69
C HIS B 199 -9.52 -53.42 17.70
N ALA B 200 -10.42 -53.70 16.76
CA ALA B 200 -11.65 -52.89 16.68
C ALA B 200 -12.47 -53.00 17.95
N PHE B 201 -12.63 -54.21 18.48
CA PHE B 201 -13.46 -54.40 19.66
C PHE B 201 -12.80 -53.85 20.91
N GLN B 202 -11.50 -54.12 21.10
CA GLN B 202 -10.83 -53.65 22.30
C GLN B 202 -10.82 -52.12 22.34
N ALA B 203 -10.58 -51.48 21.20
CA ALA B 203 -10.43 -50.03 21.18
C ALA B 203 -11.67 -49.31 21.68
N THR B 204 -12.85 -49.92 21.58
CA THR B 204 -14.08 -49.29 22.02
C THR B 204 -14.58 -49.80 23.36
N PHE B 205 -14.32 -51.06 23.69
CA PHE B 205 -14.84 -51.66 24.90
C PHE B 205 -13.81 -51.78 26.01
N GLY B 206 -12.55 -51.44 25.73
CA GLY B 206 -11.54 -51.42 26.76
C GLY B 206 -11.36 -52.77 27.43
N ALA B 207 -11.06 -52.72 28.72
CA ALA B 207 -10.79 -53.94 29.49
C ALA B 207 -12.05 -54.80 29.68
N HIS B 208 -13.23 -54.28 29.38
CA HIS B 208 -14.46 -55.06 29.51
C HIS B 208 -14.57 -56.15 28.46
N CYS B 209 -13.70 -56.15 27.45
CA CYS B 209 -13.69 -57.20 26.45
C CYS B 209 -12.80 -58.35 26.91
N ASP B 210 -13.25 -59.57 26.62
CA ASP B 210 -12.49 -60.77 26.97
C ASP B 210 -11.57 -61.09 25.80
N LEU B 211 -10.31 -60.66 25.89
CA LEU B 211 -9.38 -60.85 24.80
C LEU B 211 -9.16 -62.33 24.52
N SER B 212 -8.91 -63.11 25.57
CA SER B 212 -8.74 -64.55 25.37
C SER B 212 -9.99 -65.18 24.80
N GLY B 213 -11.16 -64.80 25.31
CA GLY B 213 -12.40 -65.31 24.78
C GLY B 213 -12.61 -64.92 23.33
N LEU B 214 -12.32 -63.66 23.00
CA LEU B 214 -12.48 -63.21 21.62
C LEU B 214 -11.53 -63.96 20.69
N HIS B 215 -10.27 -64.10 21.10
CA HIS B 215 -9.29 -64.77 20.25
C HIS B 215 -9.67 -66.22 20.00
N ARG B 216 -10.09 -66.93 21.05
CA ARG B 216 -10.41 -68.35 20.92
C ARG B 216 -11.61 -68.56 20.01
N ARG B 217 -12.67 -67.77 20.19
CA ARG B 217 -13.89 -68.00 19.43
C ARG B 217 -13.78 -67.54 17.99
N LEU B 218 -12.92 -66.56 17.71
CA LEU B 218 -12.70 -66.15 16.32
C LEU B 218 -11.89 -67.19 15.55
N GLN B 219 -10.99 -67.90 16.23
CA GLN B 219 -10.13 -68.85 15.54
C GLN B 219 -10.95 -69.91 14.81
N SER B 220 -12.01 -70.40 15.45
CA SER B 220 -12.86 -71.40 14.81
C SER B 220 -13.60 -70.83 13.60
N LYS B 221 -13.77 -69.51 13.54
CA LYS B 221 -14.52 -68.91 12.45
C LYS B 221 -13.77 -69.10 11.13
N THR B 222 -14.51 -69.40 10.08
CA THR B 222 -13.91 -69.57 8.76
C THR B 222 -13.53 -68.21 8.17
N LEU B 223 -12.73 -68.26 7.11
CA LEU B 223 -12.27 -67.02 6.49
C LEU B 223 -13.44 -66.21 5.95
N ALA B 224 -14.42 -66.88 5.33
CA ALA B 224 -15.53 -66.17 4.73
C ALA B 224 -16.31 -65.38 5.78
N GLU B 225 -16.64 -66.01 6.90
CA GLU B 225 -17.39 -65.31 7.95
C GLU B 225 -16.54 -64.23 8.60
N LEU B 226 -15.24 -64.48 8.80
CA LEU B 226 -14.39 -63.44 9.34
C LEU B 226 -14.39 -62.20 8.45
N GLU B 227 -14.27 -62.41 7.13
CA GLU B 227 -14.31 -61.28 6.21
C GLU B 227 -15.68 -60.60 6.23
N ALA B 228 -16.76 -61.38 6.23
CA ALA B 228 -18.09 -60.79 6.25
C ALA B 228 -18.31 -59.99 7.53
N ILE B 229 -17.90 -60.53 8.67
CA ILE B 229 -18.04 -59.82 9.93
C ILE B 229 -17.19 -58.56 9.90
N PHE B 230 -15.96 -58.66 9.41
CA PHE B 230 -15.09 -57.49 9.34
C PHE B 230 -15.68 -56.44 8.42
N THR B 231 -16.30 -56.85 7.32
CA THR B 231 -16.93 -55.89 6.42
C THR B 231 -18.01 -55.11 7.16
N GLU B 232 -18.84 -55.80 7.94
CA GLU B 232 -19.90 -55.11 8.67
C GLU B 232 -19.31 -54.11 9.67
N THR B 233 -18.28 -54.52 10.40
CA THR B 233 -17.69 -53.64 11.40
C THR B 233 -17.05 -52.42 10.74
N ALA B 234 -16.29 -52.63 9.66
CA ALA B 234 -15.62 -51.51 9.01
C ALA B 234 -16.62 -50.49 8.50
N GLU B 235 -17.70 -50.95 7.88
CA GLU B 235 -18.72 -50.03 7.38
C GLU B 235 -19.32 -49.22 8.50
N ALA B 236 -19.58 -49.85 9.65
CA ALA B 236 -20.16 -49.11 10.77
C ALA B 236 -19.24 -48.00 11.23
N GLN B 237 -17.93 -48.27 11.33
CA GLN B 237 -17.00 -47.24 11.79
C GLN B 237 -16.97 -46.06 10.82
N GLU B 238 -16.96 -46.34 9.52
CA GLU B 238 -16.94 -45.25 8.54
C GLU B 238 -18.20 -44.41 8.65
N LEU B 239 -19.35 -45.05 8.81
CA LEU B 239 -20.59 -44.30 9.01
C LEU B 239 -20.53 -43.50 10.30
N ALA B 240 -19.91 -44.06 11.35
CA ALA B 240 -19.83 -43.36 12.63
C ALA B 240 -19.08 -42.04 12.50
N SER B 241 -17.99 -42.03 11.73
CA SER B 241 -17.20 -40.80 11.60
C SER B 241 -18.01 -39.68 10.96
N GLY B 242 -19.12 -40.00 10.31
CA GLY B 242 -19.95 -38.99 9.67
C GLY B 242 -21.08 -38.54 10.57
N ILE B 243 -20.96 -38.78 11.86
CA ILE B 243 -21.96 -38.37 12.84
C ILE B 243 -21.53 -37.04 13.46
N GLY B 244 -22.50 -36.23 13.83
CA GLY B 244 -22.24 -34.90 14.35
C GLY B 244 -21.60 -34.87 15.72
N ASP B 245 -22.33 -35.34 16.73
CA ASP B 245 -21.84 -35.28 18.10
C ASP B 245 -20.91 -36.44 18.39
N ALA B 246 -19.81 -36.14 19.09
CA ALA B 246 -18.84 -37.19 19.41
C ALA B 246 -19.45 -38.23 20.34
N ALA B 247 -20.17 -37.78 21.37
CA ALA B 247 -20.71 -38.71 22.35
C ALA B 247 -21.71 -39.66 21.70
N GLU B 248 -22.61 -39.13 20.87
CA GLU B 248 -23.58 -39.98 20.20
C GLU B 248 -22.91 -40.92 19.21
N ALA B 249 -21.87 -40.45 18.53
CA ALA B 249 -21.19 -41.30 17.56
C ALA B 249 -20.58 -42.52 18.25
N ARG B 250 -19.90 -42.31 19.37
CA ARG B 250 -19.33 -43.44 20.10
C ARG B 250 -20.43 -44.37 20.61
N GLN B 251 -21.51 -43.78 21.12
CA GLN B 251 -22.63 -44.60 21.58
C GLN B 251 -23.23 -45.42 20.44
N TRP B 252 -23.38 -44.81 19.27
CA TRP B 252 -23.92 -45.56 18.12
C TRP B 252 -23.00 -46.71 17.76
N LEU B 253 -21.69 -46.48 17.77
CA LEU B 253 -20.75 -47.56 17.48
C LEU B 253 -20.83 -48.66 18.53
N ARG B 254 -20.92 -48.29 19.80
CA ARG B 254 -21.00 -49.31 20.85
C ARG B 254 -22.22 -50.20 20.67
N THR B 255 -23.38 -49.58 20.38
CA THR B 255 -24.57 -50.37 20.14
C THR B 255 -24.39 -51.29 18.95
N LYS B 256 -23.84 -50.74 17.85
CA LYS B 256 -23.63 -51.56 16.66
C LYS B 256 -22.60 -52.65 16.93
N LEU B 257 -21.50 -52.30 17.58
CA LEU B 257 -20.49 -53.31 17.90
C LEU B 257 -21.06 -54.35 18.85
N GLN B 258 -21.83 -53.92 19.84
CA GLN B 258 -22.46 -54.87 20.75
C GLN B 258 -23.41 -55.79 19.99
N ALA B 259 -24.21 -55.24 19.07
CA ALA B 259 -25.11 -56.07 18.28
C ALA B 259 -24.33 -57.07 17.42
N VAL B 260 -23.23 -56.63 16.82
CA VAL B 260 -22.42 -57.52 16.00
C VAL B 260 -21.90 -58.69 16.83
N GLY B 261 -21.42 -58.40 18.04
CA GLY B 261 -20.96 -59.48 18.91
C GLY B 261 -22.06 -60.45 19.25
N GLU B 262 -23.27 -59.94 19.52
CA GLU B 262 -24.40 -60.81 19.79
C GLU B 262 -24.71 -61.68 18.57
N LYS B 263 -24.75 -61.07 17.38
CA LYS B 263 -25.03 -61.83 16.17
C LYS B 263 -23.91 -62.82 15.89
N ALA B 264 -22.66 -62.41 16.09
CA ALA B 264 -21.55 -63.30 15.81
C ALA B 264 -21.59 -64.56 16.68
N GLY B 265 -21.93 -64.39 17.95
CA GLY B 265 -22.09 -65.52 18.84
C GLY B 265 -21.16 -65.51 20.04
N PHE B 266 -20.72 -64.33 20.44
CA PHE B 266 -19.89 -64.20 21.64
C PHE B 266 -20.20 -62.90 22.37
N PRO B 267 -21.47 -62.65 22.71
CA PRO B 267 -21.79 -61.41 23.44
C PRO B 267 -21.11 -61.32 24.79
N GLY B 268 -20.92 -62.44 25.48
CA GLY B 268 -20.27 -62.41 26.78
C GLY B 268 -18.80 -62.04 26.71
N VAL B 269 -18.18 -62.22 25.54
CA VAL B 269 -16.79 -61.82 25.39
C VAL B 269 -16.63 -60.32 25.62
N LEU B 270 -17.57 -59.53 25.10
CA LEU B 270 -17.59 -58.10 25.29
C LEU B 270 -18.39 -57.72 26.52
N ASP B 271 -18.17 -56.50 27.00
CA ASP B 271 -18.93 -55.95 28.12
C ASP B 271 -18.88 -56.86 29.34
N THR B 272 -17.69 -57.39 29.62
CA THR B 272 -17.50 -58.20 30.83
C THR B 272 -17.51 -57.30 32.06
N ALA B 273 -18.28 -57.69 33.07
CA ALA B 273 -18.36 -56.89 34.29
C ALA B 273 -16.99 -56.80 34.95
N LYS B 274 -16.27 -57.91 35.01
CA LYS B 274 -14.93 -57.90 35.59
C LYS B 274 -13.95 -57.32 34.58
N PRO B 275 -13.25 -56.24 34.91
CA PRO B 275 -12.30 -55.66 33.96
C PRO B 275 -11.15 -56.62 33.67
N GLY B 276 -10.69 -56.60 32.43
CA GLY B 276 -9.55 -57.37 32.00
C GLY B 276 -8.29 -56.54 31.97
N LYS B 277 -7.29 -57.04 31.24
CA LYS B 277 -6.02 -56.34 31.04
C LYS B 277 -5.90 -56.00 29.56
N LEU B 278 -5.70 -54.73 29.27
CA LEU B 278 -5.59 -54.29 27.87
C LEU B 278 -4.32 -54.84 27.25
N ARG B 279 -4.45 -55.37 26.03
CA ARG B 279 -3.35 -55.97 25.31
C ARG B 279 -2.88 -55.02 24.22
N THR B 280 -1.58 -54.75 24.18
CA THR B 280 -0.99 -53.87 23.18
C THR B 280 -0.93 -54.63 21.86
N ILE B 281 -1.87 -54.34 20.97
CA ILE B 281 -1.91 -54.99 19.66
C ILE B 281 -0.92 -54.28 18.75
N PRO B 282 0.13 -54.93 18.29
CA PRO B 282 1.14 -54.25 17.46
C PRO B 282 0.61 -54.04 16.04
N ILE B 283 1.48 -53.52 15.19
CA ILE B 283 1.17 -53.25 13.79
C ILE B 283 1.76 -54.37 12.95
N PRO B 284 0.96 -55.14 12.22
CA PRO B 284 1.52 -56.23 11.42
C PRO B 284 2.40 -55.71 10.30
N VAL B 285 3.40 -56.52 9.93
CA VAL B 285 4.32 -56.11 8.88
C VAL B 285 3.60 -56.07 7.55
N ALA B 286 4.05 -55.18 6.66
CA ALA B 286 3.39 -54.94 5.39
C ALA B 286 3.86 -55.94 4.34
N ARG B 287 3.16 -55.94 3.21
CA ARG B 287 3.47 -56.84 2.10
C ARG B 287 4.69 -56.30 1.37
N CYS B 288 5.85 -56.85 1.66
CA CYS B 288 7.12 -56.38 1.10
C CYS B 288 7.65 -57.40 0.11
N TYR B 289 8.21 -56.91 -0.99
CA TYR B 289 8.86 -57.72 -2.01
C TYR B 289 10.30 -57.24 -2.16
N THR B 290 11.05 -57.91 -3.05
CA THR B 290 12.45 -57.56 -3.23
C THR B 290 12.88 -57.94 -4.64
N TYR B 291 13.82 -57.16 -5.19
CA TYR B 291 14.33 -57.40 -6.52
C TYR B 291 15.77 -56.88 -6.61
N SER B 292 16.51 -57.39 -7.59
CA SER B 292 17.90 -57.00 -7.79
C SER B 292 17.97 -55.73 -8.63
N TRP B 293 18.45 -54.65 -8.04
CA TRP B 293 18.60 -53.37 -8.73
C TRP B 293 20.02 -53.16 -9.23
N ASN B 294 20.56 -54.12 -9.99
CA ASN B 294 21.88 -53.91 -10.59
C ASN B 294 21.83 -52.78 -11.62
N GLN B 295 20.82 -52.77 -12.47
CA GLN B 295 20.65 -51.74 -13.48
C GLN B 295 19.84 -50.60 -12.88
N ASP B 296 20.38 -49.38 -12.98
CA ASP B 296 19.75 -48.24 -12.33
C ASP B 296 18.46 -47.81 -13.03
N SER B 297 18.32 -48.08 -14.32
CA SER B 297 17.06 -47.79 -15.00
C SER B 297 15.94 -48.57 -14.35
N PHE B 298 14.81 -47.90 -14.12
CA PHE B 298 13.67 -48.50 -13.43
C PHE B 298 12.76 -49.31 -14.34
N ASP B 299 13.26 -49.77 -15.49
CA ASP B 299 12.43 -50.66 -16.30
C ASP B 299 12.01 -51.87 -15.49
N ILE B 300 12.86 -52.31 -14.56
CA ILE B 300 12.55 -53.49 -13.76
C ILE B 300 11.24 -53.30 -13.02
N LEU B 301 11.00 -52.08 -12.51
CA LEU B 301 9.73 -51.80 -11.86
C LEU B 301 8.56 -52.11 -12.80
N GLN B 302 8.68 -51.70 -14.06
CA GLN B 302 7.67 -52.07 -15.04
C GLN B 302 7.61 -53.58 -15.25
N GLU B 303 8.76 -54.26 -15.18
CA GLU B 303 8.76 -55.72 -15.26
C GLU B 303 8.05 -56.35 -14.07
N ILE B 304 8.11 -55.72 -12.91
CA ILE B 304 7.39 -56.23 -11.75
C ILE B 304 5.89 -56.22 -11.98
N LEU B 305 5.41 -55.40 -12.92
CA LEU B 305 3.99 -55.41 -13.26
C LEU B 305 3.53 -56.80 -13.70
N LEU B 306 4.44 -57.61 -14.21
CA LEU B 306 4.13 -59.00 -14.55
C LEU B 306 4.85 -59.96 -13.62
N ALA B 512 -6.90 -44.13 -5.33
CA ALA B 512 -5.85 -44.87 -6.03
C ALA B 512 -4.94 -45.58 -5.04
N SER B 513 -4.73 -46.87 -5.26
CA SER B 513 -3.83 -47.63 -4.42
C SER B 513 -2.40 -47.13 -4.56
N THR B 514 -1.63 -47.27 -3.49
CA THR B 514 -0.29 -46.72 -3.43
C THR B 514 0.71 -47.74 -3.96
N LEU B 515 1.95 -47.30 -4.20
CA LEU B 515 3.04 -48.22 -4.49
C LEU B 515 4.33 -47.65 -3.92
N ARG B 516 4.83 -48.27 -2.87
CA ARG B 516 5.97 -47.78 -2.10
C ARG B 516 7.26 -48.27 -2.74
N VAL B 517 8.08 -47.35 -3.20
CA VAL B 517 9.34 -47.68 -3.86
C VAL B 517 10.40 -47.44 -2.80
N VAL B 518 11.28 -48.40 -2.56
CA VAL B 518 12.33 -48.11 -1.58
C VAL B 518 13.69 -48.36 -2.21
N VAL B 519 14.13 -47.39 -3.02
CA VAL B 519 15.48 -47.43 -3.57
C VAL B 519 16.49 -47.30 -2.45
N PHE B 520 17.47 -48.19 -2.43
CA PHE B 520 18.67 -47.94 -1.68
C PHE B 520 19.63 -47.10 -2.52
N GLY B 521 20.56 -46.43 -1.87
CA GLY B 521 21.50 -45.58 -2.55
C GLY B 521 22.88 -45.61 -1.93
N SER B 522 23.87 -45.34 -2.76
CA SER B 522 25.25 -45.14 -2.35
C SER B 522 25.68 -43.73 -2.78
N ASP B 523 26.95 -43.40 -2.57
CA ASP B 523 27.41 -42.05 -2.87
C ASP B 523 27.49 -41.84 -4.38
N ARG B 524 28.09 -42.79 -5.10
CA ARG B 524 28.24 -42.65 -6.54
C ARG B 524 26.90 -42.88 -7.24
N ILE B 525 26.22 -43.98 -6.91
CA ILE B 525 24.92 -44.26 -7.51
C ILE B 525 23.88 -43.21 -7.14
N SER B 526 24.24 -42.28 -6.25
CA SER B 526 23.36 -41.16 -5.94
C SER B 526 22.99 -40.40 -7.21
N GLY B 527 23.98 -40.16 -8.06
CA GLY B 527 23.72 -39.43 -9.30
C GLY B 527 22.88 -40.24 -10.26
N LYS B 528 23.26 -41.51 -10.47
CA LYS B 528 22.47 -42.35 -11.35
C LYS B 528 21.10 -42.65 -10.72
N VAL B 529 21.00 -42.57 -9.40
CA VAL B 529 19.70 -42.70 -8.72
C VAL B 529 18.88 -41.55 -9.29
N ALA B 530 19.32 -40.33 -8.99
CA ALA B 530 18.64 -39.14 -9.50
C ALA B 530 18.31 -39.35 -10.96
N ARG B 531 19.28 -39.86 -11.73
CA ARG B 531 19.13 -39.98 -13.16
C ARG B 531 17.89 -40.84 -13.39
N ALA B 532 18.01 -42.14 -13.11
CA ALA B 532 16.90 -43.05 -13.39
C ALA B 532 15.62 -42.46 -12.82
N TYR B 533 15.73 -41.85 -11.63
CA TYR B 533 14.59 -41.34 -10.90
C TYR B 533 13.90 -40.37 -11.86
N SER B 534 14.52 -39.21 -12.09
CA SER B 534 13.91 -38.22 -12.96
C SER B 534 13.68 -38.80 -14.34
N ASN B 535 14.51 -39.76 -14.76
CA ASN B 535 14.41 -40.27 -16.11
C ASN B 535 13.11 -41.04 -16.27
N LEU B 536 12.80 -41.88 -15.28
CA LEU B 536 11.57 -42.66 -15.33
C LEU B 536 10.40 -41.74 -15.04
N ARG B 537 10.63 -40.73 -14.21
CA ARG B 537 9.56 -39.86 -13.74
C ARG B 537 8.89 -39.18 -14.93
N ARG B 538 9.68 -38.53 -15.77
CA ARG B 538 9.09 -37.81 -16.88
C ARG B 538 8.76 -38.79 -18.00
N LEU B 539 9.42 -39.95 -18.00
CA LEU B 539 9.12 -40.98 -18.98
C LEU B 539 7.66 -41.40 -18.84
N GLU B 540 7.19 -41.44 -17.59
CA GLU B 540 5.82 -41.83 -17.31
C GLU B 540 4.89 -40.65 -17.52
N ASN B 541 5.34 -39.45 -17.11
CA ASN B 541 4.51 -38.26 -17.25
C ASN B 541 3.92 -38.20 -18.65
N ASN B 542 4.70 -38.61 -19.65
CA ASN B 542 4.30 -38.58 -21.04
C ASN B 542 3.73 -39.94 -21.48
N ARG B 543 4.39 -41.03 -21.06
CA ARG B 543 3.93 -42.39 -21.33
C ARG B 543 3.62 -43.07 -20.00
N PRO B 544 2.42 -42.89 -19.45
CA PRO B 544 2.11 -43.51 -18.16
C PRO B 544 1.75 -44.98 -18.32
N LEU B 545 2.49 -45.85 -17.62
CA LEU B 545 2.22 -47.28 -17.65
C LEU B 545 1.84 -47.79 -16.27
N LEU B 546 2.75 -47.61 -15.31
CA LEU B 546 2.50 -48.07 -13.94
C LEU B 546 1.32 -47.30 -13.37
N THR B 547 1.31 -45.98 -13.58
CA THR B 547 0.30 -45.12 -12.97
C THR B 547 -1.11 -45.68 -13.14
N ARG B 548 -1.32 -46.47 -14.19
CA ARG B 548 -2.65 -47.00 -14.47
C ARG B 548 -3.09 -48.01 -13.42
N PHE B 549 -2.15 -48.59 -12.67
CA PHE B 549 -2.45 -49.57 -11.65
C PHE B 549 -2.23 -49.05 -10.23
N PHE B 550 -1.38 -48.06 -10.05
CA PHE B 550 -0.97 -47.62 -8.72
C PHE B 550 -0.92 -46.11 -8.68
N LYS B 551 -0.28 -45.57 -7.64
CA LYS B 551 0.04 -44.15 -7.52
C LYS B 551 1.40 -44.08 -6.83
N LEU B 552 2.45 -43.99 -7.65
CA LEU B 552 3.80 -44.23 -7.17
C LEU B 552 4.19 -43.27 -6.05
N GLN B 553 5.02 -43.76 -5.12
CA GLN B 553 5.59 -42.91 -4.09
C GLN B 553 6.97 -43.46 -3.78
N PHE B 554 7.99 -42.63 -3.93
CA PHE B 554 9.38 -43.06 -3.83
C PHE B 554 9.98 -42.75 -2.47
N PHE B 555 10.94 -43.59 -2.07
CA PHE B 555 11.59 -43.49 -0.78
C PHE B 555 13.05 -43.86 -0.97
N TYR B 556 13.92 -42.89 -0.74
CA TYR B 556 15.36 -43.11 -0.79
C TYR B 556 15.85 -43.60 0.57
N VAL B 557 16.86 -44.47 0.55
CA VAL B 557 17.47 -44.91 1.79
C VAL B 557 18.99 -44.96 1.59
N PRO B 558 19.77 -44.18 2.32
CA PRO B 558 21.22 -44.29 2.19
C PRO B 558 21.75 -45.57 2.81
N VAL B 559 22.83 -46.08 2.25
CA VAL B 559 23.44 -47.30 2.75
C VAL B 559 24.40 -46.96 3.88
N ASP B 604 24.97 -37.44 -2.92
CA ASP B 604 24.47 -36.12 -3.27
C ASP B 604 23.07 -35.89 -2.72
N ILE B 605 22.19 -36.87 -2.87
CA ILE B 605 20.86 -36.74 -2.28
C ILE B 605 20.97 -36.69 -0.77
N SER B 606 21.89 -37.47 -0.20
CA SER B 606 22.09 -37.46 1.24
C SER B 606 22.27 -36.03 1.73
N HIS B 607 23.35 -35.37 1.28
CA HIS B 607 23.65 -34.03 1.75
C HIS B 607 22.46 -33.10 1.53
N TYR B 608 21.67 -33.34 0.48
CA TYR B 608 20.55 -32.47 0.17
C TYR B 608 19.52 -32.50 1.30
N LEU B 609 19.00 -33.68 1.61
CA LEU B 609 18.07 -33.82 2.72
C LEU B 609 18.75 -33.62 4.06
N GLY B 610 20.07 -33.77 4.12
CA GLY B 610 20.80 -33.58 5.36
C GLY B 610 20.78 -32.15 5.85
N MET B 611 20.70 -31.18 4.93
CA MET B 611 20.63 -29.78 5.29
C MET B 611 19.21 -29.22 5.25
N LEU B 612 18.24 -29.97 4.72
CA LEU B 612 16.88 -29.48 4.57
C LEU B 612 15.88 -30.13 5.52
N ASP B 613 16.16 -31.33 6.01
CA ASP B 613 15.21 -32.06 6.87
C ASP B 613 15.98 -32.73 8.01
N PRO B 614 16.20 -32.00 9.10
CA PRO B 614 16.94 -32.60 10.23
C PRO B 614 16.28 -33.84 10.80
N TRP B 615 14.94 -33.91 10.83
CA TRP B 615 14.27 -35.09 11.34
C TRP B 615 14.56 -36.31 10.46
N TYR B 616 14.56 -36.11 9.14
CA TYR B 616 15.02 -37.17 8.24
C TYR B 616 16.48 -37.50 8.48
N GLU B 617 17.27 -36.50 8.88
CA GLU B 617 18.70 -36.73 9.12
C GLU B 617 18.92 -37.71 10.27
N ARG B 618 18.18 -37.53 11.37
CA ARG B 618 18.41 -38.37 12.54
C ARG B 618 17.92 -39.80 12.33
N ASN B 619 16.73 -39.95 11.75
CA ASN B 619 16.13 -41.27 11.65
C ASN B 619 16.79 -42.13 10.57
N VAL B 620 16.76 -41.67 9.33
CA VAL B 620 17.13 -42.49 8.19
C VAL B 620 18.57 -42.23 7.76
N LEU B 621 18.95 -40.97 7.60
CA LEU B 621 20.31 -40.68 7.14
C LEU B 621 21.35 -41.21 8.13
N GLY B 622 21.01 -41.28 9.41
CA GLY B 622 21.96 -41.76 10.40
C GLY B 622 22.35 -43.21 10.23
N LEU B 623 21.63 -43.97 9.42
CA LEU B 623 21.95 -45.37 9.20
C LEU B 623 23.34 -45.52 8.59
N LEU B 649 11.58 -58.95 14.32
CA LEU B 649 12.35 -58.36 13.22
C LEU B 649 13.51 -57.53 13.75
N PRO B 650 14.51 -57.31 12.91
CA PRO B 650 15.66 -56.49 13.33
C PRO B 650 15.27 -55.04 13.48
N ILE B 651 16.18 -54.28 14.09
CA ILE B 651 15.91 -52.87 14.38
C ILE B 651 15.65 -52.10 13.08
N LEU B 652 16.48 -52.33 12.07
CA LEU B 652 16.35 -51.58 10.83
C LEU B 652 15.01 -51.85 10.16
N ALA B 653 14.57 -53.11 10.18
CA ALA B 653 13.28 -53.43 9.56
C ALA B 653 12.15 -52.67 10.25
N ASP B 654 12.18 -52.61 11.59
CA ASP B 654 11.17 -51.83 12.29
C ASP B 654 11.35 -50.34 12.01
N MET B 655 12.60 -49.87 12.00
CA MET B 655 12.84 -48.46 11.68
C MET B 655 12.40 -48.13 10.26
N LEU B 656 12.72 -49.00 9.30
CA LEU B 656 12.31 -48.76 7.92
C LEU B 656 10.80 -48.79 7.77
N LEU B 657 10.14 -49.74 8.44
CA LEU B 657 8.69 -49.82 8.35
C LEU B 657 8.05 -48.56 8.90
N TYR B 658 8.57 -48.04 10.01
CA TYR B 658 8.07 -46.77 10.53
C TYR B 658 8.31 -45.65 9.54
N TYR B 659 9.48 -45.63 8.90
CA TYR B 659 9.79 -44.58 7.94
C TYR B 659 8.78 -44.54 6.81
N CYS B 660 8.44 -45.70 6.26
CA CYS B 660 7.56 -45.73 5.11
C CYS B 660 6.11 -45.41 5.48
N ARG B 661 5.72 -45.69 6.73
CA ARG B 661 4.30 -45.64 7.07
C ARG B 661 3.80 -44.22 7.28
N PHE B 662 4.62 -43.32 7.84
CA PHE B 662 4.16 -41.99 8.23
C PHE B 662 4.83 -40.86 7.48
N ALA B 663 5.78 -41.14 6.59
CA ALA B 663 6.40 -40.07 5.81
C ALA B 663 5.42 -39.57 4.76
N ALA B 664 5.24 -38.25 4.68
CA ALA B 664 4.22 -37.69 3.81
C ALA B 664 4.66 -36.48 2.98
N ARG B 665 5.71 -35.76 3.35
CA ARG B 665 6.01 -34.48 2.71
C ARG B 665 6.81 -34.71 1.44
N PRO B 666 6.30 -34.37 0.26
CA PRO B 666 7.06 -34.59 -0.98
C PRO B 666 8.27 -33.67 -1.07
N VAL B 667 9.27 -34.12 -1.83
CA VAL B 667 10.46 -33.33 -2.11
C VAL B 667 10.73 -33.37 -3.60
N LEU B 668 11.05 -32.20 -4.18
CA LEU B 668 11.39 -32.07 -5.58
C LEU B 668 12.86 -31.69 -5.70
N LEU B 669 13.61 -32.47 -6.48
CA LEU B 669 15.05 -32.26 -6.59
C LEU B 669 15.35 -31.22 -7.67
N GLN B 670 16.53 -30.61 -7.55
CA GLN B 670 16.99 -29.62 -8.52
C GLN B 670 17.64 -30.32 -9.71
N VAL B 671 17.19 -29.98 -10.92
CA VAL B 671 17.71 -30.57 -12.14
C VAL B 671 17.96 -29.48 -13.17
N TYR B 672 18.83 -29.80 -14.12
CA TYR B 672 19.16 -28.91 -15.23
C TYR B 672 18.83 -29.61 -16.53
N GLN B 673 18.02 -28.94 -17.37
CA GLN B 673 17.58 -29.51 -18.63
C GLN B 673 18.51 -29.03 -19.75
N THR B 674 18.92 -29.95 -20.61
CA THR B 674 19.83 -29.64 -21.70
C THR B 674 19.28 -30.20 -23.00
N GLU B 675 19.49 -29.45 -24.07
CA GLU B 675 19.15 -29.87 -25.42
C GLU B 675 20.45 -30.02 -26.21
N LEU B 676 20.65 -31.21 -26.77
CA LEU B 676 21.86 -31.56 -27.52
C LEU B 676 21.50 -31.72 -28.98
N THR B 677 22.17 -30.97 -29.85
CA THR B 677 21.96 -31.04 -31.29
C THR B 677 23.21 -31.55 -31.96
N PHE B 678 23.05 -32.59 -32.79
CA PHE B 678 24.15 -33.19 -33.53
C PHE B 678 24.23 -32.56 -34.91
N ILE B 679 25.05 -33.13 -35.79
CA ILE B 679 25.19 -32.64 -37.16
C ILE B 679 24.36 -33.44 -38.16
N THR B 680 23.75 -34.55 -37.74
CA THR B 680 23.02 -35.42 -38.64
C THR B 680 21.53 -35.12 -38.67
N GLY B 681 21.11 -33.97 -38.16
CA GLY B 681 19.70 -33.65 -38.11
C GLY B 681 18.96 -34.32 -36.98
N GLU B 682 19.68 -34.70 -35.92
CA GLU B 682 19.10 -35.38 -34.78
C GLU B 682 19.30 -34.53 -33.53
N LYS B 683 18.25 -34.44 -32.71
CA LYS B 683 18.27 -33.66 -31.49
C LYS B 683 17.75 -34.51 -30.33
N THR B 684 18.29 -34.24 -29.14
CA THR B 684 17.95 -35.01 -27.95
C THR B 684 17.81 -34.08 -26.77
N THR B 685 17.06 -34.53 -25.77
CA THR B 685 16.84 -33.81 -24.53
C THR B 685 17.32 -34.66 -23.36
N GLU B 686 18.08 -34.05 -22.45
CA GLU B 686 18.66 -34.78 -21.33
C GLU B 686 18.51 -33.95 -20.06
N ILE B 687 18.62 -34.63 -18.93
CA ILE B 687 18.56 -34.01 -17.61
C ILE B 687 19.84 -34.36 -16.86
N PHE B 688 20.53 -33.33 -16.38
CA PHE B 688 21.76 -33.54 -15.61
C PHE B 688 21.73 -32.64 -14.39
N ILE B 689 22.32 -33.13 -13.30
CA ILE B 689 22.32 -32.42 -12.03
C ILE B 689 23.75 -32.23 -11.54
N HIS B 690 24.53 -33.30 -11.57
CA HIS B 690 25.84 -33.30 -10.91
C HIS B 690 26.77 -32.26 -11.53
N SER B 691 27.14 -32.44 -12.78
CA SER B 691 28.11 -31.57 -13.46
C SER B 691 28.15 -31.97 -14.93
N LEU B 692 29.06 -31.36 -15.68
CA LEU B 692 29.24 -31.66 -17.09
C LEU B 692 30.70 -31.39 -17.44
N GLU B 693 31.26 -32.20 -18.33
CA GLU B 693 32.65 -32.04 -18.73
C GLU B 693 32.80 -32.30 -20.22
N LEU B 694 33.86 -31.73 -20.79
CA LEU B 694 34.15 -31.86 -22.21
C LEU B 694 35.61 -31.53 -22.45
N GLY B 695 36.24 -32.29 -23.34
CA GLY B 695 37.58 -31.94 -23.79
C GLY B 695 38.64 -32.96 -23.44
N HIS B 696 39.90 -32.53 -23.46
CA HIS B 696 41.02 -33.44 -23.21
C HIS B 696 40.91 -34.05 -21.82
N SER B 697 40.64 -33.21 -20.81
CA SER B 697 40.48 -33.72 -19.46
C SER B 697 39.28 -34.65 -19.36
N ALA B 698 38.15 -34.24 -19.94
CA ALA B 698 36.96 -35.07 -19.91
C ALA B 698 37.17 -36.38 -20.66
N ALA B 699 37.82 -36.31 -21.82
CA ALA B 699 38.05 -37.53 -22.60
C ALA B 699 38.93 -38.51 -21.85
N THR B 700 39.98 -38.01 -21.18
CA THR B 700 40.83 -38.89 -20.40
C THR B 700 40.06 -39.54 -19.26
N ARG B 701 39.20 -38.76 -18.58
CA ARG B 701 38.40 -39.31 -17.50
C ARG B 701 37.48 -40.43 -18.02
N ALA B 702 36.84 -40.20 -19.16
CA ALA B 702 35.93 -41.19 -19.73
C ALA B 702 36.51 -41.75 -21.02
N THR B 725 37.56 -23.96 -31.80
CA THR B 725 36.84 -22.89 -31.14
C THR B 725 35.38 -23.26 -30.98
N LEU B 726 34.80 -22.92 -29.82
CA LEU B 726 33.40 -23.20 -29.54
C LEU B 726 32.73 -21.93 -29.06
N GLN B 727 31.60 -21.59 -29.67
CA GLN B 727 30.89 -20.36 -29.36
C GLN B 727 30.13 -20.50 -28.05
N ILE B 728 30.31 -19.53 -27.16
CA ILE B 728 29.76 -19.57 -25.81
C ILE B 728 28.84 -18.36 -25.65
N ILE B 729 27.60 -18.62 -25.27
CA ILE B 729 26.63 -17.60 -24.91
C ILE B 729 26.18 -17.90 -23.49
N TYR B 730 26.03 -16.86 -22.69
CA TYR B 730 25.72 -17.03 -21.27
C TYR B 730 24.81 -15.92 -20.79
N SER B 731 24.00 -16.22 -19.76
CA SER B 731 23.03 -15.19 -19.34
C SER B 731 22.80 -15.21 -17.82
N LYS B 732 23.76 -14.65 -17.07
CA LYS B 732 23.57 -14.62 -15.63
C LYS B 732 22.39 -13.72 -15.29
N GLY B 733 21.93 -13.81 -14.04
CA GLY B 733 20.87 -12.95 -13.54
C GLY B 733 20.98 -12.80 -12.04
N ALA B 734 20.23 -11.83 -11.53
CA ALA B 734 20.24 -11.49 -10.12
C ALA B 734 18.89 -11.80 -9.49
N ILE B 735 18.90 -11.86 -8.16
CA ILE B 735 17.74 -12.27 -7.38
C ILE B 735 16.48 -11.53 -7.81
N SER B 736 16.64 -10.29 -8.27
CA SER B 736 15.49 -9.43 -8.55
C SER B 736 14.83 -9.72 -9.89
N GLY B 737 15.42 -10.57 -10.74
CA GLY B 737 14.91 -10.78 -12.07
C GLY B 737 15.53 -9.87 -13.12
N ARG B 738 16.70 -9.31 -12.84
CA ARG B 738 17.42 -8.43 -13.74
C ARG B 738 18.72 -9.14 -14.11
N SER B 739 18.95 -9.35 -15.41
CA SER B 739 20.06 -10.18 -15.83
C SER B 739 21.00 -9.49 -16.82
N ARG B 740 21.98 -10.24 -17.36
CA ARG B 740 23.01 -9.65 -18.23
C ARG B 740 23.48 -10.70 -19.25
N TRP B 741 22.72 -10.84 -20.34
CA TRP B 741 23.15 -11.73 -21.41
C TRP B 741 24.50 -11.28 -21.96
N SER B 742 25.32 -12.25 -22.34
CA SER B 742 26.64 -11.99 -22.90
C SER B 742 26.95 -13.02 -23.97
N ASN B 743 27.70 -12.59 -24.98
CA ASN B 743 28.13 -13.41 -26.11
C ASN B 743 29.66 -13.42 -26.07
N MET B 744 30.25 -14.41 -25.42
CA MET B 744 31.70 -14.48 -25.26
C MET B 744 32.21 -15.83 -25.79
N GLU B 745 32.47 -15.89 -27.09
CA GLU B 745 33.03 -17.10 -27.67
C GLU B 745 34.50 -17.24 -27.29
N LYS B 746 34.95 -18.48 -27.11
CA LYS B 746 36.29 -18.74 -26.61
C LYS B 746 36.83 -20.02 -27.21
N LEU B 747 38.16 -20.12 -27.25
CA LEU B 747 38.86 -21.32 -27.69
C LEU B 747 39.64 -21.91 -26.52
N CYS B 748 39.42 -23.19 -26.24
CA CYS B 748 40.09 -23.87 -25.14
C CYS B 748 40.16 -25.36 -25.45
N THR B 749 41.03 -26.05 -24.72
CA THR B 749 41.19 -27.50 -24.84
C THR B 749 40.34 -28.29 -23.88
N SER B 750 39.56 -27.62 -23.02
CA SER B 750 38.67 -28.33 -22.10
C SER B 750 37.67 -27.37 -21.47
N VAL B 751 36.38 -27.73 -21.50
CA VAL B 751 35.31 -26.91 -20.95
C VAL B 751 34.45 -27.78 -20.04
N ASN B 752 34.22 -27.30 -18.82
CA ASN B 752 33.45 -28.05 -17.84
C ASN B 752 32.50 -27.12 -17.10
N LEU B 753 31.29 -27.60 -16.88
CA LEU B 753 30.27 -26.95 -16.06
C LEU B 753 30.22 -27.61 -14.68
N SER B 754 30.56 -26.84 -13.65
CA SER B 754 30.59 -27.34 -12.27
C SER B 754 29.47 -26.69 -11.48
N LYS B 755 28.64 -27.52 -10.86
CA LYS B 755 27.53 -27.05 -10.03
C LYS B 755 28.04 -26.66 -8.65
N GLU B 768 18.97 -22.93 -8.40
CA GLU B 768 20.43 -23.01 -8.21
C GLU B 768 21.17 -22.67 -9.50
N ALA B 769 22.35 -22.09 -9.36
CA ALA B 769 23.17 -21.70 -10.49
C ALA B 769 24.30 -22.72 -10.70
N LEU B 770 25.20 -22.41 -11.63
CA LEU B 770 26.35 -23.24 -11.94
C LEU B 770 27.59 -22.36 -12.03
N THR B 771 28.75 -23.00 -12.15
CA THR B 771 30.01 -22.28 -12.33
C THR B 771 30.80 -22.93 -13.45
N LEU B 772 30.74 -22.32 -14.64
CA LEU B 772 31.45 -22.86 -15.80
C LEU B 772 32.95 -22.92 -15.53
N ASN B 773 33.62 -23.75 -16.32
CA ASN B 773 35.06 -24.01 -16.23
C ASN B 773 35.64 -23.94 -17.63
N LEU B 774 36.79 -23.28 -17.76
CA LEU B 774 37.46 -23.14 -19.06
C LEU B 774 38.97 -23.24 -18.83
N THR B 775 39.50 -24.44 -19.04
CA THR B 775 40.93 -24.72 -18.94
C THR B 775 41.60 -24.19 -20.21
N GLU B 776 41.96 -22.92 -20.17
CA GLU B 776 42.64 -22.28 -21.29
C GLU B 776 44.15 -22.28 -21.07
N THR B 794 43.76 -21.28 -16.09
CA THR B 794 42.43 -21.82 -15.86
C THR B 794 41.60 -20.86 -15.01
N SER B 795 40.28 -20.89 -15.20
CA SER B 795 39.38 -20.03 -14.46
C SER B 795 38.00 -20.66 -14.39
N GLN B 796 37.20 -20.15 -13.46
CA GLN B 796 35.82 -20.59 -13.28
C GLN B 796 34.95 -19.35 -13.16
N ILE B 797 33.78 -19.38 -13.79
CA ILE B 797 32.91 -18.21 -13.85
C ILE B 797 31.47 -18.60 -13.53
N LYS B 798 30.83 -17.82 -12.66
CA LYS B 798 29.43 -18.06 -12.33
C LYS B 798 28.58 -17.93 -13.59
N VAL B 799 27.59 -18.81 -13.74
CA VAL B 799 26.73 -18.81 -14.92
C VAL B 799 25.41 -19.50 -14.56
N ASP B 800 24.32 -19.02 -15.14
CA ASP B 800 23.01 -19.58 -14.85
C ASP B 800 22.43 -20.34 -16.04
N LYS B 801 22.47 -19.73 -17.23
CA LYS B 801 21.99 -20.36 -18.44
C LYS B 801 23.06 -20.24 -19.52
N VAL B 802 23.38 -21.34 -20.19
CA VAL B 802 24.51 -21.38 -21.10
C VAL B 802 24.10 -22.06 -22.41
N GLN B 803 24.82 -21.70 -23.48
CA GLN B 803 24.64 -22.29 -24.80
C GLN B 803 26.00 -22.38 -25.46
N ILE B 804 26.35 -23.57 -25.93
CA ILE B 804 27.64 -23.82 -26.57
C ILE B 804 27.37 -24.33 -27.98
N ILE B 805 28.09 -23.79 -28.96
CA ILE B 805 27.93 -24.15 -30.36
C ILE B 805 29.28 -24.63 -30.90
N GLY B 806 29.24 -25.71 -31.69
CA GLY B 806 30.42 -26.27 -32.28
C GLY B 806 30.92 -25.49 -33.48
N SER B 807 32.03 -25.98 -34.04
CA SER B 807 32.70 -25.33 -35.17
C SER B 807 32.86 -26.35 -36.29
N ASN B 808 31.98 -26.28 -37.28
CA ASN B 808 32.07 -27.07 -38.51
C ASN B 808 32.36 -28.54 -38.20
N SER B 809 31.41 -29.15 -37.48
CA SER B 809 31.47 -30.58 -37.19
C SER B 809 32.77 -30.95 -36.49
N CYS B 810 33.25 -30.08 -35.62
CA CYS B 810 34.47 -30.38 -34.88
C CYS B 810 34.20 -31.55 -33.94
N PRO B 811 34.96 -32.64 -34.02
CA PRO B 811 34.68 -33.78 -33.16
C PRO B 811 35.04 -33.48 -31.72
N PHE B 812 34.15 -33.85 -30.80
CA PHE B 812 34.41 -33.69 -29.38
C PHE B 812 33.41 -34.52 -28.60
N ALA B 813 33.86 -35.10 -27.49
CA ALA B 813 33.05 -35.97 -26.65
C ALA B 813 32.61 -35.20 -25.40
N VAL B 814 31.32 -35.31 -25.07
CA VAL B 814 30.74 -34.62 -23.93
C VAL B 814 30.09 -35.67 -23.02
N CYS B 815 30.34 -35.55 -21.72
CA CYS B 815 29.78 -36.44 -20.73
C CYS B 815 28.90 -35.66 -19.76
N LEU B 816 27.76 -36.23 -19.40
CA LEU B 816 26.81 -35.62 -18.48
C LEU B 816 27.02 -36.23 -17.10
N ASP B 817 27.29 -35.39 -16.11
CA ASP B 817 27.43 -35.85 -14.72
C ASP B 817 28.48 -36.95 -14.62
N GLN B 818 29.57 -36.80 -15.37
CA GLN B 818 30.65 -37.78 -15.37
C GLN B 818 30.15 -39.17 -15.76
N ASP B 819 29.22 -39.22 -16.69
CA ASP B 819 28.75 -40.49 -17.22
C ASP B 819 29.88 -41.21 -17.94
N GLU B 820 29.93 -42.54 -17.80
CA GLU B 820 30.96 -43.34 -18.43
C GLU B 820 30.45 -44.13 -19.63
N ARG B 821 29.16 -44.14 -19.90
CA ARG B 821 28.60 -44.85 -21.04
C ARG B 821 27.88 -43.91 -22.01
N LYS B 822 27.02 -43.03 -21.50
CA LYS B 822 26.27 -42.10 -22.35
C LYS B 822 27.18 -40.92 -22.69
N ILE B 823 27.89 -41.05 -23.80
CA ILE B 823 28.79 -40.02 -24.27
C ILE B 823 28.36 -39.62 -25.67
N LEU B 824 28.23 -38.32 -25.91
CA LEU B 824 27.87 -37.79 -27.21
C LEU B 824 29.11 -37.20 -27.86
N GLN B 825 29.37 -37.60 -29.10
CA GLN B 825 30.56 -37.19 -29.82
C GLN B 825 30.19 -36.43 -31.07
N SER B 826 31.04 -35.48 -31.45
CA SER B 826 30.85 -34.68 -32.66
C SER B 826 29.52 -33.94 -32.61
N VAL B 827 29.15 -33.44 -31.42
CA VAL B 827 27.95 -32.63 -31.31
C VAL B 827 28.19 -31.27 -31.97
N ILE B 828 27.09 -30.60 -32.29
CA ILE B 828 27.18 -29.26 -32.88
C ILE B 828 26.60 -28.19 -31.96
N ARG B 829 25.69 -28.53 -31.05
CA ARG B 829 25.18 -27.53 -30.12
C ARG B 829 24.71 -28.20 -28.83
N CYS B 830 24.71 -27.42 -27.75
CA CYS B 830 24.24 -27.88 -26.45
C CYS B 830 23.79 -26.67 -25.64
N GLU B 831 22.51 -26.62 -25.29
CA GLU B 831 21.96 -25.52 -24.50
C GLU B 831 21.49 -26.07 -23.16
N VAL B 832 22.00 -25.49 -22.07
CA VAL B 832 21.70 -25.95 -20.72
C VAL B 832 21.03 -24.81 -19.95
N SER B 833 19.90 -25.13 -19.32
CA SER B 833 19.20 -24.15 -18.51
C SER B 833 18.52 -24.83 -17.33
N PRO B 834 18.35 -24.13 -16.20
CA PRO B 834 17.61 -24.70 -15.08
C PRO B 834 16.18 -25.04 -15.48
N CYS B 835 15.63 -26.07 -14.85
CA CYS B 835 14.24 -26.45 -15.10
C CYS B 835 13.30 -25.37 -14.58
N CYS B 866 1.67 -38.06 -9.29
CA CYS B 866 3.06 -37.65 -9.12
C CYS B 866 3.84 -38.69 -8.32
N LEU B 867 5.16 -38.73 -8.53
CA LEU B 867 6.02 -39.73 -7.92
C LEU B 867 7.30 -39.08 -7.38
N PRO B 868 7.18 -38.25 -6.36
CA PRO B 868 8.36 -37.62 -5.76
C PRO B 868 8.89 -38.42 -4.57
N ILE B 869 10.14 -38.12 -4.20
CA ILE B 869 10.68 -38.73 -2.99
C ILE B 869 9.97 -38.15 -1.78
N MET B 870 10.03 -38.87 -0.67
CA MET B 870 9.29 -38.52 0.53
C MET B 870 10.23 -38.19 1.68
N THR B 871 9.86 -37.15 2.42
CA THR B 871 10.57 -36.69 3.60
C THR B 871 9.56 -36.46 4.71
N PHE B 872 10.03 -36.51 5.95
CA PHE B 872 9.12 -36.26 7.08
C PHE B 872 8.83 -34.78 7.26
N SER B 873 9.79 -33.92 6.97
CA SER B 873 9.57 -32.48 7.01
C SER B 873 10.60 -31.75 6.16
PG ATP C . 19.08 36.90 -10.19
O1G ATP C . 19.89 36.91 -11.45
O2G ATP C . 19.51 35.83 -9.19
O3G ATP C . 19.03 38.27 -9.49
PB ATP C . 16.56 36.54 -11.73
O1B ATP C . 16.21 35.16 -12.14
O2B ATP C . 17.16 37.42 -12.82
O3B ATP C . 17.56 36.56 -10.51
PA ATP C . 13.74 37.32 -11.38
O1A ATP C . 12.99 37.33 -10.12
O2A ATP C . 13.42 36.14 -12.30
O3A ATP C . 15.30 37.31 -11.14
O5' ATP C . 13.54 38.66 -12.21
C5' ATP C . 13.90 39.93 -11.65
C4' ATP C . 13.63 40.99 -12.70
O4' ATP C . 12.22 40.93 -12.98
C3' ATP C . 13.83 42.39 -12.13
O3' ATP C . 13.78 43.27 -13.25
C2' ATP C . 12.51 42.60 -11.38
O2' ATP C . 12.24 43.99 -11.46
C1' ATP C . 11.53 42.00 -12.38
N9 ATP C . 10.38 41.40 -11.71
C8 ATP C . 10.37 40.29 -10.91
N7 ATP C . 9.19 39.98 -10.44
C5 ATP C . 8.36 40.97 -10.94
C6 ATP C . 6.98 41.22 -10.82
N6 ATP C . 6.16 40.46 -10.10
N1 ATP C . 6.48 42.29 -11.46
C2 ATP C . 7.30 43.06 -12.18
N3 ATP C . 8.61 42.93 -12.37
C4 ATP C . 9.09 41.85 -11.73
H5'1 ATP C . 13.37 40.11 -10.86
H5'2 ATP C . 14.84 39.94 -11.41
H4' ATP C . 14.18 40.85 -13.48
H3' ATP C . 14.61 42.49 -11.57
HO3' ATP C . 13.99 44.04 -12.96
H2' ATP C . 12.48 42.23 -10.49
HO2' ATP C . 11.43 44.09 -11.22
H1' ATP C . 11.24 42.66 -13.03
H8 ATP C . 11.13 39.79 -10.73
HN61 ATP C . 6.46 39.78 -9.65
HN62 ATP C . 5.32 40.63 -10.08
H2 ATP C . 6.90 43.79 -12.60
#